data_3CO1
# 
_entry.id   3CO1 
# 
_audit_conform.dict_name       mmcif_pdbx.dic 
_audit_conform.dict_version    5.380 
_audit_conform.dict_location   http://mmcif.pdb.org/dictionaries/ascii/mmcif_pdbx.dic 
# 
loop_
_database_2.database_id 
_database_2.database_code 
_database_2.pdbx_database_accession 
_database_2.pdbx_DOI 
PDB   3CO1         pdb_00003co1 10.2210/pdb3co1/pdb 
RCSB  RCSB047007   ?            ?                   
WWPDB D_1000047007 ?            ?                   
# 
loop_
_pdbx_database_related.db_name 
_pdbx_database_related.db_id 
_pdbx_database_related.details 
_pdbx_database_related.content_type 
PDB 1PA7 'Crystal structure of amino-terminal microtubule binding domain of EB1'                             unspecified 
PDB 1WYO 'Solution structure of the CH domain of human microtubule-associated protein RP/EB family member 3' unspecified 
# 
_pdbx_database_status.status_code                     REL 
_pdbx_database_status.entry_id                        3CO1 
_pdbx_database_status.recvd_initial_deposition_date   2008-03-27 
_pdbx_database_status.deposit_site                    RCSB 
_pdbx_database_status.process_site                    PDBJ 
_pdbx_database_status.status_code_sf                  REL 
_pdbx_database_status.status_code_mr                  ? 
_pdbx_database_status.SG_entry                        ? 
_pdbx_database_status.pdb_format_compatible           Y 
_pdbx_database_status.status_code_cs                  ? 
_pdbx_database_status.status_code_nmr_data            ? 
_pdbx_database_status.methods_development_category    ? 
# 
loop_
_audit_author.name 
_audit_author.pdbx_ordinal 
'De Groot, C.O.'  1 
'Honnappa, S.'    2 
'Steinmetz, M.O.' 3 
# 
_citation.id                        primary 
_citation.title                     'Mammalian end binding proteins control persistent microtubule growth.' 
_citation.journal_abbrev            'J.Cell Biol.' 
_citation.journal_volume            ? 
_citation.page_first                ? 
_citation.page_last                 ? 
_citation.year                      2009 
_citation.journal_id_ASTM           JCLBA3 
_citation.country                   US 
_citation.journal_id_ISSN           1540-8140 
_citation.journal_id_CSD            2019 
_citation.book_publisher            ? 
_citation.pdbx_database_id_PubMed   19255245 
_citation.pdbx_database_id_DOI      10.1083/jcb.200807179 
# 
loop_
_citation_author.citation_id 
_citation_author.name 
_citation_author.ordinal 
_citation_author.identifier_ORCID 
primary 'Komarova, Y.'     1  ? 
primary 'De Groot, C.O.'   2  ? 
primary 'Grigoriev, I.'    3  ? 
primary 'Gouveia, S.M.'    4  ? 
primary 'Munteanu, E.L.'   5  ? 
primary 'Schober, J.M.'    6  ? 
primary 'Honnappa, S.'     7  ? 
primary 'Buey, R.M.'       8  ? 
primary 'Hoogenraad, C.C.' 9  ? 
primary 'Dogterom, M.'     10 ? 
primary 'Borisy, G.G.'     11 ? 
primary 'Steinmetz, M.O.'  12 ? 
primary 'Akhmanova, A.'    13 ? 
# 
_cell.entry_id           3CO1 
_cell.length_a           47.188 
_cell.length_b           85.365 
_cell.length_c           32.161 
_cell.angle_alpha        90.00 
_cell.angle_beta         90.00 
_cell.angle_gamma        90.00 
_cell.Z_PDB              4 
_cell.pdbx_unique_axis   ? 
_cell.length_a_esd       ? 
_cell.length_b_esd       ? 
_cell.length_c_esd       ? 
_cell.angle_alpha_esd    ? 
_cell.angle_beta_esd     ? 
_cell.angle_gamma_esd    ? 
# 
_symmetry.entry_id                         3CO1 
_symmetry.space_group_name_H-M             'P 21 21 2' 
_symmetry.pdbx_full_space_group_name_H-M   ? 
_symmetry.cell_setting                     ? 
_symmetry.Int_Tables_number                18 
_symmetry.space_group_name_Hall            ? 
# 
loop_
_entity.id 
_entity.type 
_entity.src_method 
_entity.pdbx_description 
_entity.formula_weight 
_entity.pdbx_number_of_molecules 
_entity.pdbx_ec 
_entity.pdbx_mutation 
_entity.pdbx_fragment 
_entity.details 
1 polymer man 'Microtubule-associated protein RP/EB family member 3' 15402.819 1   ? ? 'CH domain' ? 
2 water   nat water                                                  18.015    151 ? ? ?           ? 
# 
_entity_name_com.entity_id   1 
_entity_name_com.name        'End-binding protein 3, EB3, EB1 protein family member 3, EBF3, RP3' 
# 
_entity_poly.entity_id                      1 
_entity_poly.type                           'polypeptide(L)' 
_entity_poly.nstd_linkage                   no 
_entity_poly.nstd_monomer                   no 
_entity_poly.pdbx_seq_one_letter_code       
;GSMAVNVYSTSVTSENLSRHDMLAWVNDSLHLNYTKIEQLCSGAAYCQFMDMLFPGCVHLRKVKFQAKLEHEYIHNFKVL
QAAFKKMGVDKIIPVEKLVKGKFQDNFEFIQWFKKFFDANYDGKDYNPLLAR
;
_entity_poly.pdbx_seq_one_letter_code_can   
;GSMAVNVYSTSVTSENLSRHDMLAWVNDSLHLNYTKIEQLCSGAAYCQFMDMLFPGCVHLRKVKFQAKLEHEYIHNFKVL
QAAFKKMGVDKIIPVEKLVKGKFQDNFEFIQWFKKFFDANYDGKDYNPLLAR
;
_entity_poly.pdbx_strand_id                 A 
_entity_poly.pdbx_target_identifier         ? 
# 
loop_
_entity_poly_seq.entity_id 
_entity_poly_seq.num 
_entity_poly_seq.mon_id 
_entity_poly_seq.hetero 
1 1   GLY n 
1 2   SER n 
1 3   MET n 
1 4   ALA n 
1 5   VAL n 
1 6   ASN n 
1 7   VAL n 
1 8   TYR n 
1 9   SER n 
1 10  THR n 
1 11  SER n 
1 12  VAL n 
1 13  THR n 
1 14  SER n 
1 15  GLU n 
1 16  ASN n 
1 17  LEU n 
1 18  SER n 
1 19  ARG n 
1 20  HIS n 
1 21  ASP n 
1 22  MET n 
1 23  LEU n 
1 24  ALA n 
1 25  TRP n 
1 26  VAL n 
1 27  ASN n 
1 28  ASP n 
1 29  SER n 
1 30  LEU n 
1 31  HIS n 
1 32  LEU n 
1 33  ASN n 
1 34  TYR n 
1 35  THR n 
1 36  LYS n 
1 37  ILE n 
1 38  GLU n 
1 39  GLN n 
1 40  LEU n 
1 41  CYS n 
1 42  SER n 
1 43  GLY n 
1 44  ALA n 
1 45  ALA n 
1 46  TYR n 
1 47  CYS n 
1 48  GLN n 
1 49  PHE n 
1 50  MET n 
1 51  ASP n 
1 52  MET n 
1 53  LEU n 
1 54  PHE n 
1 55  PRO n 
1 56  GLY n 
1 57  CYS n 
1 58  VAL n 
1 59  HIS n 
1 60  LEU n 
1 61  ARG n 
1 62  LYS n 
1 63  VAL n 
1 64  LYS n 
1 65  PHE n 
1 66  GLN n 
1 67  ALA n 
1 68  LYS n 
1 69  LEU n 
1 70  GLU n 
1 71  HIS n 
1 72  GLU n 
1 73  TYR n 
1 74  ILE n 
1 75  HIS n 
1 76  ASN n 
1 77  PHE n 
1 78  LYS n 
1 79  VAL n 
1 80  LEU n 
1 81  GLN n 
1 82  ALA n 
1 83  ALA n 
1 84  PHE n 
1 85  LYS n 
1 86  LYS n 
1 87  MET n 
1 88  GLY n 
1 89  VAL n 
1 90  ASP n 
1 91  LYS n 
1 92  ILE n 
1 93  ILE n 
1 94  PRO n 
1 95  VAL n 
1 96  GLU n 
1 97  LYS n 
1 98  LEU n 
1 99  VAL n 
1 100 LYS n 
1 101 GLY n 
1 102 LYS n 
1 103 PHE n 
1 104 GLN n 
1 105 ASP n 
1 106 ASN n 
1 107 PHE n 
1 108 GLU n 
1 109 PHE n 
1 110 ILE n 
1 111 GLN n 
1 112 TRP n 
1 113 PHE n 
1 114 LYS n 
1 115 LYS n 
1 116 PHE n 
1 117 PHE n 
1 118 ASP n 
1 119 ALA n 
1 120 ASN n 
1 121 TYR n 
1 122 ASP n 
1 123 GLY n 
1 124 LYS n 
1 125 ASP n 
1 126 TYR n 
1 127 ASN n 
1 128 PRO n 
1 129 LEU n 
1 130 LEU n 
1 131 ALA n 
1 132 ARG n 
# 
_entity_src_gen.entity_id                          1 
_entity_src_gen.pdbx_src_id                        1 
_entity_src_gen.pdbx_alt_source_flag               sample 
_entity_src_gen.pdbx_seq_type                      ? 
_entity_src_gen.pdbx_beg_seq_num                   ? 
_entity_src_gen.pdbx_end_seq_num                   ? 
_entity_src_gen.gene_src_common_name               human 
_entity_src_gen.gene_src_genus                     ? 
_entity_src_gen.pdbx_gene_src_gene                 ? 
_entity_src_gen.gene_src_species                   ? 
_entity_src_gen.gene_src_strain                    ? 
_entity_src_gen.gene_src_tissue                    ? 
_entity_src_gen.gene_src_tissue_fraction           ? 
_entity_src_gen.gene_src_details                   ? 
_entity_src_gen.pdbx_gene_src_fragment             ? 
_entity_src_gen.pdbx_gene_src_scientific_name      'Homo sapiens' 
_entity_src_gen.pdbx_gene_src_ncbi_taxonomy_id     9606 
_entity_src_gen.pdbx_gene_src_variant              ? 
_entity_src_gen.pdbx_gene_src_cell_line            ? 
_entity_src_gen.pdbx_gene_src_atcc                 ? 
_entity_src_gen.pdbx_gene_src_organ                ? 
_entity_src_gen.pdbx_gene_src_organelle            ? 
_entity_src_gen.pdbx_gene_src_cell                 ? 
_entity_src_gen.pdbx_gene_src_cellular_location    ? 
_entity_src_gen.host_org_common_name               ? 
_entity_src_gen.pdbx_host_org_scientific_name      'Escherichia coli' 
_entity_src_gen.pdbx_host_org_ncbi_taxonomy_id     562 
_entity_src_gen.host_org_genus                     ? 
_entity_src_gen.pdbx_host_org_gene                 ? 
_entity_src_gen.pdbx_host_org_organ                ? 
_entity_src_gen.host_org_species                   ? 
_entity_src_gen.pdbx_host_org_tissue               ? 
_entity_src_gen.pdbx_host_org_tissue_fraction      ? 
_entity_src_gen.pdbx_host_org_strain               'BL21 DE(3)' 
_entity_src_gen.pdbx_host_org_variant              ? 
_entity_src_gen.pdbx_host_org_cell_line            ? 
_entity_src_gen.pdbx_host_org_atcc                 ? 
_entity_src_gen.pdbx_host_org_culture_collection   ? 
_entity_src_gen.pdbx_host_org_cell                 ? 
_entity_src_gen.pdbx_host_org_organelle            ? 
_entity_src_gen.pdbx_host_org_cellular_location    ? 
_entity_src_gen.pdbx_host_org_vector_type          ? 
_entity_src_gen.pdbx_host_org_vector               ? 
_entity_src_gen.host_org_details                   ? 
_entity_src_gen.expression_system_id               ? 
_entity_src_gen.plasmid_name                       ? 
_entity_src_gen.plasmid_details                    ? 
_entity_src_gen.pdbx_description                   'Invitrogen Gateway' 
# 
_struct_ref.id                         1 
_struct_ref.db_name                    UNP 
_struct_ref.db_code                    MARE3_HUMAN 
_struct_ref.pdbx_db_accession          Q9UPY8 
_struct_ref.entity_id                  1 
_struct_ref.pdbx_seq_one_letter_code   
;MAVNVYSTSVTSENLSRHDMLAWVNDSLHLNYTKIEQLCSGAAYCQFMDMLFPGCVHLRKVKFQAKLEHEYIHNFKVLQA
AFKKMGVDKIIPVEKLVKGKFQDNFEFIQWFKKFFDANYDGKDYNPLLAR
;
_struct_ref.pdbx_align_begin           1 
_struct_ref.pdbx_db_isoform            ? 
# 
_struct_ref_seq.align_id                      1 
_struct_ref_seq.ref_id                        1 
_struct_ref_seq.pdbx_PDB_id_code              3CO1 
_struct_ref_seq.pdbx_strand_id                A 
_struct_ref_seq.seq_align_beg                 3 
_struct_ref_seq.pdbx_seq_align_beg_ins_code   ? 
_struct_ref_seq.seq_align_end                 132 
_struct_ref_seq.pdbx_seq_align_end_ins_code   ? 
_struct_ref_seq.pdbx_db_accession             Q9UPY8 
_struct_ref_seq.db_align_beg                  1 
_struct_ref_seq.pdbx_db_align_beg_ins_code    ? 
_struct_ref_seq.db_align_end                  130 
_struct_ref_seq.pdbx_db_align_end_ins_code    ? 
_struct_ref_seq.pdbx_auth_seq_align_beg       1 
_struct_ref_seq.pdbx_auth_seq_align_end       130 
# 
loop_
_struct_ref_seq_dif.align_id 
_struct_ref_seq_dif.pdbx_pdb_id_code 
_struct_ref_seq_dif.mon_id 
_struct_ref_seq_dif.pdbx_pdb_strand_id 
_struct_ref_seq_dif.seq_num 
_struct_ref_seq_dif.pdbx_pdb_ins_code 
_struct_ref_seq_dif.pdbx_seq_db_name 
_struct_ref_seq_dif.pdbx_seq_db_accession_code 
_struct_ref_seq_dif.db_mon_id 
_struct_ref_seq_dif.pdbx_seq_db_seq_num 
_struct_ref_seq_dif.details 
_struct_ref_seq_dif.pdbx_auth_seq_num 
_struct_ref_seq_dif.pdbx_ordinal 
1 3CO1 GLY A 1 ? UNP Q9UPY8 ? ? 'expression tag' -1 1 
1 3CO1 SER A 2 ? UNP Q9UPY8 ? ? 'expression tag' 0  2 
# 
loop_
_chem_comp.id 
_chem_comp.type 
_chem_comp.mon_nstd_flag 
_chem_comp.name 
_chem_comp.pdbx_synonyms 
_chem_comp.formula 
_chem_comp.formula_weight 
ALA 'L-peptide linking' y ALANINE         ? 'C3 H7 N O2'     89.093  
ARG 'L-peptide linking' y ARGININE        ? 'C6 H15 N4 O2 1' 175.209 
ASN 'L-peptide linking' y ASPARAGINE      ? 'C4 H8 N2 O3'    132.118 
ASP 'L-peptide linking' y 'ASPARTIC ACID' ? 'C4 H7 N O4'     133.103 
CYS 'L-peptide linking' y CYSTEINE        ? 'C3 H7 N O2 S'   121.158 
GLN 'L-peptide linking' y GLUTAMINE       ? 'C5 H10 N2 O3'   146.144 
GLU 'L-peptide linking' y 'GLUTAMIC ACID' ? 'C5 H9 N O4'     147.129 
GLY 'peptide linking'   y GLYCINE         ? 'C2 H5 N O2'     75.067  
HIS 'L-peptide linking' y HISTIDINE       ? 'C6 H10 N3 O2 1' 156.162 
HOH non-polymer         . WATER           ? 'H2 O'           18.015  
ILE 'L-peptide linking' y ISOLEUCINE      ? 'C6 H13 N O2'    131.173 
LEU 'L-peptide linking' y LEUCINE         ? 'C6 H13 N O2'    131.173 
LYS 'L-peptide linking' y LYSINE          ? 'C6 H15 N2 O2 1' 147.195 
MET 'L-peptide linking' y METHIONINE      ? 'C5 H11 N O2 S'  149.211 
PHE 'L-peptide linking' y PHENYLALANINE   ? 'C9 H11 N O2'    165.189 
PRO 'L-peptide linking' y PROLINE         ? 'C5 H9 N O2'     115.130 
SER 'L-peptide linking' y SERINE          ? 'C3 H7 N O3'     105.093 
THR 'L-peptide linking' y THREONINE       ? 'C4 H9 N O3'     119.119 
TRP 'L-peptide linking' y TRYPTOPHAN      ? 'C11 H12 N2 O2'  204.225 
TYR 'L-peptide linking' y TYROSINE        ? 'C9 H11 N O3'    181.189 
VAL 'L-peptide linking' y VALINE          ? 'C5 H11 N O2'    117.146 
# 
_exptl.entry_id          3CO1 
_exptl.method            'X-RAY DIFFRACTION' 
_exptl.crystals_number   1 
# 
_exptl_crystal.id                    1 
_exptl_crystal.density_meas          ? 
_exptl_crystal.density_Matthews      2.10 
_exptl_crystal.density_percent_sol   41.50 
_exptl_crystal.description           ? 
_exptl_crystal.F_000                 ? 
_exptl_crystal.preparation           ? 
# 
_exptl_crystal_grow.crystal_id      1 
_exptl_crystal_grow.method          'VAPOR DIFFUSION, SITTING DROP' 
_exptl_crystal_grow.temp            298 
_exptl_crystal_grow.temp_details    ? 
_exptl_crystal_grow.pH              7.4 
_exptl_crystal_grow.pdbx_details    
'0.04M potassium phosphate, 16% PEG 8000, 20% glycerol anhydrous, pH 7.4, VAPOR DIFFUSION, SITTING DROP, temperature 298K' 
_exptl_crystal_grow.pdbx_pH_range   ? 
# 
_diffrn.id                     1 
_diffrn.ambient_temp           100 
_diffrn.ambient_temp_details   ? 
_diffrn.crystal_id             1 
# 
_diffrn_detector.diffrn_id              1 
_diffrn_detector.detector               PIXEL 
_diffrn_detector.type                   'PSI PILATUS 6M' 
_diffrn_detector.pdbx_collection_date   2007-11-25 
_diffrn_detector.details                ? 
# 
_diffrn_radiation.diffrn_id                        1 
_diffrn_radiation.wavelength_id                    1 
_diffrn_radiation.pdbx_monochromatic_or_laue_m_l   M 
_diffrn_radiation.monochromator                    'Si 111 CHANNEL' 
_diffrn_radiation.pdbx_diffrn_protocol             'SINGLE WAVELENGTH' 
_diffrn_radiation.pdbx_scattering_type             x-ray 
# 
_diffrn_radiation_wavelength.id           1 
_diffrn_radiation_wavelength.wavelength   1.0090 
_diffrn_radiation_wavelength.wt           1.0 
# 
_diffrn_source.diffrn_id                   1 
_diffrn_source.source                      SYNCHROTRON 
_diffrn_source.type                        'SLS BEAMLINE X06SA' 
_diffrn_source.pdbx_synchrotron_site       SLS 
_diffrn_source.pdbx_synchrotron_beamline   X06SA 
_diffrn_source.pdbx_wavelength             ? 
_diffrn_source.pdbx_wavelength_list        1.0090 
# 
_reflns.entry_id                     3CO1 
_reflns.observed_criterion_sigma_F   0 
_reflns.observed_criterion_sigma_I   -3 
_reflns.d_resolution_high            1.4 
_reflns.d_resolution_low             50 
_reflns.number_all                   25525 
_reflns.number_obs                   25525 
_reflns.percent_possible_obs         96.9 
_reflns.pdbx_Rmerge_I_obs            ? 
_reflns.pdbx_Rsym_value              0.107 
_reflns.pdbx_netI_over_sigmaI        10.85 
_reflns.B_iso_Wilson_estimate        ? 
_reflns.pdbx_redundancy              ? 
_reflns.R_free_details               ? 
_reflns.limit_h_max                  ? 
_reflns.limit_h_min                  ? 
_reflns.limit_k_max                  ? 
_reflns.limit_k_min                  ? 
_reflns.limit_l_max                  ? 
_reflns.limit_l_min                  ? 
_reflns.observed_criterion_F_max     ? 
_reflns.observed_criterion_F_min     ? 
_reflns.pdbx_chi_squared             ? 
_reflns.pdbx_scaling_rejects         ? 
_reflns.pdbx_ordinal                 1 
_reflns.pdbx_diffrn_id               1 
# 
_reflns_shell.d_res_high             1.400 
_reflns_shell.d_res_low              1.45 
_reflns_shell.percent_possible_all   92.9 
_reflns_shell.Rmerge_I_obs           ? 
_reflns_shell.pdbx_Rsym_value        ? 
_reflns_shell.meanI_over_sigI_obs    ? 
_reflns_shell.pdbx_redundancy        ? 
_reflns_shell.percent_possible_obs   ? 
_reflns_shell.number_unique_all      ? 
_reflns_shell.number_measured_all    ? 
_reflns_shell.number_measured_obs    ? 
_reflns_shell.number_unique_obs      ? 
_reflns_shell.pdbx_chi_squared       ? 
_reflns_shell.pdbx_ordinal           1 
_reflns_shell.pdbx_diffrn_id         1 
# 
_refine.entry_id                                 3CO1 
_refine.ls_number_reflns_obs                     24229 
_refine.ls_number_reflns_all                     24229 
_refine.pdbx_ls_sigma_I                          ? 
_refine.pdbx_ls_sigma_F                          0 
_refine.pdbx_data_cutoff_high_absF               ? 
_refine.pdbx_data_cutoff_low_absF                ? 
_refine.pdbx_data_cutoff_high_rms_absF           ? 
_refine.ls_d_res_low                             42.68 
_refine.ls_d_res_high                            1.40 
_refine.ls_percent_reflns_obs                    96.87 
_refine.ls_R_factor_obs                          0.20161 
_refine.ls_R_factor_all                          0.20161 
_refine.ls_R_factor_R_work                       0.20001 
_refine.ls_R_factor_R_free                       0.23355 
_refine.ls_R_factor_R_free_error                 ? 
_refine.ls_R_factor_R_free_error_details         ? 
_refine.ls_percent_reflns_R_free                 5.1 
_refine.ls_number_reflns_R_free                  1296 
_refine.ls_number_parameters                     ? 
_refine.ls_number_restraints                     ? 
_refine.occupancy_min                            ? 
_refine.occupancy_max                            ? 
_refine.correlation_coeff_Fo_to_Fc               0.954 
_refine.correlation_coeff_Fo_to_Fc_free          0.938 
_refine.B_iso_mean                               11.734 
_refine.aniso_B[1][1]                            -0.57 
_refine.aniso_B[2][2]                            0.62 
_refine.aniso_B[3][3]                            -0.05 
_refine.aniso_B[1][2]                            0.00 
_refine.aniso_B[1][3]                            0.00 
_refine.aniso_B[2][3]                            0.00 
_refine.solvent_model_details                    MASK 
_refine.solvent_model_param_ksol                 ? 
_refine.solvent_model_param_bsol                 ? 
_refine.pdbx_solvent_vdw_probe_radii             1.20 
_refine.pdbx_solvent_ion_probe_radii             0.80 
_refine.pdbx_solvent_shrinkage_radii             0.80 
_refine.pdbx_ls_cross_valid_method               THROUGHOUT 
_refine.details                                  'HYDROGENS HAVE BEEN ADDED IN THE RIDING POSITIONS' 
_refine.pdbx_starting_model                      1PA7 
_refine.pdbx_method_to_determine_struct          'MOLECULAR REPLACEMENT' 
_refine.pdbx_isotropic_thermal_model             ? 
_refine.pdbx_stereochemistry_target_values       'MAXIMUM LIKELIHOOD' 
_refine.pdbx_stereochem_target_val_spec_case     ? 
_refine.pdbx_R_Free_selection_details            RANDOM 
_refine.pdbx_overall_ESU_R                       0.073 
_refine.pdbx_overall_ESU_R_Free                  0.076 
_refine.overall_SU_ML                            0.058 
_refine.overall_SU_B                             3.015 
_refine.ls_redundancy_reflns_obs                 ? 
_refine.B_iso_min                                ? 
_refine.B_iso_max                                ? 
_refine.overall_SU_R_Cruickshank_DPI             ? 
_refine.overall_SU_R_free                        ? 
_refine.ls_wR_factor_R_free                      ? 
_refine.ls_wR_factor_R_work                      ? 
_refine.overall_FOM_free_R_set                   ? 
_refine.overall_FOM_work_R_set                   ? 
_refine.pdbx_overall_phase_error                 ? 
_refine.pdbx_refine_id                           'X-RAY DIFFRACTION' 
_refine.pdbx_TLS_residual_ADP_flag               'LIKELY RESIDUAL' 
_refine.pdbx_diffrn_id                           1 
_refine.pdbx_overall_SU_R_free_Cruickshank_DPI   ? 
_refine.pdbx_overall_SU_R_Blow_DPI               ? 
_refine.pdbx_overall_SU_R_free_Blow_DPI          ? 
# 
_refine_hist.pdbx_refine_id                   'X-RAY DIFFRACTION' 
_refine_hist.cycle_id                         LAST 
_refine_hist.pdbx_number_atoms_protein        1083 
_refine_hist.pdbx_number_atoms_nucleic_acid   0 
_refine_hist.pdbx_number_atoms_ligand         0 
_refine_hist.number_atoms_solvent             151 
_refine_hist.number_atoms_total               1234 
_refine_hist.d_res_high                       1.40 
_refine_hist.d_res_low                        42.68 
# 
loop_
_refine_ls_restr.type 
_refine_ls_restr.dev_ideal 
_refine_ls_restr.dev_ideal_target 
_refine_ls_restr.weight 
_refine_ls_restr.number 
_refine_ls_restr.pdbx_refine_id 
_refine_ls_restr.pdbx_restraint_function 
r_bond_refined_d         0.008  0.022  ? 1124 'X-RAY DIFFRACTION' ? 
r_angle_refined_deg      1.067  1.932  ? 1514 'X-RAY DIFFRACTION' ? 
r_dihedral_angle_1_deg   4.494  5.000  ? 135  'X-RAY DIFFRACTION' ? 
r_dihedral_angle_2_deg   41.137 24.643 ? 56   'X-RAY DIFFRACTION' ? 
r_dihedral_angle_3_deg   12.346 15.000 ? 206  'X-RAY DIFFRACTION' ? 
r_dihedral_angle_4_deg   11.078 15.000 ? 3    'X-RAY DIFFRACTION' ? 
r_chiral_restr           0.080  0.200  ? 158  'X-RAY DIFFRACTION' ? 
r_gen_planes_refined     0.005  0.020  ? 850  'X-RAY DIFFRACTION' ? 
r_nbd_refined            0.189  0.200  ? 538  'X-RAY DIFFRACTION' ? 
r_nbtor_refined          0.309  0.200  ? 786  'X-RAY DIFFRACTION' ? 
r_xyhbond_nbd_refined    0.139  0.200  ? 107  'X-RAY DIFFRACTION' ? 
r_symmetry_vdw_refined   0.154  0.200  ? 47   'X-RAY DIFFRACTION' ? 
r_symmetry_hbond_refined 0.136  0.200  ? 18   'X-RAY DIFFRACTION' ? 
r_mcbond_it              1.936  2.000  ? 673  'X-RAY DIFFRACTION' ? 
r_mcangle_it             2.698  3.000  ? 1065 'X-RAY DIFFRACTION' ? 
r_scbond_it              4.441  4.500  ? 506  'X-RAY DIFFRACTION' ? 
r_scangle_it             6.390  6.000  ? 447  'X-RAY DIFFRACTION' ? 
# 
_refine_ls_shell.pdbx_total_number_of_bins_used   20 
_refine_ls_shell.d_res_high                       1.400 
_refine_ls_shell.d_res_low                        1.436 
_refine_ls_shell.number_reflns_R_work             1651 
_refine_ls_shell.R_factor_R_work                  0.302 
_refine_ls_shell.percent_reflns_obs               92.29 
_refine_ls_shell.R_factor_R_free                  0.265 
_refine_ls_shell.R_factor_R_free_error            ? 
_refine_ls_shell.percent_reflns_R_free            ? 
_refine_ls_shell.number_reflns_R_free             84 
_refine_ls_shell.number_reflns_all                ? 
_refine_ls_shell.R_factor_all                     ? 
_refine_ls_shell.number_reflns_obs                ? 
_refine_ls_shell.redundancy_reflns_obs            ? 
_refine_ls_shell.pdbx_refine_id                   'X-RAY DIFFRACTION' 
# 
_struct.entry_id                  3CO1 
_struct.title                     'Crystal structure of microtubule binding domain of human EB3' 
_struct.pdbx_model_details        ? 
_struct.pdbx_CASP_flag            ? 
_struct.pdbx_model_type_details   ? 
# 
_struct_keywords.entry_id        3CO1 
_struct_keywords.pdbx_keywords   'PROTEIN BINDING' 
_struct_keywords.text            
'RP/EB family, CH domain, microtubule-binding, +TIP protein, Cell cycle, Cell division, Mitosis, Phosphoprotein, PROTEIN BINDING' 
# 
loop_
_struct_asym.id 
_struct_asym.pdbx_blank_PDB_chainid_flag 
_struct_asym.pdbx_modified 
_struct_asym.entity_id 
_struct_asym.details 
A N N 1 ? 
B N N 2 ? 
# 
_struct_biol.id        1 
_struct_biol.details   ? 
# 
loop_
_struct_conf.conf_type_id 
_struct_conf.id 
_struct_conf.pdbx_PDB_helix_id 
_struct_conf.beg_label_comp_id 
_struct_conf.beg_label_asym_id 
_struct_conf.beg_label_seq_id 
_struct_conf.pdbx_beg_PDB_ins_code 
_struct_conf.end_label_comp_id 
_struct_conf.end_label_asym_id 
_struct_conf.end_label_seq_id 
_struct_conf.pdbx_end_PDB_ins_code 
_struct_conf.beg_auth_comp_id 
_struct_conf.beg_auth_asym_id 
_struct_conf.beg_auth_seq_id 
_struct_conf.end_auth_comp_id 
_struct_conf.end_auth_asym_id 
_struct_conf.end_auth_seq_id 
_struct_conf.pdbx_PDB_helix_class 
_struct_conf.details 
_struct_conf.pdbx_PDB_helix_length 
HELX_P HELX_P1 1 SER A 18  ? HIS A 31  ? SER A 16  HIS A 29  1 ? 14 
HELX_P HELX_P2 2 LYS A 36  ? SER A 42  ? LYS A 34  SER A 40  5 ? 7  
HELX_P HELX_P3 3 GLY A 43  ? PHE A 54  ? GLY A 41  PHE A 52  1 ? 12 
HELX_P HELX_P4 4 HIS A 59  ? VAL A 63  ? HIS A 57  VAL A 61  5 ? 5  
HELX_P HELX_P5 5 LEU A 69  ? GLY A 88  ? LEU A 67  GLY A 86  1 ? 20 
HELX_P HELX_P6 6 PRO A 94  ? LYS A 100 ? PRO A 92  LYS A 98  1 ? 7  
HELX_P HELX_P7 7 LYS A 102 ? TYR A 121 ? LYS A 100 TYR A 119 1 ? 20 
# 
_struct_conf_type.id          HELX_P 
_struct_conf_type.criteria    ? 
_struct_conf_type.reference   ? 
# 
_atom_sites.entry_id                    3CO1 
_atom_sites.fract_transf_matrix[1][1]   0.02028414 
_atom_sites.fract_transf_matrix[1][2]   -0.00276419 
_atom_sites.fract_transf_matrix[1][3]   -0.00547849 
_atom_sites.fract_transf_matrix[2][1]   0.00312944 
_atom_sites.fract_transf_matrix[2][2]   0.00869360 
_atom_sites.fract_transf_matrix[2][3]   0.00720040 
_atom_sites.fract_transf_matrix[3][1]   0.00347267 
_atom_sites.fract_transf_matrix[3][2]   -0.02044163 
_atom_sites.fract_transf_matrix[3][3]   0.02317148 
_atom_sites.fract_transf_vector[1]      -0.273003 
_atom_sites.fract_transf_vector[2]      0.136571 
_atom_sites.fract_transf_vector[3]      -0.262963 
# 
loop_
_atom_type.symbol 
C 
N 
O 
S 
# 
loop_
_atom_site.group_PDB 
_atom_site.id 
_atom_site.type_symbol 
_atom_site.label_atom_id 
_atom_site.label_alt_id 
_atom_site.label_comp_id 
_atom_site.label_asym_id 
_atom_site.label_entity_id 
_atom_site.label_seq_id 
_atom_site.pdbx_PDB_ins_code 
_atom_site.Cartn_x 
_atom_site.Cartn_y 
_atom_site.Cartn_z 
_atom_site.occupancy 
_atom_site.B_iso_or_equiv 
_atom_site.pdbx_formal_charge 
_atom_site.auth_seq_id 
_atom_site.auth_comp_id 
_atom_site.auth_asym_id 
_atom_site.auth_atom_id 
_atom_site.pdbx_PDB_model_num 
ATOM   1    N N   . GLY A 1 1   ? -0.728  8.853   18.621  1.00 13.38 ? -1  GLY A N   1 
ATOM   2    C CA  . GLY A 1 1   ? -0.225  7.534   18.136  1.00 4.98  ? -1  GLY A CA  1 
ATOM   3    C C   . GLY A 1 1   ? 1.223   7.595   17.701  1.00 9.73  ? -1  GLY A C   1 
ATOM   4    O O   . GLY A 1 1   ? 1.771   8.681   17.477  1.00 12.09 ? -1  GLY A O   1 
ATOM   5    N N   . SER A 1 2   ? 1.845   6.425   17.579  1.00 9.16  ? 0   SER A N   1 
ATOM   6    C CA  . SER A 1 2   ? 3.247   6.331   17.185  1.00 9.79  ? 0   SER A CA  1 
ATOM   7    C C   . SER A 1 2   ? 3.458   6.597   15.693  1.00 11.88 ? 0   SER A C   1 
ATOM   8    O O   . SER A 1 2   ? 2.591   6.277   14.877  1.00 10.32 ? 0   SER A O   1 
ATOM   9    C CB  . SER A 1 2   ? 3.806   4.954   17.562  1.00 13.87 ? 0   SER A CB  1 
ATOM   10   O OG  . SER A 1 2   ? 2.957   3.909   17.105  1.00 16.80 ? 0   SER A OG  1 
ATOM   11   N N   . MET A 1 3   ? 4.610   7.186   15.353  1.00 9.70  ? 1   MET A N   1 
ATOM   12   C CA  A MET A 1 3   ? 4.945   7.434   13.950  0.50 9.52  ? 1   MET A CA  1 
ATOM   13   C CA  B MET A 1 3   ? 5.020   7.445   13.964  0.50 10.04 ? 1   MET A CA  1 
ATOM   14   C C   . MET A 1 3   ? 5.433   6.159   13.275  1.00 8.86  ? 1   MET A C   1 
ATOM   15   O O   . MET A 1 3   ? 5.747   5.170   13.941  1.00 7.36  ? 1   MET A O   1 
ATOM   16   C CB  A MET A 1 3   ? 5.980   8.553   13.820  0.50 8.70  ? 1   MET A CB  1 
ATOM   17   C CB  B MET A 1 3   ? 6.213   8.411   13.918  0.50 9.34  ? 1   MET A CB  1 
ATOM   18   C CG  A MET A 1 3   ? 5.453   9.915   14.248  0.50 11.78 ? 1   MET A CG  1 
ATOM   19   C CG  B MET A 1 3   ? 5.907   9.871   14.229  0.50 14.75 ? 1   MET A CG  1 
ATOM   20   S SD  A MET A 1 3   ? 4.195   10.562  13.122  0.50 17.35 ? 1   MET A SD  1 
ATOM   21   S SD  B MET A 1 3   ? 4.869   10.668  12.989  0.50 28.60 ? 1   MET A SD  1 
ATOM   22   C CE  A MET A 1 3   ? 5.237   11.460  11.970  0.50 15.18 ? 1   MET A CE  1 
ATOM   23   C CE  B MET A 1 3   ? 3.259   10.363  13.698  0.50 22.03 ? 1   MET A CE  1 
ATOM   24   N N   . ALA A 1 4   ? 5.462   6.178   11.945  1.00 2.39  ? 2   ALA A N   1 
ATOM   25   C CA  . ALA A 1 4   ? 5.892   4.992   11.202  1.00 3.43  ? 2   ALA A CA  1 
ATOM   26   C C   . ALA A 1 4   ? 7.371   4.641   11.394  1.00 6.08  ? 2   ALA A C   1 
ATOM   27   O O   . ALA A 1 4   ? 8.225   5.512   11.602  1.00 4.64  ? 2   ALA A O   1 
ATOM   28   C CB  . ALA A 1 4   ? 5.590   5.165   9.725   1.00 2.68  ? 2   ALA A CB  1 
ATOM   29   N N   . VAL A 1 5   ? 7.658   3.350   11.318  1.00 4.89  ? 3   VAL A N   1 
ATOM   30   C CA  . VAL A 1 5   ? 9.006   2.863   11.243  1.00 6.08  ? 3   VAL A CA  1 
ATOM   31   C C   . VAL A 1 5   ? 9.306   2.748   9.767   1.00 7.11  ? 3   VAL A C   1 
ATOM   32   O O   . VAL A 1 5   ? 8.619   2.031   9.038   1.00 6.15  ? 3   VAL A O   1 
ATOM   33   C CB  . VAL A 1 5   ? 9.130   1.483   11.934  1.00 6.76  ? 3   VAL A CB  1 
ATOM   34   C CG1 . VAL A 1 5   ? 10.519  0.902   11.745  1.00 10.73 ? 3   VAL A CG1 1 
ATOM   35   C CG2 . VAL A 1 5   ? 8.741   1.586   13.407  1.00 6.04  ? 3   VAL A CG2 1 
ATOM   36   N N   . ASN A 1 6   ? 10.318  3.484   9.325   1.00 7.52  ? 4   ASN A N   1 
ATOM   37   C CA  . ASN A 1 6   ? 10.751  3.438   7.940   1.00 7.52  ? 4   ASN A CA  1 
ATOM   38   C C   . ASN A 1 6   ? 11.588  2.210   7.647   1.00 9.34  ? 4   ASN A C   1 
ATOM   39   O O   . ASN A 1 6   ? 12.227  1.661   8.549   1.00 9.88  ? 4   ASN A O   1 
ATOM   40   C CB  . ASN A 1 6   ? 11.506  4.723   7.631   1.00 6.12  ? 4   ASN A CB  1 
ATOM   41   C CG  . ASN A 1 6   ? 10.569  5.866   7.389   1.00 8.96  ? 4   ASN A CG  1 
ATOM   42   O OD1 . ASN A 1 6   ? 9.736   5.800   6.487   1.00 9.38  ? 4   ASN A OD1 1 
ATOM   43   N ND2 . ASN A 1 6   ? 10.669  6.909   8.196   1.00 8.28  ? 4   ASN A ND2 1 
ATOM   44   N N   . VAL A 1 7   ? 11.541  1.767   6.390   1.00 6.56  ? 5   VAL A N   1 
ATOM   45   C CA  . VAL A 1 7   ? 12.320  0.624   5.909   1.00 5.48  ? 5   VAL A CA  1 
ATOM   46   C C   . VAL A 1 7   ? 13.255  1.087   4.796   1.00 4.94  ? 5   VAL A C   1 
ATOM   47   O O   . VAL A 1 7   ? 12.839  1.704   3.803   1.00 6.64  ? 5   VAL A O   1 
ATOM   48   C CB  . VAL A 1 7   ? 11.411  -0.550  5.428   1.00 5.08  ? 5   VAL A CB  1 
ATOM   49   C CG1 . VAL A 1 7   ? 12.228  -1.617  4.719   1.00 9.11  ? 5   VAL A CG1 1 
ATOM   50   C CG2 . VAL A 1 7   ? 10.676  -1.159  6.610   1.00 10.18 ? 5   VAL A CG2 1 
ATOM   51   N N   . TYR A 1 8   ? 14.527  0.743   4.965   1.00 5.96  ? 6   TYR A N   1 
ATOM   52   C CA  . TYR A 1 8   ? 15.594  1.167   4.091   1.00 5.81  ? 6   TYR A CA  1 
ATOM   53   C C   . TYR A 1 8   ? 16.253  -0.032  3.439   1.00 5.77  ? 6   TYR A C   1 
ATOM   54   O O   . TYR A 1 8   ? 16.048  -1.168  3.859   1.00 7.33  ? 6   TYR A O   1 
ATOM   55   C CB  . TYR A 1 8   ? 16.613  1.952   4.920   1.00 4.65  ? 6   TYR A CB  1 
ATOM   56   C CG  . TYR A 1 8   ? 16.008  3.159   5.587   1.00 4.98  ? 6   TYR A CG  1 
ATOM   57   C CD1 . TYR A 1 8   ? 15.745  4.313   4.861   1.00 9.09  ? 6   TYR A CD1 1 
ATOM   58   C CD2 . TYR A 1 8   ? 15.674  3.126   6.940   1.00 5.25  ? 6   TYR A CD2 1 
ATOM   59   C CE1 . TYR A 1 8   ? 15.180  5.429   5.472   1.00 6.45  ? 6   TYR A CE1 1 
ATOM   60   C CE2 . TYR A 1 8   ? 15.112  4.241   7.564   1.00 3.79  ? 6   TYR A CE2 1 
ATOM   61   C CZ  . TYR A 1 8   ? 14.873  5.382   6.819   1.00 9.71  ? 6   TYR A CZ  1 
ATOM   62   O OH  . TYR A 1 8   ? 14.323  6.481   7.429   1.00 9.11  ? 6   TYR A OH  1 
ATOM   63   N N   . SER A 1 9   ? 17.096  0.218   2.440   1.00 7.95  ? 7   SER A N   1 
ATOM   64   C CA  . SER A 1 9   ? 17.825  -0.877  1.809   1.00 9.09  ? 7   SER A CA  1 
ATOM   65   C C   . SER A 1 9   ? 18.761  -1.605  2.792   1.00 7.93  ? 7   SER A C   1 
ATOM   66   O O   . SER A 1 9   ? 19.121  -2.758  2.568   1.00 9.83  ? 7   SER A O   1 
ATOM   67   C CB  . SER A 1 9   ? 18.609  -0.384  0.595   1.00 10.92 ? 7   SER A CB  1 
ATOM   68   O OG  . SER A 1 9   ? 19.768  0.315   1.000   1.00 18.73 ? 7   SER A OG  1 
ATOM   69   N N   . THR A 1 10  ? 19.166  -0.911  3.861   1.00 4.66  ? 8   THR A N   1 
ATOM   70   C CA  . THR A 1 10  ? 20.023  -1.458  4.907   1.00 6.07  ? 8   THR A CA  1 
ATOM   71   C C   . THR A 1 10  ? 19.241  -2.102  6.058   1.00 2.37  ? 8   THR A C   1 
ATOM   72   O O   . THR A 1 10  ? 19.839  -2.665  6.976   1.00 5.47  ? 8   THR A O   1 
ATOM   73   C CB  . THR A 1 10  ? 20.937  -0.356  5.496   1.00 5.70  ? 8   THR A CB  1 
ATOM   74   O OG1 . THR A 1 10  ? 20.137  0.791   5.839   1.00 7.31  ? 8   THR A OG1 1 
ATOM   75   C CG2 . THR A 1 10  ? 22.035  0.013   4.514   1.00 7.81  ? 8   THR A CG2 1 
ATOM   76   N N   . SER A 1 11  ? 17.919  -1.979  6.049   1.00 6.32  ? 9   SER A N   1 
ATOM   77   C CA  . SER A 1 11  ? 17.130  -2.575  7.122   1.00 6.56  ? 9   SER A CA  1 
ATOM   78   C C   . SER A 1 11  ? 17.125  -4.078  6.968   1.00 7.06  ? 9   SER A C   1 
ATOM   79   O O   . SER A 1 11  ? 17.077  -4.594  5.844   1.00 5.67  ? 9   SER A O   1 
ATOM   80   C CB  . SER A 1 11  ? 15.670  -2.092  7.110   1.00 4.56  ? 9   SER A CB  1 
ATOM   81   O OG  . SER A 1 11  ? 15.532  -0.690  7.221   1.00 6.57  ? 9   SER A OG  1 
ATOM   82   N N   . VAL A 1 12  ? 17.176  -4.783  8.089   1.00 5.45  ? 10  VAL A N   1 
ATOM   83   C CA  . VAL A 1 12  ? 16.979  -6.229  8.089   1.00 6.11  ? 10  VAL A CA  1 
ATOM   84   C C   . VAL A 1 12  ? 15.520  -6.542  7.857   1.00 8.48  ? 10  VAL A C   1 
ATOM   85   O O   . VAL A 1 12  ? 14.642  -6.063  8.584   1.00 8.64  ? 10  VAL A O   1 
ATOM   86   C CB  . VAL A 1 12  ? 17.449  -6.848  9.408   1.00 5.72  ? 10  VAL A CB  1 
ATOM   87   C CG1 . VAL A 1 12  ? 17.188  -8.354  9.414   1.00 8.67  ? 10  VAL A CG1 1 
ATOM   88   C CG2 . VAL A 1 12  ? 18.938  -6.571  9.592   1.00 8.10  ? 10  VAL A CG2 1 
ATOM   89   N N   . THR A 1 13  ? 15.263  -7.336  6.820   1.00 6.53  ? 11  THR A N   1 
ATOM   90   C CA  . THR A 1 13  ? 13.908  -7.710  6.458   1.00 9.54  ? 11  THR A CA  1 
ATOM   91   C C   . THR A 1 13  ? 13.838  -9.174  6.045   1.00 6.14  ? 11  THR A C   1 
ATOM   92   O O   . THR A 1 13  ? 14.859  -9.834  5.819   1.00 9.29  ? 11  THR A O   1 
ATOM   93   C CB  . THR A 1 13  ? 13.392  -6.899  5.248   1.00 6.35  ? 11  THR A CB  1 
ATOM   94   O OG1 . THR A 1 13  ? 14.150  -7.246  4.089   1.00 14.19 ? 11  THR A OG1 1 
ATOM   95   C CG2 . THR A 1 13  ? 13.518  -5.392  5.481   1.00 9.93  ? 11  THR A CG2 1 
ATOM   96   N N   . SER A 1 14  ? 12.608  -9.658  5.927   1.00 7.91  ? 12  SER A N   1 
ATOM   97   C CA  A SER A 1 14  ? 12.422  -10.987 5.290   0.00 10.80 ? 12  SER A CA  1 
ATOM   98   C CA  B SER A 1 14  ? 12.373  -10.951 5.327   0.50 2.00  ? 12  SER A CA  1 
ATOM   99   C C   . SER A 1 14  ? 12.761  -10.881 3.858   1.00 5.06  ? 12  SER A C   1 
ATOM   100  O O   . SER A 1 14  ? 12.854  -9.804  3.253   1.00 6.17  ? 12  SER A O   1 
ATOM   101  C CB  A SER A 1 14  ? 10.957  -11.375 5.399   0.00 10.62 ? 12  SER A CB  1 
ATOM   102  C CB  B SER A 1 14  ? 10.895  -11.325 5.444   0.50 2.00  ? 12  SER A CB  1 
ATOM   103  O OG  A SER A 1 14  ? 10.626  -11.398 6.744   0.00 14.42 ? 12  SER A OG  1 
ATOM   104  O OG  B SER A 1 14  ? 10.618  -12.529 4.751   0.50 8.32  ? 12  SER A OG  1 
ATOM   105  N N   . GLU A 1 15  ? 12.987  -12.057 3.278   1.00 2.00  ? 13  GLU A N   1 
ATOM   106  C CA  . GLU A 1 15  ? 13.212  -12.193 1.843   1.00 3.25  ? 13  GLU A CA  1 
ATOM   107  C C   . GLU A 1 15  ? 11.962  -11.783 1.050   1.00 2.00  ? 13  GLU A C   1 
ATOM   108  O O   . GLU A 1 15  ? 10.844  -11.795 1.579   1.00 2.00  ? 13  GLU A O   1 
ATOM   109  C CB  . GLU A 1 15  ? 13.637  -13.639 1.510   1.00 6.47  ? 13  GLU A CB  1 
ATOM   110  C CG  . GLU A 1 15  ? 12.741  -14.742 2.106   1.00 18.70 ? 13  GLU A CG  1 
ATOM   111  C CD  . GLU A 1 15  ? 13.192  -15.228 3.491   1.00 28.22 ? 13  GLU A CD  1 
ATOM   112  O OE1 . GLU A 1 15  ? 13.059  -14.472 4.483   1.00 18.79 ? 13  GLU A OE1 1 
ATOM   113  O OE2 . GLU A 1 15  ? 13.663  -16.384 3.592   1.00 32.36 ? 13  GLU A OE2 1 
ATOM   114  N N   . ASN A 1 16  ? 12.162  -11.398 -0.210  1.00 4.95  ? 14  ASN A N   1 
ATOM   115  C CA  . ASN A 1 16  ? 11.057  -11.103 -1.118  1.00 6.68  ? 14  ASN A CA  1 
ATOM   116  C C   . ASN A 1 16  ? 10.106  -12.268 -1.281  1.00 5.85  ? 14  ASN A C   1 
ATOM   117  O O   . ASN A 1 16  ? 10.501  -13.424 -1.166  1.00 5.14  ? 14  ASN A O   1 
ATOM   118  C CB  . ASN A 1 16  ? 11.586  -10.723 -2.490  1.00 4.05  ? 14  ASN A CB  1 
ATOM   119  C CG  . ASN A 1 16  ? 12.110  -9.329  -2.532  1.00 4.34  ? 14  ASN A CG  1 
ATOM   120  O OD1 . ASN A 1 16  ? 12.213  -8.664  -1.496  1.00 6.65  ? 14  ASN A OD1 1 
ATOM   121  N ND2 . ASN A 1 16  ? 12.445  -8.859  -3.721  1.00 2.53  ? 14  ASN A ND2 1 
ATOM   122  N N   . LEU A 1 17  ? 8.854   -11.940 -1.579  1.00 4.25  ? 15  LEU A N   1 
ATOM   123  C CA  . LEU A 1 17  ? 7.819   -12.927 -1.818  1.00 3.97  ? 15  LEU A CA  1 
ATOM   124  C C   . LEU A 1 17  ? 7.577   -13.155 -3.299  1.00 2.95  ? 15  LEU A C   1 
ATOM   125  O O   . LEU A 1 17  ? 7.730   -12.243 -4.115  1.00 6.36  ? 15  LEU A O   1 
ATOM   126  C CB  . LEU A 1 17  ? 6.516   -12.471 -1.165  1.00 6.82  ? 15  LEU A CB  1 
ATOM   127  C CG  . LEU A 1 17  ? 6.327   -12.567 0.349   1.00 6.02  ? 15  LEU A CG  1 
ATOM   128  C CD1 . LEU A 1 17  ? 4.896   -12.206 0.683   1.00 7.26  ? 15  LEU A CD1 1 
ATOM   129  C CD2 . LEU A 1 17  ? 6.636   -13.968 0.873   1.00 12.34 ? 15  LEU A CD2 1 
ATOM   130  N N   . SER A 1 18  ? 7.176   -14.372 -3.645  1.00 2.75  ? 16  SER A N   1 
ATOM   131  C CA  . SER A 1 18  ? 6.772   -14.673 -5.008  1.00 3.73  ? 16  SER A CA  1 
ATOM   132  C C   . SER A 1 18  ? 5.516   -13.876 -5.352  1.00 2.55  ? 16  SER A C   1 
ATOM   133  O O   . SER A 1 18  ? 4.827   -13.382 -4.441  1.00 4.07  ? 16  SER A O   1 
ATOM   134  C CB  . SER A 1 18  ? 6.480   -16.168 -5.160  1.00 3.99  ? 16  SER A CB  1 
ATOM   135  O OG  . SER A 1 18  ? 5.352   -16.544 -4.369  1.00 4.75  ? 16  SER A OG  1 
ATOM   136  N N   . ARG A 1 19  ? 5.228   -13.713 -6.640  1.00 2.81  ? 17  ARG A N   1 
ATOM   137  C CA  . ARG A 1 19  ? 3.968   -13.082 -7.047  1.00 4.77  ? 17  ARG A CA  1 
ATOM   138  C C   . ARG A 1 19  ? 2.756   -13.742 -6.378  1.00 2.00  ? 17  ARG A C   1 
ATOM   139  O O   . ARG A 1 19  ? 1.880   -13.051 -5.831  1.00 3.36  ? 17  ARG A O   1 
ATOM   140  C CB  . ARG A 1 19  ? 3.836   -13.040 -8.574  1.00 2.93  ? 17  ARG A CB  1 
ATOM   141  C CG  . ARG A 1 19  ? 5.031   -12.396 -9.288  1.00 9.64  ? 17  ARG A CG  1 
ATOM   142  C CD  . ARG A 1 19  ? 4.800   -12.252 -10.793 1.00 9.33  ? 17  ARG A CD  1 
ATOM   143  N NE  . ARG A 1 19  ? 4.430   -13.511 -11.435 1.00 24.40 ? 17  ARG A NE  1 
ATOM   144  C CZ  . ARG A 1 19  ? 4.092   -13.635 -12.716 1.00 28.89 ? 17  ARG A CZ  1 
ATOM   145  N NH1 . ARG A 1 19  ? 4.067   -12.572 -13.514 1.00 28.42 ? 17  ARG A NH1 1 
ATOM   146  N NH2 . ARG A 1 19  ? 3.774   -14.829 -13.203 1.00 31.79 ? 17  ARG A NH2 1 
ATOM   147  N N   . HIS A 1 20  ? 2.728   -15.076 -6.382  1.00 2.28  ? 18  HIS A N   1 
ATOM   148  C CA  . HIS A 1 20  ? 1.624   -15.833 -5.800  1.00 2.44  ? 18  HIS A CA  1 
ATOM   149  C C   . HIS A 1 20  ? 1.435   -15.527 -4.310  1.00 2.00  ? 18  HIS A C   1 
ATOM   150  O O   . HIS A 1 20  ? 0.313   -15.250 -3.850  1.00 2.00  ? 18  HIS A O   1 
ATOM   151  C CB  . HIS A 1 20  ? 1.842   -17.340 -6.034  1.00 2.96  ? 18  HIS A CB  1 
ATOM   152  C CG  . HIS A 1 20  ? 0.874   -18.210 -5.294  1.00 2.16  ? 18  HIS A CG  1 
ATOM   153  N ND1 . HIS A 1 20  ? -0.355  -18.558 -5.808  1.00 14.11 ? 18  HIS A ND1 1 
ATOM   154  C CD2 . HIS A 1 20  ? 0.948   -18.784 -4.070  1.00 6.17  ? 18  HIS A CD2 1 
ATOM   155  C CE1 . HIS A 1 20  ? -0.996  -19.315 -4.936  1.00 11.52 ? 18  HIS A CE1 1 
ATOM   156  N NE2 . HIS A 1 20  ? -0.227  -19.466 -3.873  1.00 4.10  ? 18  HIS A NE2 1 
ATOM   157  N N   . ASP A 1 21  ? 2.539   -15.571 -3.567  1.00 4.00  ? 19  ASP A N   1 
ATOM   158  C CA  . ASP A 1 21  ? 2.495   -15.369 -2.114  1.00 5.56  ? 19  ASP A CA  1 
ATOM   159  C C   . ASP A 1 21  ? 2.179   -13.937 -1.736  1.00 6.14  ? 19  ASP A C   1 
ATOM   160  O O   . ASP A 1 21  ? 1.484   -13.708 -0.753  1.00 6.26  ? 19  ASP A O   1 
ATOM   161  C CB  . ASP A 1 21  ? 3.812   -15.769 -1.443  1.00 6.21  ? 19  ASP A CB  1 
ATOM   162  C CG  . ASP A 1 21  ? 3.987   -17.276 -1.324  1.00 13.78 ? 19  ASP A CG  1 
ATOM   163  O OD1 . ASP A 1 21  ? 3.021   -18.034 -1.569  1.00 17.70 ? 19  ASP A OD1 1 
ATOM   164  O OD2 . ASP A 1 21  ? 5.111   -17.704 -0.987  1.00 15.06 ? 19  ASP A OD2 1 
ATOM   165  N N   . MET A 1 22  ? 2.695   -12.986 -2.512  1.00 4.45  ? 20  MET A N   1 
ATOM   166  C CA  . MET A 1 22  ? 2.383   -11.579 -2.305  1.00 3.23  ? 20  MET A CA  1 
ATOM   167  C C   . MET A 1 22  ? 0.905   -11.322 -2.520  1.00 3.91  ? 20  MET A C   1 
ATOM   168  O O   . MET A 1 22  ? 0.250   -10.674 -1.716  1.00 5.62  ? 20  MET A O   1 
ATOM   169  C CB  . MET A 1 22  ? 3.201   -10.712 -3.243  1.00 5.49  ? 20  MET A CB  1 
ATOM   170  C CG  . MET A 1 22  ? 3.129   -9.250  -2.892  1.00 3.00  ? 20  MET A CG  1 
ATOM   171  S SD  . MET A 1 22  ? 3.775   -8.767  -1.278  1.00 5.87  ? 20  MET A SD  1 
ATOM   172  C CE  . MET A 1 22  ? 5.529   -8.730  -1.634  1.00 4.03  ? 20  MET A CE  1 
ATOM   173  N N   . LEU A 1 23  ? 0.356   -11.843 -3.609  1.00 4.20  ? 21  LEU A N   1 
ATOM   174  C CA  . LEU A 1 23  ? -1.060  -11.645 -3.841  1.00 5.05  ? 21  LEU A CA  1 
ATOM   175  C C   . LEU A 1 23  ? -1.914  -12.337 -2.784  1.00 6.46  ? 21  LEU A C   1 
ATOM   176  O O   . LEU A 1 23  ? -2.954  -11.815 -2.383  1.00 6.66  ? 21  LEU A O   1 
ATOM   177  C CB  . LEU A 1 23  ? -1.444  -12.063 -5.267  1.00 8.13  ? 21  LEU A CB  1 
ATOM   178  C CG  . LEU A 1 23  ? -0.886  -11.178 -6.392  1.00 7.30  ? 21  LEU A CG  1 
ATOM   179  C CD1 . LEU A 1 23  ? -1.110  -11.902 -7.725  1.00 12.53 ? 21  LEU A CD1 1 
ATOM   180  C CD2 . LEU A 1 23  ? -1.502  -9.790  -6.398  1.00 15.73 ? 21  LEU A CD2 1 
ATOM   181  N N   . ALA A 1 24  ? -1.482  -13.512 -2.338  1.00 5.42  ? 22  ALA A N   1 
ATOM   182  C CA  . ALA A 1 24  ? -2.186  -14.209 -1.255  1.00 4.78  ? 22  ALA A CA  1 
ATOM   183  C C   . ALA A 1 24  ? -2.244  -13.343 -0.001  1.00 4.49  ? 22  ALA A C   1 
ATOM   184  O O   . ALA A 1 24  ? -3.300  -13.252 0.644   1.00 8.16  ? 22  ALA A O   1 
ATOM   185  C CB  . ALA A 1 24  ? -1.549  -15.535 -0.955  1.00 7.99  ? 22  ALA A CB  1 
ATOM   186  N N   . TRP A 1 25  ? -1.129  -12.687 0.340   1.00 4.55  ? 23  TRP A N   1 
ATOM   187  C CA  . TRP A 1 25  ? -1.096  -11.768 1.479   1.00 4.42  ? 23  TRP A CA  1 
ATOM   188  C C   . TRP A 1 25  ? -2.022  -10.566 1.308   1.00 4.65  ? 23  TRP A C   1 
ATOM   189  O O   . TRP A 1 25  ? -2.773  -10.224 2.219   1.00 6.05  ? 23  TRP A O   1 
ATOM   190  C CB  . TRP A 1 25  ? 0.331   -11.290 1.709   1.00 3.96  ? 23  TRP A CB  1 
ATOM   191  C CG  . TRP A 1 25  ? 0.387   -10.137 2.682   1.00 4.24  ? 23  TRP A CG  1 
ATOM   192  C CD1 . TRP A 1 25  ? 0.158   -10.195 4.018   1.00 10.65 ? 23  TRP A CD1 1 
ATOM   193  C CD2 . TRP A 1 25  ? 0.671   -8.762  2.379   1.00 3.81  ? 23  TRP A CD2 1 
ATOM   194  N NE1 . TRP A 1 25  ? 0.296   -8.943  4.578   1.00 10.28 ? 23  TRP A NE1 1 
ATOM   195  C CE2 . TRP A 1 25  ? 0.613   -8.047  3.595   1.00 7.92  ? 23  TRP A CE2 1 
ATOM   196  C CE3 . TRP A 1 25  ? 0.998   -8.072  1.205   1.00 8.47  ? 23  TRP A CE3 1 
ATOM   197  C CZ2 . TRP A 1 25  ? 0.839   -6.670  3.667   1.00 12.37 ? 23  TRP A CZ2 1 
ATOM   198  C CZ3 . TRP A 1 25  ? 1.226   -6.703  1.276   1.00 5.23  ? 23  TRP A CZ3 1 
ATOM   199  C CH2 . TRP A 1 25  ? 1.151   -6.015  2.502   1.00 12.54 ? 23  TRP A CH2 1 
ATOM   200  N N   . VAL A 1 26  ? -2.004  -9.942  0.133   1.00 4.41  ? 24  VAL A N   1 
ATOM   201  C CA  . VAL A 1 26  ? -2.899  -8.817  -0.136  1.00 7.18  ? 24  VAL A CA  1 
ATOM   202  C C   . VAL A 1 26  ? -4.350  -9.266  0.014   1.00 6.43  ? 24  VAL A C   1 
ATOM   203  O O   . VAL A 1 26  ? -5.160  -8.614  0.677   1.00 7.17  ? 24  VAL A O   1 
ATOM   204  C CB  . VAL A 1 26  ? -2.674  -8.227  -1.554  1.00 4.37  ? 24  VAL A CB  1 
ATOM   205  C CG1 . VAL A 1 26  ? -3.710  -7.143  -1.880  1.00 9.01  ? 24  VAL A CG1 1 
ATOM   206  C CG2 . VAL A 1 26  ? -1.271  -7.654  -1.675  1.00 4.19  ? 24  VAL A CG2 1 
ATOM   207  N N   . ASN A 1 27  ? -4.665  -10.406 -0.588  1.00 5.70  ? 25  ASN A N   1 
ATOM   208  C CA  . ASN A 1 27  ? -6.035  -10.884 -0.619  1.00 5.63  ? 25  ASN A CA  1 
ATOM   209  C C   . ASN A 1 27  ? -6.546  -11.251 0.782   1.00 6.13  ? 25  ASN A C   1 
ATOM   210  O O   . ASN A 1 27  ? -7.685  -10.906 1.143   1.00 7.23  ? 25  ASN A O   1 
ATOM   211  C CB  . ASN A 1 27  ? -6.145  -12.056 -1.581  1.00 4.34  ? 25  ASN A CB  1 
ATOM   212  C CG  . ASN A 1 27  ? -6.066  -11.612 -3.037  1.00 5.00  ? 25  ASN A CG  1 
ATOM   213  O OD1 . ASN A 1 27  ? -6.236  -10.441 -3.350  1.00 5.70  ? 25  ASN A OD1 1 
ATOM   214  N ND2 . ASN A 1 27  ? -5.816  -12.558 -3.929  1.00 8.36  ? 25  ASN A ND2 1 
ATOM   215  N N   . ASP A 1 28  ? -5.714  -11.934 1.559   1.00 7.89  ? 26  ASP A N   1 
ATOM   216  C CA  . ASP A 1 28  ? -6.055  -12.291 2.944   1.00 7.47  ? 26  ASP A CA  1 
ATOM   217  C C   . ASP A 1 28  ? -6.207  -11.069 3.843   1.00 9.61  ? 26  ASP A C   1 
ATOM   218  O O   . ASP A 1 28  ? -7.133  -11.000 4.655   1.00 11.88 ? 26  ASP A O   1 
ATOM   219  C CB  . ASP A 1 28  ? -4.988  -13.188 3.559   1.00 6.95  ? 26  ASP A CB  1 
ATOM   220  C CG  . ASP A 1 28  ? -5.026  -14.600 3.030   1.00 16.74 ? 26  ASP A CG  1 
ATOM   221  O OD1 . ASP A 1 28  ? -6.056  -15.000 2.440   1.00 19.08 ? 26  ASP A OD1 1 
ATOM   222  O OD2 . ASP A 1 28  ? -4.022  -15.319 3.227   1.00 19.27 ? 26  ASP A OD2 1 
ATOM   223  N N   . SER A 1 29  ? -5.299  -10.106 3.685   1.00 5.88  ? 27  SER A N   1 
ATOM   224  C CA  . SER A 1 29  ? -5.248  -8.939  4.556   1.00 6.62  ? 27  SER A CA  1 
ATOM   225  C C   . SER A 1 29  ? -6.447  -8.031  4.338   1.00 7.38  ? 27  SER A C   1 
ATOM   226  O O   . SER A 1 29  ? -7.019  -7.535  5.305   1.00 6.26  ? 27  SER A O   1 
ATOM   227  C CB  . SER A 1 29  ? -3.982  -8.152  4.276   1.00 6.24  ? 27  SER A CB  1 
ATOM   228  O OG  . SER A 1 29  ? -2.828  -8.895  4.640   1.00 16.75 ? 27  SER A OG  1 
ATOM   229  N N   . LEU A 1 30  ? -6.821  -7.833  3.067   1.00 7.47  ? 28  LEU A N   1 
ATOM   230  C CA  . LEU A 1 30  ? -7.841  -6.842  2.687   1.00 5.34  ? 28  LEU A CA  1 
ATOM   231  C C   . LEU A 1 30  ? -9.142  -7.437  2.165   1.00 6.33  ? 28  LEU A C   1 
ATOM   232  O O   . LEU A 1 30  ? -10.037 -6.703  1.751   1.00 6.74  ? 28  LEU A O   1 
ATOM   233  C CB  . LEU A 1 30  ? -7.273  -5.840  1.670   1.00 6.31  ? 28  LEU A CB  1 
ATOM   234  C CG  . LEU A 1 30  ? -6.139  -4.963  2.189   1.00 8.84  ? 28  LEU A CG  1 
ATOM   235  C CD1 . LEU A 1 30  ? -5.641  -4.063  1.064   1.00 8.35  ? 28  LEU A CD1 1 
ATOM   236  C CD2 . LEU A 1 30  ? -6.568  -4.134  3.399   1.00 5.67  ? 28  LEU A CD2 1 
ATOM   237  N N   . HIS A 1 31  ? -9.230  -8.769  2.202   1.00 4.97  ? 29  HIS A N   1 
ATOM   238  C CA  . HIS A 1 31  ? -10.390 -9.505  1.702   1.00 5.92  ? 29  HIS A CA  1 
ATOM   239  C C   . HIS A 1 31  ? -10.608 -9.155  0.219   1.00 7.97  ? 29  HIS A C   1 
ATOM   240  O O   . HIS A 1 31  ? -11.684 -8.746  -0.189  1.00 8.09  ? 29  HIS A O   1 
ATOM   241  C CB  . HIS A 1 31  ? -11.631 -9.228  2.589   1.00 5.35  ? 29  HIS A CB  1 
ATOM   242  C CG  . HIS A 1 31  ? -12.713 -10.257 2.470   1.00 7.45  ? 29  HIS A CG  1 
ATOM   243  N ND1 . HIS A 1 31  ? -13.901 -10.008 1.823   1.00 6.60  ? 29  HIS A ND1 1 
ATOM   244  C CD2 . HIS A 1 31  ? -12.802 -11.526 2.941   1.00 6.71  ? 29  HIS A CD2 1 
ATOM   245  C CE1 . HIS A 1 31  ? -14.670 -11.082 1.880   1.00 4.74  ? 29  HIS A CE1 1 
ATOM   246  N NE2 . HIS A 1 31  ? -14.026 -12.016 2.552   1.00 9.87  ? 29  HIS A NE2 1 
ATOM   247  N N   . LEU A 1 32  ? -9.555  -9.315  -0.579  1.00 7.53  ? 30  LEU A N   1 
ATOM   248  C CA  . LEU A 1 32  ? -9.583  -8.969  -2.006  1.00 4.89  ? 30  LEU A CA  1 
ATOM   249  C C   . LEU A 1 32  ? -9.397  -10.215 -2.868  1.00 6.84  ? 30  LEU A C   1 
ATOM   250  O O   . LEU A 1 32  ? -9.115  -11.306 -2.342  1.00 5.21  ? 30  LEU A O   1 
ATOM   251  C CB  . LEU A 1 32  ? -8.500  -7.948  -2.353  1.00 8.09  ? 30  LEU A CB  1 
ATOM   252  C CG  . LEU A 1 32  ? -8.711  -6.519  -1.853  1.00 7.43  ? 30  LEU A CG  1 
ATOM   253  C CD1 . LEU A 1 32  ? -7.417  -5.696  -2.011  1.00 10.94 ? 30  LEU A CD1 1 
ATOM   254  C CD2 . LEU A 1 32  ? -9.894  -5.813  -2.519  1.00 12.75 ? 30  LEU A CD2 1 
ATOM   255  N N   . ASN A 1 33  ? -9.543  -10.039 -4.180  1.00 4.85  ? 31  ASN A N   1 
ATOM   256  C CA  . ASN A 1 33  ? -9.389  -11.132 -5.144  1.00 4.92  ? 31  ASN A CA  1 
ATOM   257  C C   . ASN A 1 33  ? -8.432  -10.824 -6.287  1.00 3.28  ? 31  ASN A C   1 
ATOM   258  O O   . ASN A 1 33  ? -8.706  -11.148 -7.440  1.00 6.85  ? 31  ASN A O   1 
ATOM   259  C CB  . ASN A 1 33  ? -10.749 -11.545 -5.715  1.00 3.65  ? 31  ASN A CB  1 
ATOM   260  C CG  . ASN A 1 33  ? -11.681 -12.097 -4.668  1.00 6.70  ? 31  ASN A CG  1 
ATOM   261  O OD1 . ASN A 1 33  ? -11.315 -12.977 -3.883  1.00 8.25  ? 31  ASN A OD1 1 
ATOM   262  N ND2 . ASN A 1 33  ? -12.917 -11.621 -4.682  1.00 9.93  ? 31  ASN A ND2 1 
ATOM   263  N N   . TYR A 1 34  ? -7.308  -10.181 -5.971  1.00 3.89  ? 32  TYR A N   1 
ATOM   264  C CA  . TYR A 1 34  ? -6.342  -9.810  -6.997  1.00 4.71  ? 32  TYR A CA  1 
ATOM   265  C C   . TYR A 1 34  ? -5.673  -11.048 -7.561  1.00 4.65  ? 32  TYR A C   1 
ATOM   266  O O   . TYR A 1 34  ? -5.393  -12.008 -6.820  1.00 6.65  ? 32  TYR A O   1 
ATOM   267  C CB  . TYR A 1 34  ? -5.265  -8.906  -6.414  1.00 7.61  ? 32  TYR A CB  1 
ATOM   268  C CG  . TYR A 1 34  ? -5.649  -7.462  -6.154  1.00 5.96  ? 32  TYR A CG  1 
ATOM   269  C CD1 . TYR A 1 34  ? -6.953  -7.011  -6.300  1.00 7.11  ? 32  TYR A CD1 1 
ATOM   270  C CD2 . TYR A 1 34  ? -4.689  -6.567  -5.705  1.00 9.81  ? 32  TYR A CD2 1 
ATOM   271  C CE1 . TYR A 1 34  ? -7.281  -5.689  -6.049  1.00 10.73 ? 32  TYR A CE1 1 
ATOM   272  C CE2 . TYR A 1 34  ? -5.004  -5.264  -5.444  1.00 9.19  ? 32  TYR A CE2 1 
ATOM   273  C CZ  . TYR A 1 34  ? -6.297  -4.834  -5.606  1.00 7.58  ? 32  TYR A CZ  1 
ATOM   274  O OH  . TYR A 1 34  ? -6.598  -3.527  -5.331  1.00 6.89  ? 32  TYR A OH  1 
ATOM   275  N N   . THR A 1 35  ? -5.415  -11.000 -8.866  1.00 5.74  ? 33  THR A N   1 
ATOM   276  C CA  . THR A 1 35  ? -4.738  -12.086 -9.575  1.00 6.58  ? 33  THR A CA  1 
ATOM   277  C C   . THR A 1 35  ? -3.480  -11.612 -10.270 1.00 7.64  ? 33  THR A C   1 
ATOM   278  O O   . THR A 1 35  ? -2.662  -12.419 -10.691 1.00 9.72  ? 33  THR A O   1 
ATOM   279  C CB  . THR A 1 35  ? -5.677  -12.769 -10.598 1.00 8.09  ? 33  THR A CB  1 
ATOM   280  O OG1 . THR A 1 35  ? -6.216  -11.784 -11.496 1.00 9.75  ? 33  THR A OG1 1 
ATOM   281  C CG2 . THR A 1 35  ? -6.831  -13.495 -9.874  1.00 5.11  ? 33  THR A CG2 1 
ATOM   282  N N   . LYS A 1 36  ? -3.308  -10.295 -10.369 1.00 4.62  ? 34  LYS A N   1 
ATOM   283  C CA  . LYS A 1 36  ? -2.130  -9.721  -11.010 1.00 6.50  ? 34  LYS A CA  1 
ATOM   284  C C   . LYS A 1 36  ? -1.545  -8.626  -10.131 1.00 7.64  ? 34  LYS A C   1 
ATOM   285  O O   . LYS A 1 36  ? -2.286  -7.807  -9.574  1.00 6.95  ? 34  LYS A O   1 
ATOM   286  C CB  . LYS A 1 36  ? -2.457  -9.156  -12.394 1.00 5.93  ? 34  LYS A CB  1 
ATOM   287  C CG  . LYS A 1 36  ? -2.796  -10.234 -13.452 1.00 6.00  ? 34  LYS A CG  1 
ATOM   288  C CD  . LYS A 1 36  ? -2.617  -9.728  -14.875 1.00 23.27 ? 34  LYS A CD  1 
ATOM   289  C CE  . LYS A 1 36  ? -3.845  -8.973  -15.369 1.00 30.18 ? 34  LYS A CE  1 
ATOM   290  N NZ  . LYS A 1 36  ? -5.048  -9.850  -15.480 1.00 40.59 ? 34  LYS A NZ  1 
ATOM   291  N N   . ILE A 1 37  ? -0.218  -8.601  -10.025 1.00 3.90  ? 35  ILE A N   1 
ATOM   292  C CA  . ILE A 1 37  ? 0.478   -7.585  -9.218  1.00 4.64  ? 35  ILE A CA  1 
ATOM   293  C C   . ILE A 1 37  ? 0.115   -6.191  -9.725  1.00 6.83  ? 35  ILE A C   1 
ATOM   294  O O   . ILE A 1 37  ? 0.038   -5.242  -8.940  1.00 7.27  ? 35  ILE A O   1 
ATOM   295  C CB  . ILE A 1 37  ? 2.034   -7.803  -9.274  1.00 6.12  ? 35  ILE A CB  1 
ATOM   296  C CG1 . ILE A 1 37  ? 2.481   -8.969  -8.369  1.00 7.97  ? 35  ILE A CG1 1 
ATOM   297  C CG2 . ILE A 1 37  ? 2.828   -6.505  -9.007  1.00 10.38 ? 35  ILE A CG2 1 
ATOM   298  C CD1 . ILE A 1 37  ? 2.152   -8.856  -6.896  1.00 11.60 ? 35  ILE A CD1 1 
ATOM   299  N N   . GLU A 1 38  ? -0.146  -6.080  -11.030 1.00 7.41  ? 36  GLU A N   1 
ATOM   300  C CA  . GLU A 1 38  ? -0.461  -4.792  -11.655 1.00 6.14  ? 36  GLU A CA  1 
ATOM   301  C C   . GLU A 1 38  ? -1.766  -4.179  -11.145 1.00 6.35  ? 36  GLU A C   1 
ATOM   302  O O   . GLU A 1 38  ? -1.981  -2.982  -11.318 1.00 4.97  ? 36  GLU A O   1 
ATOM   303  C CB  . GLU A 1 38  ? -0.508  -4.923  -13.176 1.00 10.63 ? 36  GLU A CB  1 
ATOM   304  C CG  . GLU A 1 38  ? 0.862   -4.911  -13.839 1.00 22.95 ? 36  GLU A CG  1 
ATOM   305  C CD  . GLU A 1 38  ? 0.869   -5.592  -15.201 1.00 37.33 ? 36  GLU A CD  1 
ATOM   306  O OE1 . GLU A 1 38  ? 0.088   -6.553  -15.395 1.00 40.89 ? 36  GLU A OE1 1 
ATOM   307  O OE2 . GLU A 1 38  ? 1.667   -5.177  -16.075 1.00 42.07 ? 36  GLU A OE2 1 
ATOM   308  N N   . GLN A 1 39  ? -2.630  -4.980  -10.520 1.00 4.56  ? 37  GLN A N   1 
ATOM   309  C CA  . GLN A 1 39  ? -3.851  -4.441  -9.896  1.00 8.36  ? 37  GLN A CA  1 
ATOM   310  C C   . GLN A 1 39  ? -3.562  -3.485  -8.744  1.00 9.99  ? 37  GLN A C   1 
ATOM   311  O O   . GLN A 1 39  ? -4.400  -2.653  -8.384  1.00 7.00  ? 37  GLN A O   1 
ATOM   312  C CB  . GLN A 1 39  ? -4.749  -5.583  -9.425  1.00 3.77  ? 37  GLN A CB  1 
ATOM   313  C CG  . GLN A 1 39  ? -5.355  -6.331  -10.601 1.00 4.23  ? 37  GLN A CG  1 
ATOM   314  C CD  . GLN A 1 39  ? -6.220  -7.491  -10.174 1.00 4.86  ? 37  GLN A CD  1 
ATOM   315  O OE1 . GLN A 1 39  ? -5.748  -8.620  -10.070 1.00 7.09  ? 37  GLN A OE1 1 
ATOM   316  N NE2 . GLN A 1 39  ? -7.488  -7.219  -9.917  1.00 9.32  ? 37  GLN A NE2 1 
ATOM   317  N N   . LEU A 1 40  ? -2.369  -3.595  -8.173  1.00 4.64  ? 38  LEU A N   1 
ATOM   318  C CA  . LEU A 1 40  ? -1.937  -2.670  -7.131  1.00 5.43  ? 38  LEU A CA  1 
ATOM   319  C C   . LEU A 1 40  ? -1.697  -1.251  -7.645  1.00 6.01  ? 38  LEU A C   1 
ATOM   320  O O   . LEU A 1 40  ? -1.588  -0.315  -6.846  1.00 6.71  ? 38  LEU A O   1 
ATOM   321  C CB  . LEU A 1 40  ? -0.693  -3.217  -6.441  1.00 6.23  ? 38  LEU A CB  1 
ATOM   322  C CG  . LEU A 1 40  ? -0.940  -4.466  -5.595  1.00 7.22  ? 38  LEU A CG  1 
ATOM   323  C CD1 . LEU A 1 40  ? 0.300   -5.314  -5.428  1.00 9.77  ? 38  LEU A CD1 1 
ATOM   324  C CD2 . LEU A 1 40  ? -1.520  -4.045  -4.213  1.00 6.47  ? 38  LEU A CD2 1 
ATOM   325  N N   . CYS A 1 41  ? -1.609  -1.072  -8.956  1.00 6.28  ? 39  CYS A N   1 
ATOM   326  C CA  . CYS A 1 41  ? -1.359  0.243   -9.530  1.00 7.31  ? 39  CYS A CA  1 
ATOM   327  C C   . CYS A 1 41  ? -2.494  1.247   -9.343  1.00 5.48  ? 39  CYS A C   1 
ATOM   328  O O   . CYS A 1 41  ? -2.322  2.422   -9.672  1.00 6.82  ? 39  CYS A O   1 
ATOM   329  C CB  . CYS A 1 41  ? -1.046  0.113   -11.021 1.00 7.94  ? 39  CYS A CB  1 
ATOM   330  S SG  . CYS A 1 41  ? -2.496  -0.132  -12.084 1.00 10.66 ? 39  CYS A SG  1 
ATOM   331  N N   . SER A 1 42  ? -3.661  0.792   -8.881  1.00 3.12  ? 40  SER A N   1 
ATOM   332  C CA  . SER A 1 42  ? -4.789  1.694   -8.682  1.00 8.33  ? 40  SER A CA  1 
ATOM   333  C C   . SER A 1 42  ? -4.613  2.515   -7.416  1.00 8.79  ? 40  SER A C   1 
ATOM   334  O O   . SER A 1 42  ? -5.248  3.546   -7.275  1.00 7.03  ? 40  SER A O   1 
ATOM   335  C CB  . SER A 1 42  ? -6.133  0.939   -8.656  1.00 5.39  ? 40  SER A CB  1 
ATOM   336  O OG  . SER A 1 42  ? -6.370  0.345   -7.379  1.00 9.25  ? 40  SER A OG  1 
ATOM   337  N N   . GLY A 1 43  ? -3.760  2.065   -6.489  1.00 6.46  ? 41  GLY A N   1 
ATOM   338  C CA  . GLY A 1 43  ? -3.487  2.834   -5.275  1.00 6.13  ? 41  GLY A CA  1 
ATOM   339  C C   . GLY A 1 43  ? -4.439  2.544   -4.129  1.00 6.49  ? 41  GLY A C   1 
ATOM   340  O O   . GLY A 1 43  ? -4.142  2.891   -2.976  1.00 6.20  ? 41  GLY A O   1 
ATOM   341  N N   . ALA A 1 44  ? -5.579  1.917   -4.406  1.00 6.07  ? 42  ALA A N   1 
ATOM   342  C CA  . ALA A 1 44  ? -6.610  1.744   -3.389  1.00 7.29  ? 42  ALA A CA  1 
ATOM   343  C C   . ALA A 1 44  ? -6.193  0.801   -2.263  1.00 5.75  ? 42  ALA A C   1 
ATOM   344  O O   . ALA A 1 44  ? -6.400  1.105   -1.081  1.00 5.36  ? 42  ALA A O   1 
ATOM   345  C CB  . ALA A 1 44  ? -7.941  1.295   -4.029  1.00 5.95  ? 42  ALA A CB  1 
ATOM   346  N N   . ALA A 1 45  ? -5.568  -0.319  -2.619  1.00 7.56  ? 43  ALA A N   1 
ATOM   347  C CA  . ALA A 1 45  ? -5.110  -1.275  -1.623  1.00 5.98  ? 43  ALA A CA  1 
ATOM   348  C C   . ALA A 1 45  ? -4.068  -0.664  -0.701  1.00 3.91  ? 43  ALA A C   1 
ATOM   349  O O   . ALA A 1 45  ? -4.172  -0.803  0.522   1.00 5.21  ? 43  ALA A O   1 
ATOM   350  C CB  . ALA A 1 45  ? -4.592  -2.536  -2.283  1.00 4.46  ? 43  ALA A CB  1 
ATOM   351  N N   . TYR A 1 46  ? -3.114  0.087   -1.264  1.00 4.83  ? 44  TYR A N   1 
ATOM   352  C CA  . TYR A 1 46  ? -2.127  0.826   -0.424  1.00 4.69  ? 44  TYR A CA  1 
ATOM   353  C C   . TYR A 1 46  ? -2.780  1.755   0.588   1.00 4.88  ? 44  TYR A C   1 
ATOM   354  O O   . TYR A 1 46  ? -2.369  1.798   1.744   1.00 5.22  ? 44  TYR A O   1 
ATOM   355  C CB  . TYR A 1 46  ? -1.110  1.602   -1.281  1.00 5.72  ? 44  TYR A CB  1 
ATOM   356  C CG  . TYR A 1 46  ? -0.208  0.668   -2.068  1.00 5.04  ? 44  TYR A CG  1 
ATOM   357  C CD1 . TYR A 1 46  ? 0.546   -0.306  -1.410  1.00 5.94  ? 44  TYR A CD1 1 
ATOM   358  C CD2 . TYR A 1 46  ? -0.107  0.763   -3.451  1.00 8.08  ? 44  TYR A CD2 1 
ATOM   359  C CE1 . TYR A 1 46  ? 1.358   -1.184  -2.113  1.00 7.09  ? 44  TYR A CE1 1 
ATOM   360  C CE2 . TYR A 1 46  ? 0.708   -0.095  -4.163  1.00 5.34  ? 44  TYR A CE2 1 
ATOM   361  C CZ  . TYR A 1 46  ? 1.436   -1.060  -3.485  1.00 5.88  ? 44  TYR A CZ  1 
ATOM   362  O OH  . TYR A 1 46  ? 2.240   -1.923  -4.204  1.00 6.60  ? 44  TYR A OH  1 
ATOM   363  N N   . CYS A 1 47  ? -3.813  2.481   0.168   1.00 4.78  ? 45  CYS A N   1 
ATOM   364  C CA  . CYS A 1 47  ? -4.521  3.376   1.068   1.00 5.40  ? 45  CYS A CA  1 
ATOM   365  C C   . CYS A 1 47  ? -5.167  2.587   2.211   1.00 6.24  ? 45  CYS A C   1 
ATOM   366  O O   . CYS A 1 47  ? -5.054  2.967   3.372   1.00 7.83  ? 45  CYS A O   1 
ATOM   367  C CB  . CYS A 1 47  ? -5.561  4.188   0.301   1.00 4.45  ? 45  CYS A CB  1 
ATOM   368  S SG  . CYS A 1 47  ? -4.859  5.466   -0.771  1.00 6.39  ? 45  CYS A SG  1 
ATOM   369  N N   . GLN A 1 48  ? -5.804  1.465   1.896   1.00 4.62  ? 46  GLN A N   1 
ATOM   370  C CA  . GLN A 1 48  ? -6.429  0.640   2.907   1.00 6.97  ? 46  GLN A CA  1 
ATOM   371  C C   . GLN A 1 48  ? -5.403  0.077   3.852   1.00 3.81  ? 46  GLN A C   1 
ATOM   372  O O   . GLN A 1 48  ? -5.651  0.048   5.066   1.00 5.36  ? 46  GLN A O   1 
ATOM   373  C CB  . GLN A 1 48  ? -7.185  -0.527  2.279   1.00 6.04  ? 46  GLN A CB  1 
ATOM   374  C CG  . GLN A 1 48  ? -8.337  -0.129  1.387   1.00 10.37 ? 46  GLN A CG  1 
ATOM   375  C CD  . GLN A 1 48  ? -9.109  -1.336  0.930   1.00 19.97 ? 46  GLN A CD  1 
ATOM   376  O OE1 . GLN A 1 48  ? -8.936  -1.818  -0.192  1.00 26.45 ? 46  GLN A OE1 1 
ATOM   377  N NE2 . GLN A 1 48  ? -9.946  -1.852  1.807   1.00 16.10 ? 46  GLN A NE2 1 
ATOM   378  N N   . PHE A 1 49  ? -4.247  -0.353  3.331   1.00 3.77  ? 47  PHE A N   1 
ATOM   379  C CA  . PHE A 1 49  ? -3.210  -0.912  4.197   1.00 5.24  ? 47  PHE A CA  1 
ATOM   380  C C   . PHE A 1 49  ? -2.714  0.150   5.186   1.00 6.46  ? 47  PHE A C   1 
ATOM   381  O O   . PHE A 1 49  ? -2.401  -0.165  6.343   1.00 4.66  ? 47  PHE A O   1 
ATOM   382  C CB  . PHE A 1 49  ? -1.999  -1.403  3.400   1.00 4.35  ? 47  PHE A CB  1 
ATOM   383  C CG  . PHE A 1 49  ? -2.119  -2.785  2.806   1.00 4.55  ? 47  PHE A CG  1 
ATOM   384  C CD1 . PHE A 1 49  ? -2.340  -3.900  3.602   1.00 8.73  ? 47  PHE A CD1 1 
ATOM   385  C CD2 . PHE A 1 49  ? -1.887  -2.949  1.459   1.00 12.71 ? 47  PHE A CD2 1 
ATOM   386  C CE1 . PHE A 1 49  ? -2.384  -5.173  3.044   1.00 13.02 ? 47  PHE A CE1 1 
ATOM   387  C CE2 . PHE A 1 49  ? -1.938  -4.196  0.884   1.00 9.69  ? 47  PHE A CE2 1 
ATOM   388  C CZ  . PHE A 1 49  ? -2.189  -5.319  1.668   1.00 9.67  ? 47  PHE A CZ  1 
ATOM   389  N N   . MET A 1 50  ? -2.619  1.399   4.730   1.00 5.13  ? 48  MET A N   1 
ATOM   390  C CA  . MET A 1 50  ? -2.201  2.488   5.619   1.00 4.96  ? 48  MET A CA  1 
ATOM   391  C C   . MET A 1 50  ? -3.209  2.698   6.750   1.00 6.84  ? 48  MET A C   1 
ATOM   392  O O   . MET A 1 50  ? -2.804  2.970   7.886   1.00 4.79  ? 48  MET A O   1 
ATOM   393  C CB  . MET A 1 50  ? -2.009  3.768   4.834   1.00 6.34  ? 48  MET A CB  1 
ATOM   394  C CG  . MET A 1 50  ? -0.704  3.812   4.036   1.00 10.33 ? 48  MET A CG  1 
ATOM   395  S SD  . MET A 1 50  ? 0.854   3.590   4.954   1.00 7.87  ? 48  MET A SD  1 
ATOM   396  C CE  . MET A 1 50  ? 1.054   5.164   5.769   1.00 6.75  ? 48  MET A CE  1 
ATOM   397  N N   . ASP A 1 51  ? -4.506  2.558   6.450   1.00 4.88  ? 49  ASP A N   1 
ATOM   398  C CA  . ASP A 1 51  ? -5.552  2.650   7.464   1.00 7.21  ? 49  ASP A CA  1 
ATOM   399  C C   . ASP A 1 51  ? -5.458  1.496   8.447   1.00 8.37  ? 49  ASP A C   1 
ATOM   400  O O   . ASP A 1 51  ? -5.681  1.668   9.655   1.00 7.67  ? 49  ASP A O   1 
ATOM   401  C CB  . ASP A 1 51  ? -6.931  2.682   6.812   1.00 8.38  ? 49  ASP A CB  1 
ATOM   402  C CG  . ASP A 1 51  ? -8.030  3.022   7.788   1.00 16.97 ? 49  ASP A CG  1 
ATOM   403  O OD1 . ASP A 1 51  ? -7.915  4.048   8.493   1.00 13.48 ? 49  ASP A OD1 1 
ATOM   404  O OD2 . ASP A 1 51  ? -9.015  2.257   7.828   1.00 29.36 ? 49  ASP A OD2 1 
ATOM   405  N N   . MET A 1 52  ? -5.113  0.313   7.950   1.00 6.18  ? 50  MET A N   1 
ATOM   406  C CA  . MET A 1 52  ? -4.930  -0.857  8.802   1.00 5.07  ? 50  MET A CA  1 
ATOM   407  C C   . MET A 1 52  ? -3.720  -0.677  9.734   1.00 6.22  ? 50  MET A C   1 
ATOM   408  O O   . MET A 1 52  ? -3.763  -1.071  10.902  1.00 5.92  ? 50  MET A O   1 
ATOM   409  C CB  . MET A 1 52  ? -4.771  -2.096  7.912   1.00 7.68  ? 50  MET A CB  1 
ATOM   410  C CG  . MET A 1 52  ? -4.521  -3.399  8.660   1.00 5.59  ? 50  MET A CG  1 
ATOM   411  S SD  . MET A 1 52  ? -4.558  -4.766  7.493   1.00 8.76  ? 50  MET A SD  1 
ATOM   412  C CE  . MET A 1 52  ? -4.597  -6.196  8.564   1.00 11.67 ? 50  MET A CE  1 
ATOM   413  N N   . LEU A 1 53  ? -2.643  -0.105  9.213   1.00 6.50  ? 51  LEU A N   1 
ATOM   414  C CA  . LEU A 1 53  ? -1.451  0.177   10.016  1.00 5.30  ? 51  LEU A CA  1 
ATOM   415  C C   . LEU A 1 53  ? -1.669  1.280   11.052  1.00 4.20  ? 51  LEU A C   1 
ATOM   416  O O   . LEU A 1 53  ? -1.343  1.107   12.226  1.00 4.38  ? 51  LEU A O   1 
ATOM   417  C CB  . LEU A 1 53  ? -0.281  0.564   9.107   1.00 5.32  ? 51  LEU A CB  1 
ATOM   418  C CG  . LEU A 1 53  ? 0.296   -0.553  8.243   1.00 4.94  ? 51  LEU A CG  1 
ATOM   419  C CD1 . LEU A 1 53  ? 1.336   -0.032  7.285   1.00 9.56  ? 51  LEU A CD1 1 
ATOM   420  C CD2 . LEU A 1 53  ? 0.893   -1.616  9.129   1.00 3.85  ? 51  LEU A CD2 1 
ATOM   421  N N   . PHE A 1 54  ? -2.194  2.413   10.599  1.00 3.10  ? 52  PHE A N   1 
ATOM   422  C CA  . PHE A 1 54  ? -2.334  3.601   11.435  1.00 5.18  ? 52  PHE A CA  1 
ATOM   423  C C   . PHE A 1 54  ? -3.727  4.231   11.241  1.00 4.62  ? 52  PHE A C   1 
ATOM   424  O O   . PHE A 1 54  ? -3.884  5.179   10.477  1.00 5.50  ? 52  PHE A O   1 
ATOM   425  C CB  . PHE A 1 54  ? -1.263  4.627   11.080  1.00 5.16  ? 52  PHE A CB  1 
ATOM   426  C CG  . PHE A 1 54  ? 0.097   4.044   10.828  1.00 5.88  ? 52  PHE A CG  1 
ATOM   427  C CD1 . PHE A 1 54  ? 0.872   3.581   11.890  1.00 9.81  ? 52  PHE A CD1 1 
ATOM   428  C CD2 . PHE A 1 54  ? 0.614   3.982   9.539   1.00 7.75  ? 52  PHE A CD2 1 
ATOM   429  C CE1 . PHE A 1 54  ? 2.147   3.056   11.659  1.00 9.28  ? 52  PHE A CE1 1 
ATOM   430  C CE2 . PHE A 1 54  ? 1.892   3.464   9.305   1.00 8.19  ? 52  PHE A CE2 1 
ATOM   431  C CZ  . PHE A 1 54  ? 2.644   2.995   10.365  1.00 9.52  ? 52  PHE A CZ  1 
ATOM   432  N N   . PRO A 1 55  ? -4.756  3.657   11.882  1.00 4.92  ? 53  PRO A N   1 
ATOM   433  C CA  . PRO A 1 55  ? -6.127  4.117   11.685  1.00 5.29  ? 53  PRO A CA  1 
ATOM   434  C C   . PRO A 1 55  ? -6.257  5.614   11.844  1.00 6.47  ? 53  PRO A C   1 
ATOM   435  O O   . PRO A 1 55  ? -5.871  6.155   12.881  1.00 8.01  ? 53  PRO A O   1 
ATOM   436  C CB  . PRO A 1 55  ? -6.891  3.377   12.772  1.00 6.10  ? 53  PRO A CB  1 
ATOM   437  C CG  . PRO A 1 55  ? -6.095  2.142   12.995  1.00 8.91  ? 53  PRO A CG  1 
ATOM   438  C CD  . PRO A 1 55  ? -4.674  2.506   12.796  1.00 8.25  ? 53  PRO A CD  1 
ATOM   439  N N   . GLY A 1 56  ? -6.819  6.265   10.836  1.00 6.77  ? 54  GLY A N   1 
ATOM   440  C CA  . GLY A 1 56  ? -6.962  7.717   10.852  1.00 7.90  ? 54  GLY A CA  1 
ATOM   441  C C   . GLY A 1 56  ? -5.941  8.476   10.034  1.00 8.99  ? 54  GLY A C   1 
ATOM   442  O O   . GLY A 1 56  ? -6.100  9.681   9.834   1.00 9.02  ? 54  GLY A O   1 
ATOM   443  N N   . CYS A 1 57  ? -4.906  7.799   9.537   1.00 5.63  ? 55  CYS A N   1 
ATOM   444  C CA  . CYS A 1 57  ? -3.832  8.499   8.814   1.00 6.79  ? 55  CYS A CA  1 
ATOM   445  C C   . CYS A 1 57  ? -4.199  8.806   7.363   1.00 8.05  ? 55  CYS A C   1 
ATOM   446  O O   . CYS A 1 57  ? -3.505  9.556   6.687   1.00 8.34  ? 55  CYS A O   1 
ATOM   447  C CB  . CYS A 1 57  ? -2.511  7.714   8.840   1.00 3.77  ? 55  CYS A CB  1 
ATOM   448  S SG  . CYS A 1 57  ? -2.465  6.255   7.768   1.00 6.69  ? 55  CYS A SG  1 
ATOM   449  N N   . VAL A 1 58  ? -5.282  8.215   6.885   1.00 6.84  ? 56  VAL A N   1 
ATOM   450  C CA  . VAL A 1 58  ? -5.597  8.300   5.470   1.00 5.25  ? 56  VAL A CA  1 
ATOM   451  C C   . VAL A 1 58  ? -7.060  8.676   5.281   1.00 7.72  ? 56  VAL A C   1 
ATOM   452  O O   . VAL A 1 58  ? -7.935  8.231   6.035   1.00 10.56 ? 56  VAL A O   1 
ATOM   453  C CB  . VAL A 1 58  ? -5.201  6.988   4.709   1.00 9.16  ? 56  VAL A CB  1 
ATOM   454  C CG1 . VAL A 1 58  ? -5.954  5.798   5.235   1.00 9.70  ? 56  VAL A CG1 1 
ATOM   455  C CG2 . VAL A 1 58  ? -5.422  7.150   3.217   1.00 12.35 ? 56  VAL A CG2 1 
ATOM   456  N N   . HIS A 1 59  ? -7.316  9.527   4.295   1.00 3.92  ? 57  HIS A N   1 
ATOM   457  C CA  . HIS A 1 59  ? -8.673  9.975   4.035   1.00 4.74  ? 57  HIS A CA  1 
ATOM   458  C C   . HIS A 1 59  ? -9.387  9.019   3.091   1.00 6.97  ? 57  HIS A C   1 
ATOM   459  O O   . HIS A 1 59  ? -9.422  9.229   1.878   1.00 6.60  ? 57  HIS A O   1 
ATOM   460  C CB  . HIS A 1 59  ? -8.667  11.405  3.494   1.00 6.64  ? 57  HIS A CB  1 
ATOM   461  C CG  . HIS A 1 59  ? -8.058  12.399  4.435   1.00 8.76  ? 57  HIS A CG  1 
ATOM   462  N ND1 . HIS A 1 59  ? -7.325  13.481  4.000   1.00 20.54 ? 57  HIS A ND1 1 
ATOM   463  C CD2 . HIS A 1 59  ? -8.055  12.462  5.788   1.00 17.79 ? 57  HIS A CD2 1 
ATOM   464  C CE1 . HIS A 1 59  ? -6.904  14.174  5.044   1.00 18.81 ? 57  HIS A CE1 1 
ATOM   465  N NE2 . HIS A 1 59  ? -7.333  13.577  6.142   1.00 17.24 ? 57  HIS A NE2 1 
ATOM   466  N N   . LEU A 1 60  ? -9.972  7.966   3.663   1.00 8.55  ? 58  LEU A N   1 
ATOM   467  C CA  . LEU A 1 60  ? -10.537 6.887   2.859   1.00 7.93  ? 58  LEU A CA  1 
ATOM   468  C C   . LEU A 1 60  ? -11.784 7.317   2.103   1.00 8.35  ? 58  LEU A C   1 
ATOM   469  O O   . LEU A 1 60  ? -12.106 6.722   1.079   1.00 8.36  ? 58  LEU A O   1 
ATOM   470  C CB  . LEU A 1 60  ? -10.809 5.637   3.702   1.00 9.81  ? 58  LEU A CB  1 
ATOM   471  C CG  . LEU A 1 60  ? -9.583  4.824   4.139   1.00 12.20 ? 58  LEU A CG  1 
ATOM   472  C CD1 . LEU A 1 60  ? -10.010 3.579   4.880   1.00 9.51  ? 58  LEU A CD1 1 
ATOM   473  C CD2 . LEU A 1 60  ? -8.698  4.438   2.959   1.00 11.26 ? 58  LEU A CD2 1 
ATOM   474  N N   . ARG A 1 61  ? -12.462 8.363   2.585   1.00 9.12  ? 59  ARG A N   1 
ATOM   475  C CA  . ARG A 1 61  ? -13.594 8.938   1.848   1.00 10.09 ? 59  ARG A CA  1 
ATOM   476  C C   . ARG A 1 61  ? -13.199 9.445   0.454   1.00 10.37 ? 59  ARG A C   1 
ATOM   477  O O   . ARG A 1 61  ? -14.052 9.570   -0.439  1.00 9.62  ? 59  ARG A O   1 
ATOM   478  C CB  . ARG A 1 61  ? -14.261 10.051  2.653   1.00 11.01 ? 59  ARG A CB  1 
ATOM   479  C CG  . ARG A 1 61  ? -15.036 9.540   3.851   1.00 9.63  ? 59  ARG A CG  1 
ATOM   480  C CD  . ARG A 1 61  ? -15.790 10.649  4.549   1.00 20.92 ? 59  ARG A CD  1 
ATOM   481  N NE  . ARG A 1 61  ? -14.888 11.624  5.157   1.00 29.95 ? 59  ARG A NE  1 
ATOM   482  C CZ  . ARG A 1 61  ? -15.246 12.507  6.084   1.00 29.09 ? 59  ARG A CZ  1 
ATOM   483  N NH1 . ARG A 1 61  ? -16.497 12.550  6.530   1.00 33.36 ? 59  ARG A NH1 1 
ATOM   484  N NH2 . ARG A 1 61  ? -14.344 13.348  6.572   1.00 30.03 ? 59  ARG A NH2 1 
ATOM   485  N N   . LYS A 1 62  ? -11.912 9.730   0.264   1.00 7.46  ? 60  LYS A N   1 
ATOM   486  C CA  . LYS A 1 62  ? -11.414 10.181  -1.037  1.00 7.87  ? 60  LYS A CA  1 
ATOM   487  C C   . LYS A 1 62  ? -11.005 9.045   -1.966  1.00 6.91  ? 60  LYS A C   1 
ATOM   488  O O   . LYS A 1 62  ? -10.814 9.272   -3.164  1.00 8.25  ? 60  LYS A O   1 
ATOM   489  C CB  . LYS A 1 62  ? -10.228 11.117  -0.857  1.00 7.06  ? 60  LYS A CB  1 
ATOM   490  C CG  . LYS A 1 62  ? -10.589 12.468  -0.301  1.00 10.01 ? 60  LYS A CG  1 
ATOM   491  C CD  . LYS A 1 62  ? -9.415  13.414  -0.393  1.00 14.13 ? 60  LYS A CD  1 
ATOM   492  C CE  . LYS A 1 62  ? -9.711  14.694  0.362   1.00 18.78 ? 60  LYS A CE  1 
ATOM   493  N NZ  . LYS A 1 62  ? -8.465  15.465  0.611   1.00 25.85 ? 60  LYS A NZ  1 
ATOM   494  N N   . VAL A 1 63  ? -10.894 7.832   -1.433  1.00 5.49  ? 61  VAL A N   1 
ATOM   495  C CA  . VAL A 1 63  ? -10.366 6.710   -2.207  1.00 7.97  ? 61  VAL A CA  1 
ATOM   496  C C   . VAL A 1 63  ? -11.375 6.211   -3.230  1.00 7.97  ? 61  VAL A C   1 
ATOM   497  O O   . VAL A 1 63  ? -12.562 6.065   -2.932  1.00 9.79  ? 61  VAL A O   1 
ATOM   498  C CB  . VAL A 1 63  ? -9.882  5.564   -1.295  1.00 9.42  ? 61  VAL A CB  1 
ATOM   499  C CG1 . VAL A 1 63  ? -9.427  4.349   -2.128  1.00 12.94 ? 61  VAL A CG1 1 
ATOM   500  C CG2 . VAL A 1 63  ? -8.728  6.047   -0.406  1.00 10.75 ? 61  VAL A CG2 1 
ATOM   501  N N   . LYS A 1 64  ? -10.891 5.999   -4.452  1.00 4.74  ? 62  LYS A N   1 
ATOM   502  C CA  . LYS A 1 64  ? -11.702 5.443   -5.523  1.00 6.60  ? 62  LYS A CA  1 
ATOM   503  C C   . LYS A 1 64  ? -11.445 3.945   -5.584  1.00 4.55  ? 62  LYS A C   1 
ATOM   504  O O   . LYS A 1 64  ? -10.380 3.507   -6.014  1.00 4.75  ? 62  LYS A O   1 
ATOM   505  C CB  . LYS A 1 64  ? -11.356 6.127   -6.851  1.00 5.71  ? 62  LYS A CB  1 
ATOM   506  C CG  . LYS A 1 64  ? -11.651 7.620   -6.853  1.00 9.04  ? 62  LYS A CG  1 
ATOM   507  C CD  . LYS A 1 64  ? -11.231 8.280   -8.141  1.00 12.02 ? 62  LYS A CD  1 
ATOM   508  C CE  . LYS A 1 64  ? -11.648 9.738   -8.157  1.00 15.40 ? 62  LYS A CE  1 
ATOM   509  N NZ  . LYS A 1 64  ? -13.128 9.900   -8.250  1.00 14.96 ? 62  LYS A NZ  1 
ATOM   510  N N   . PHE A 1 65  ? -12.425 3.158   -5.146  1.00 8.49  ? 63  PHE A N   1 
ATOM   511  C CA  . PHE A 1 65  ? -12.231 1.717   -4.977  1.00 8.81  ? 63  PHE A CA  1 
ATOM   512  C C   . PHE A 1 65  ? -12.440 0.914   -6.255  1.00 11.77 ? 63  PHE A C   1 
ATOM   513  O O   . PHE A 1 65  ? -12.014 -0.242  -6.351  1.00 15.69 ? 63  PHE A O   1 
ATOM   514  C CB  . PHE A 1 65  ? -13.122 1.179   -3.857  1.00 8.76  ? 63  PHE A CB  1 
ATOM   515  C CG  . PHE A 1 65  ? -12.665 1.571   -2.491  1.00 10.32 ? 63  PHE A CG  1 
ATOM   516  C CD1 . PHE A 1 65  ? -11.712 0.821   -1.822  1.00 16.51 ? 63  PHE A CD1 1 
ATOM   517  C CD2 . PHE A 1 65  ? -13.192 2.694   -1.872  1.00 10.87 ? 63  PHE A CD2 1 
ATOM   518  C CE1 . PHE A 1 65  ? -11.288 1.190   -0.553  1.00 14.73 ? 63  PHE A CE1 1 
ATOM   519  C CE2 . PHE A 1 65  ? -12.776 3.071   -0.610  1.00 15.53 ? 63  PHE A CE2 1 
ATOM   520  C CZ  . PHE A 1 65  ? -11.828 2.320   0.058   1.00 14.57 ? 63  PHE A CZ  1 
ATOM   521  N N   . GLN A 1 66  ? -13.092 1.528   -7.236  1.00 10.03 ? 64  GLN A N   1 
ATOM   522  C CA  . GLN A 1 66  ? -13.288 0.892   -8.531  1.00 12.57 ? 64  GLN A CA  1 
ATOM   523  C C   . GLN A 1 66  ? -12.608 1.680   -9.656  1.00 9.92  ? 64  GLN A C   1 
ATOM   524  O O   . GLN A 1 66  ? -13.132 1.764   -10.768 1.00 12.82 ? 64  GLN A O   1 
ATOM   525  C CB  . GLN A 1 66  ? -14.786 0.736   -8.800  1.00 12.64 ? 64  GLN A CB  1 
ATOM   526  C CG  . GLN A 1 66  ? -15.135 -0.379  -9.769  1.00 22.27 ? 64  GLN A CG  1 
ATOM   527  C CD  . GLN A 1 66  ? -16.598 -0.766  -9.732  1.00 25.23 ? 64  GLN A CD  1 
ATOM   528  O OE1 . GLN A 1 66  ? -17.479 0.078   -9.560  1.00 29.60 ? 64  GLN A OE1 1 
ATOM   529  N NE2 . GLN A 1 66  ? -16.864 -2.053  -9.899  1.00 22.11 ? 64  GLN A NE2 1 
ATOM   530  N N   . ALA A 1 67  ? -11.436 2.246   -9.360  1.00 11.34 ? 65  ALA A N   1 
ATOM   531  C CA  . ALA A 1 67  ? -10.696 3.077   -10.317 1.00 9.55  ? 65  ALA A CA  1 
ATOM   532  C C   . ALA A 1 67  ? -10.293 2.279   -11.554 1.00 12.19 ? 65  ALA A C   1 
ATOM   533  O O   . ALA A 1 67  ? -9.845  1.137   -11.439 1.00 14.18 ? 65  ALA A O   1 
ATOM   534  C CB  . ALA A 1 67  ? -9.464  3.686   -9.643  1.00 10.48 ? 65  ALA A CB  1 
ATOM   535  N N   . LYS A 1 68  ? -10.464 2.877   -12.733 1.00 9.73  ? 66  LYS A N   1 
ATOM   536  C CA  . LYS A 1 68  ? -10.116 2.209   -13.987 1.00 10.94 ? 66  LYS A CA  1 
ATOM   537  C C   . LYS A 1 68  ? -9.187  3.027   -14.876 1.00 13.06 ? 66  LYS A C   1 
ATOM   538  O O   . LYS A 1 68  ? -8.608  2.500   -15.836 1.00 14.85 ? 66  LYS A O   1 
ATOM   539  C CB  . LYS A 1 68  ? -11.377 1.865   -14.787 1.00 7.25  ? 66  LYS A CB  1 
ATOM   540  C CG  . LYS A 1 68  ? -12.121 0.641   -14.312 1.00 14.17 ? 66  LYS A CG  1 
ATOM   541  C CD  . LYS A 1 68  ? -13.330 0.407   -15.204 1.00 13.94 ? 66  LYS A CD  1 
ATOM   542  C CE  . LYS A 1 68  ? -13.561 -1.065  -15.469 1.00 23.73 ? 66  LYS A CE  1 
ATOM   543  N NZ  . LYS A 1 68  ? -14.569 -1.247  -16.542 1.00 18.96 ? 66  LYS A NZ  1 
ATOM   544  N N   . LEU A 1 69  ? -9.062  4.312   -14.576 1.00 9.75  ? 67  LEU A N   1 
ATOM   545  C CA  . LEU A 1 69  ? -8.326  5.219   -15.452 1.00 9.50  ? 67  LEU A CA  1 
ATOM   546  C C   . LEU A 1 69  ? -7.151  5.830   -14.735 1.00 9.18  ? 67  LEU A C   1 
ATOM   547  O O   . LEU A 1 69  ? -7.187  6.016   -13.516 1.00 8.29  ? 67  LEU A O   1 
ATOM   548  C CB  . LEU A 1 69  ? -9.248  6.313   -16.018 1.00 10.66 ? 67  LEU A CB  1 
ATOM   549  C CG  . LEU A 1 69  ? -10.419 5.827   -16.881 1.00 10.37 ? 67  LEU A CG  1 
ATOM   550  C CD1 . LEU A 1 69  ? -11.217 6.997   -17.421 1.00 15.67 ? 67  LEU A CD1 1 
ATOM   551  C CD2 . LEU A 1 69  ? -9.929  4.943   -18.022 1.00 15.66 ? 67  LEU A CD2 1 
ATOM   552  N N   . GLU A 1 70  ? -6.111  6.163   -15.498 1.00 9.59  ? 68  GLU A N   1 
ATOM   553  C CA  . GLU A 1 70  ? -4.890  6.739   -14.921 1.00 10.99 ? 68  GLU A CA  1 
ATOM   554  C C   . GLU A 1 70  ? -5.134  7.895   -13.963 1.00 12.28 ? 68  GLU A C   1 
ATOM   555  O O   . GLU A 1 70  ? -4.551  7.921   -12.880 1.00 10.23 ? 68  GLU A O   1 
ATOM   556  C CB  . GLU A 1 70  ? -3.894  7.152   -16.011 1.00 10.70 ? 68  GLU A CB  1 
ATOM   557  C CG  . GLU A 1 70  ? -2.649  7.858   -15.465 1.00 20.88 ? 68  GLU A CG  1 
ATOM   558  C CD  . GLU A 1 70  ? -1.585  8.104   -16.522 1.00 19.94 ? 68  GLU A CD  1 
ATOM   559  O OE1 . GLU A 1 70  ? -0.877  7.137   -16.883 1.00 29.65 ? 68  GLU A OE1 1 
ATOM   560  O OE2 . GLU A 1 70  ? -1.445  9.261   -16.986 1.00 30.09 ? 68  GLU A OE2 1 
ATOM   561  N N   . HIS A 1 71  ? -5.993  8.835   -14.343 1.00 7.63  ? 69  HIS A N   1 
ATOM   562  C CA  . HIS A 1 71  ? -6.255  9.987   -13.483 1.00 10.73 ? 69  HIS A CA  1 
ATOM   563  C C   . HIS A 1 71  ? -6.829  9.561   -12.128 1.00 8.43  ? 69  HIS A C   1 
ATOM   564  O O   . HIS A 1 71  ? -6.530  10.179  -11.098 1.00 8.48  ? 69  HIS A O   1 
ATOM   565  C CB  . HIS A 1 71  ? -7.082  11.069  -14.210 1.00 12.30 ? 69  HIS A CB  1 
ATOM   566  C CG  . HIS A 1 71  ? -8.547  10.774  -14.319 1.00 12.07 ? 69  HIS A CG  1 
ATOM   567  N ND1 . HIS A 1 71  ? -9.131  10.303  -15.476 1.00 14.63 ? 69  HIS A ND1 1 
ATOM   568  C CD2 . HIS A 1 71  ? -9.555  10.929  -13.427 1.00 11.62 ? 69  HIS A CD2 1 
ATOM   569  C CE1 . HIS A 1 71  ? -10.431 10.161  -15.284 1.00 12.85 ? 69  HIS A CE1 1 
ATOM   570  N NE2 . HIS A 1 71  ? -10.713 10.530  -14.047 1.00 20.45 ? 69  HIS A NE2 1 
ATOM   571  N N   . GLU A 1 72  ? -7.582  8.456   -12.102 1.00 9.11  ? 70  GLU A N   1 
ATOM   572  C CA  . GLU A 1 72  ? -8.166  7.953   -10.859 1.00 9.86  ? 70  GLU A CA  1 
ATOM   573  C C   . GLU A 1 72  ? -7.098  7.273   -10.028 1.00 11.19 ? 70  GLU A C   1 
ATOM   574  O O   . GLU A 1 72  ? -7.091  7.383   -8.803  1.00 8.22  ? 70  GLU A O   1 
ATOM   575  C CB  . GLU A 1 72  ? -9.325  6.982   -11.129 1.00 10.75 ? 70  GLU A CB  1 
ATOM   576  C CG  . GLU A 1 72  ? -10.570 7.651   -11.743 1.00 10.20 ? 70  GLU A CG  1 
ATOM   577  C CD  . GLU A 1 72  ? -11.588 6.660   -12.319 1.00 13.34 ? 70  GLU A CD  1 
ATOM   578  O OE1 . GLU A 1 72  ? -11.207 5.568   -12.805 1.00 14.81 ? 70  GLU A OE1 1 
ATOM   579  O OE2 . GLU A 1 72  ? -12.793 6.992   -12.305 1.00 24.24 ? 70  GLU A OE2 1 
ATOM   580  N N   . TYR A 1 73  ? -6.178  6.590   -10.697 1.00 9.73  ? 71  TYR A N   1 
ATOM   581  C CA  . TYR A 1 73  ? -5.042  6.001   -10.000 1.00 7.51  ? 71  TYR A CA  1 
ATOM   582  C C   . TYR A 1 73  ? -4.192  7.091   -9.365  1.00 7.99  ? 71  TYR A C   1 
ATOM   583  O O   . TYR A 1 73  ? -3.826  6.970   -8.198  1.00 11.47 ? 71  TYR A O   1 
ATOM   584  C CB  . TYR A 1 73  ? -4.164  5.193   -10.939 1.00 5.75  ? 71  TYR A CB  1 
ATOM   585  C CG  . TYR A 1 73  ? -4.828  4.053   -11.671 1.00 7.60  ? 71  TYR A CG  1 
ATOM   586  C CD1 . TYR A 1 73  ? -6.021  3.487   -11.218 1.00 10.26 ? 71  TYR A CD1 1 
ATOM   587  C CD2 . TYR A 1 73  ? -4.217  3.505   -12.785 1.00 11.27 ? 71  TYR A CD2 1 
ATOM   588  C CE1 . TYR A 1 73  ? -6.602  2.415   -11.892 1.00 9.85  ? 71  TYR A CE1 1 
ATOM   589  C CE2 . TYR A 1 73  ? -4.787  2.447   -13.463 1.00 9.00  ? 71  TYR A CE2 1 
ATOM   590  C CZ  . TYR A 1 73  ? -5.977  1.915   -12.999 1.00 5.90  ? 71  TYR A CZ  1 
ATOM   591  O OH  . TYR A 1 73  ? -6.523  0.853   -13.681 1.00 10.13 ? 71  TYR A OH  1 
ATOM   592  N N   . ILE A 1 74  ? -3.879  8.154   -10.119 1.00 9.07  ? 72  ILE A N   1 
ATOM   593  C CA  . ILE A 1 74  ? -3.149  9.293   -9.558  1.00 8.06  ? 72  ILE A CA  1 
ATOM   594  C C   . ILE A 1 74  ? -3.876  9.883   -8.362  1.00 10.08 ? 72  ILE A C   1 
ATOM   595  O O   . ILE A 1 74  ? -3.264  10.194  -7.343  1.00 9.57  ? 72  ILE A O   1 
ATOM   596  C CB  . ILE A 1 74  ? -2.953  10.363  -10.615 1.00 5.61  ? 72  ILE A CB  1 
ATOM   597  C CG1 . ILE A 1 74  ? -2.005  9.823   -11.687 1.00 8.72  ? 72  ILE A CG1 1 
ATOM   598  C CG2 . ILE A 1 74  ? -2.364  11.651  -9.975  1.00 9.27  ? 72  ILE A CG2 1 
ATOM   599  C CD1 . ILE A 1 74  ? -2.034  10.591  -12.979 1.00 10.28 ? 72  ILE A CD1 1 
ATOM   600  N N   . HIS A 1 75  ? -5.194  10.001  -8.456  1.00 8.55  ? 73  HIS A N   1 
ATOM   601  C CA  . HIS A 1 75  ? -5.997  10.442  -7.318  1.00 6.10  ? 73  HIS A CA  1 
ATOM   602  C C   . HIS A 1 75  ? -5.715  9.633   -6.057  1.00 8.62  ? 73  HIS A C   1 
ATOM   603  O O   . HIS A 1 75  ? -5.491  10.196  -4.967  1.00 7.38  ? 73  HIS A O   1 
ATOM   604  C CB  . HIS A 1 75  ? -7.485  10.357  -7.683  1.00 7.19  ? 73  HIS A CB  1 
ATOM   605  C CG  . HIS A 1 75  ? -8.401  10.820  -6.598  1.00 8.74  ? 73  HIS A CG  1 
ATOM   606  N ND1 . HIS A 1 75  ? -8.894  12.106  -6.544  1.00 8.81  ? 73  HIS A ND1 1 
ATOM   607  C CD2 . HIS A 1 75  ? -8.940  10.160  -5.542  1.00 9.46  ? 73  HIS A CD2 1 
ATOM   608  C CE1 . HIS A 1 75  ? -9.688  12.220  -5.492  1.00 10.65 ? 73  HIS A CE1 1 
ATOM   609  N NE2 . HIS A 1 75  ? -9.735  11.053  -4.871  1.00 9.91  ? 73  HIS A NE2 1 
ATOM   610  N N   . ASN A 1 76  ? -5.768  8.314   -6.174  1.00 7.07  ? 74  ASN A N   1 
ATOM   611  C CA  . ASN A 1 76  ? -5.521  7.464   -5.002  1.00 6.04  ? 74  ASN A CA  1 
ATOM   612  C C   . ASN A 1 76  ? -4.103  7.564   -4.468  1.00 8.73  ? 74  ASN A C   1 
ATOM   613  O O   . ASN A 1 76  ? -3.905  7.543   -3.257  1.00 7.07  ? 74  ASN A O   1 
ATOM   614  C CB  . ASN A 1 76  ? -5.858  6.004   -5.285  1.00 6.45  ? 74  ASN A CB  1 
ATOM   615  C CG  . ASN A 1 76  ? -7.344  5.772   -5.458  1.00 6.87  ? 74  ASN A CG  1 
ATOM   616  O OD1 . ASN A 1 76  ? -8.161  6.566   -5.008  1.00 9.18  ? 74  ASN A OD1 1 
ATOM   617  N ND2 . ASN A 1 76  ? -7.705  4.663   -6.093  1.00 7.57  ? 74  ASN A ND2 1 
ATOM   618  N N   . PHE A 1 77  ? -3.119  7.674   -5.351  1.00 8.09  ? 75  PHE A N   1 
ATOM   619  C CA  . PHE A 1 77  ? -1.756  7.904   -4.903  1.00 9.67  ? 75  PHE A CA  1 
ATOM   620  C C   . PHE A 1 77  ? -1.519  9.254   -4.225  1.00 9.49  ? 75  PHE A C   1 
ATOM   621  O O   . PHE A 1 77  ? -0.620  9.360   -3.400  1.00 8.48  ? 75  PHE A O   1 
ATOM   622  C CB  . PHE A 1 77  ? -0.749  7.630   -6.020  1.00 8.54  ? 75  PHE A CB  1 
ATOM   623  C CG  . PHE A 1 77  ? -0.447  6.170   -6.188  1.00 7.42  ? 75  PHE A CG  1 
ATOM   624  C CD1 . PHE A 1 77  ? 0.325   5.501   -5.242  1.00 9.71  ? 75  PHE A CD1 1 
ATOM   625  C CD2 . PHE A 1 77  ? -0.966  5.460   -7.258  1.00 9.55  ? 75  PHE A CD2 1 
ATOM   626  C CE1 . PHE A 1 77  ? 0.597   4.142   -5.355  1.00 6.83  ? 75  PHE A CE1 1 
ATOM   627  C CE2 . PHE A 1 77  ? -0.707  4.100   -7.393  1.00 10.65 ? 75  PHE A CE2 1 
ATOM   628  C CZ  . PHE A 1 77  ? 0.077   3.430   -6.449  1.00 8.65  ? 75  PHE A CZ  1 
ATOM   629  N N   . LYS A 1 78  ? -2.299  10.281  -4.566  1.00 4.64  ? 76  LYS A N   1 
ATOM   630  C CA  . LYS A 1 78  ? -2.264  11.546  -3.826  1.00 5.30  ? 76  LYS A CA  1 
ATOM   631  C C   . LYS A 1 78  ? -2.708  11.324  -2.387  1.00 6.01  ? 76  LYS A C   1 
ATOM   632  O O   . LYS A 1 78  ? -2.075  11.823  -1.458  1.00 6.38  ? 76  LYS A O   1 
ATOM   633  C CB  . LYS A 1 78  ? -3.102  12.622  -4.534  1.00 5.14  ? 76  LYS A CB  1 
ATOM   634  C CG  . LYS A 1 78  ? -2.483  13.108  -5.823  1.00 15.81 ? 76  LYS A CG  1 
ATOM   635  C CD  . LYS A 1 78  ? -1.231  13.961  -5.591  1.00 21.93 ? 76  LYS A CD  1 
ATOM   636  C CE  . LYS A 1 78  ? -0.588  14.370  -6.907  1.00 29.31 ? 76  LYS A CE  1 
ATOM   637  N NZ  . LYS A 1 78  ? 0.778   14.929  -6.708  1.00 30.93 ? 76  LYS A NZ  1 
ATOM   638  N N   . VAL A 1 79  ? -3.794  10.572  -2.217  1.00 3.59  ? 77  VAL A N   1 
ATOM   639  C CA  . VAL A 1 79  ? -4.268  10.153  -0.908  1.00 4.47  ? 77  VAL A CA  1 
ATOM   640  C C   . VAL A 1 79  ? -3.183  9.367   -0.147  1.00 5.91  ? 77  VAL A C   1 
ATOM   641  O O   . VAL A 1 79  ? -2.934  9.612   1.056   1.00 4.84  ? 77  VAL A O   1 
ATOM   642  C CB  . VAL A 1 79  ? -5.587  9.338   -1.043  1.00 4.51  ? 77  VAL A CB  1 
ATOM   643  C CG1 . VAL A 1 79  ? -6.066  8.850   0.304   1.00 6.18  ? 77  VAL A CG1 1 
ATOM   644  C CG2 . VAL A 1 79  ? -6.664  10.176  -1.753  1.00 6.50  ? 77  VAL A CG2 1 
ATOM   645  N N   . LEU A 1 80  ? -2.485  8.481   -0.845  1.00 7.47  ? 78  LEU A N   1 
ATOM   646  C CA  . LEU A 1 80  ? -1.437  7.686   -0.215  1.00 5.53  ? 78  LEU A CA  1 
ATOM   647  C C   . LEU A 1 80  ? -0.283  8.581   0.196   1.00 5.27  ? 78  LEU A C   1 
ATOM   648  O O   . LEU A 1 80  ? 0.258   8.421   1.281   1.00 5.06  ? 78  LEU A O   1 
ATOM   649  C CB  . LEU A 1 80  ? -0.915  6.598   -1.162  1.00 4.26  ? 78  LEU A CB  1 
ATOM   650  C CG  . LEU A 1 80  ? 0.118   5.646   -0.534  1.00 2.06  ? 78  LEU A CG  1 
ATOM   651  C CD1 . LEU A 1 80  ? -0.466  4.898   0.683   1.00 7.14  ? 78  LEU A CD1 1 
ATOM   652  C CD2 . LEU A 1 80  ? 0.646   4.669   -1.561  1.00 2.00  ? 78  LEU A CD2 1 
ATOM   653  N N   . GLN A 1 81  ? 0.091   9.511   -0.677  1.00 4.03  ? 79  GLN A N   1 
ATOM   654  C CA  A GLN A 1 81  ? 1.205   10.409  -0.381  0.50 3.11  ? 79  GLN A CA  1 
ATOM   655  C CA  B GLN A 1 81  ? 1.207   10.415  -0.390  0.50 3.24  ? 79  GLN A CA  1 
ATOM   656  C C   . GLN A 1 81  ? 0.927   11.252  0.855   1.00 4.70  ? 79  GLN A C   1 
ATOM   657  O O   . GLN A 1 81  ? 1.815   11.461  1.671   1.00 5.12  ? 79  GLN A O   1 
ATOM   658  C CB  A GLN A 1 81  ? 1.532   11.315  -1.567  0.50 3.43  ? 79  GLN A CB  1 
ATOM   659  C CB  B GLN A 1 81  ? 1.514   11.300  -1.602  0.50 3.06  ? 79  GLN A CB  1 
ATOM   660  C CG  A GLN A 1 81  ? 2.848   12.054  -1.383  0.50 2.00  ? 79  GLN A CG  1 
ATOM   661  C CG  B GLN A 1 81  ? 2.303   10.568  -2.689  0.50 2.00  ? 79  GLN A CG  1 
ATOM   662  C CD  A GLN A 1 81  ? 4.014   11.117  -1.086  0.50 10.04 ? 79  GLN A CD  1 
ATOM   663  C CD  B GLN A 1 81  ? 2.452   11.370  -3.970  0.50 4.32  ? 79  GLN A CD  1 
ATOM   664  O OE1 A GLN A 1 81  ? 4.392   10.311  -1.932  0.50 19.27 ? 79  GLN A OE1 1 
ATOM   665  O OE1 B GLN A 1 81  ? 1.479   11.910  -4.508  0.50 6.13  ? 79  GLN A OE1 1 
ATOM   666  N NE2 A GLN A 1 81  ? 4.590   11.221  0.116   0.50 6.00  ? 79  GLN A NE2 1 
ATOM   667  N NE2 B GLN A 1 81  ? 3.676   11.431  -4.483  0.50 2.83  ? 79  GLN A NE2 1 
ATOM   668  N N   . ALA A 1 82  ? -0.312  11.715  0.990   1.00 3.58  ? 80  ALA A N   1 
ATOM   669  C CA  . ALA A 1 82  ? -0.713  12.475  2.170   1.00 5.74  ? 80  ALA A CA  1 
ATOM   670  C C   . ALA A 1 82  ? -0.573  11.608  3.428   1.00 5.57  ? 80  ALA A C   1 
ATOM   671  O O   . ALA A 1 82  ? -0.127  12.080  4.472   1.00 4.50  ? 80  ALA A O   1 
ATOM   672  C CB  . ALA A 1 82  ? -2.132  12.969  2.024   1.00 7.00  ? 80  ALA A CB  1 
ATOM   673  N N   . ALA A 1 83  ? -0.944  10.340  3.333   1.00 4.64  ? 81  ALA A N   1 
ATOM   674  C CA  . ALA A 1 83  ? -0.833  9.449   4.478   1.00 5.44  ? 81  ALA A CA  1 
ATOM   675  C C   . ALA A 1 83  ? 0.626   9.222   4.857   1.00 4.13  ? 81  ALA A C   1 
ATOM   676  O O   . ALA A 1 83  ? 0.982   9.193   6.029   1.00 5.00  ? 81  ALA A O   1 
ATOM   677  C CB  . ALA A 1 83  ? -1.508  8.114   4.197   1.00 8.16  ? 81  ALA A CB  1 
ATOM   678  N N   . PHE A 1 84  ? 1.478   9.057   3.860   1.00 3.86  ? 82  PHE A N   1 
ATOM   679  C CA  . PHE A 1 84  ? 2.930   8.930   4.090   1.00 6.20  ? 82  PHE A CA  1 
ATOM   680  C C   . PHE A 1 84  ? 3.507   10.164  4.791   1.00 6.02  ? 82  PHE A C   1 
ATOM   681  O O   . PHE A 1 84  ? 4.241   10.049  5.782   1.00 6.62  ? 82  PHE A O   1 
ATOM   682  C CB  . PHE A 1 84  ? 3.667   8.731   2.767   1.00 6.05  ? 82  PHE A CB  1 
ATOM   683  C CG  . PHE A 1 84  ? 3.746   7.292   2.294   1.00 5.02  ? 82  PHE A CG  1 
ATOM   684  C CD1 . PHE A 1 84  ? 2.747   6.364   2.572   1.00 7.11  ? 82  PHE A CD1 1 
ATOM   685  C CD2 . PHE A 1 84  ? 4.832   6.890   1.508   1.00 7.60  ? 82  PHE A CD2 1 
ATOM   686  C CE1 . PHE A 1 84  ? 2.837   5.040   2.105   1.00 7.02  ? 82  PHE A CE1 1 
ATOM   687  C CE2 . PHE A 1 84  ? 4.933   5.566   1.038   1.00 8.31  ? 82  PHE A CE2 1 
ATOM   688  C CZ  . PHE A 1 84  ? 3.937   4.644   1.339   1.00 7.24  ? 82  PHE A CZ  1 
ATOM   689  N N   . LYS A 1 85  ? 3.184   11.351  4.296   1.00 4.80  ? 83  LYS A N   1 
ATOM   690  C CA  . LYS A 1 85  ? 3.616   12.587  4.963   1.00 4.40  ? 83  LYS A CA  1 
ATOM   691  C C   . LYS A 1 85  ? 3.151   12.652  6.437   1.00 5.92  ? 83  LYS A C   1 
ATOM   692  O O   . LYS A 1 85  ? 3.944   12.953  7.333   1.00 6.10  ? 83  LYS A O   1 
ATOM   693  C CB  . LYS A 1 85  ? 3.120   13.804  4.179   1.00 4.50  ? 83  LYS A CB  1 
ATOM   694  C CG  . LYS A 1 85  ? 3.537   15.134  4.828   1.00 4.16  ? 83  LYS A CG  1 
ATOM   695  C CD  . LYS A 1 85  ? 2.851   16.302  4.125   1.00 5.29  ? 83  LYS A CD  1 
ATOM   696  C CE  . LYS A 1 85  ? 3.500   17.656  4.438   1.00 7.96  ? 83  LYS A CE  1 
ATOM   697  N NZ  . LYS A 1 85  ? 2.898   18.716  3.585   1.00 17.63 ? 83  LYS A NZ  1 
ATOM   698  N N   . LYS A 1 86  ? 1.879   12.346  6.679   1.00 4.57  ? 84  LYS A N   1 
ATOM   699  C CA  . LYS A 1 86  ? 1.307   12.372  8.025   1.00 6.19  ? 84  LYS A CA  1 
ATOM   700  C C   . LYS A 1 86  ? 2.053   11.440  8.991   1.00 5.99  ? 84  LYS A C   1 
ATOM   701  O O   . LYS A 1 86  ? 2.285   11.780  10.164  1.00 6.60  ? 84  LYS A O   1 
ATOM   702  C CB  . LYS A 1 86  ? -0.184  12.021  7.928   1.00 4.70  ? 84  LYS A CB  1 
ATOM   703  C CG  . LYS A 1 86  ? -0.970  12.081  9.223   1.00 11.68 ? 84  LYS A CG  1 
ATOM   704  C CD  . LYS A 1 86  ? -2.450  12.067  8.891   1.00 15.99 ? 84  LYS A CD  1 
ATOM   705  C CE  . LYS A 1 86  ? -3.307  12.416  10.095  1.00 24.23 ? 84  LYS A CE  1 
ATOM   706  N NZ  . LYS A 1 86  ? -4.741  12.095  9.831   1.00 21.39 ? 84  LYS A NZ  1 
ATOM   707  N N   . MET A 1 87  ? 2.441   10.266  8.493   1.00 5.49  ? 85  MET A N   1 
ATOM   708  C CA  . MET A 1 87  ? 3.099   9.246   9.309   1.00 3.78  ? 85  MET A CA  1 
ATOM   709  C C   . MET A 1 87  ? 4.625   9.302   9.327   1.00 6.12  ? 85  MET A C   1 
ATOM   710  O O   . MET A 1 87  ? 5.256   8.508   10.011  1.00 5.60  ? 85  MET A O   1 
ATOM   711  C CB  . MET A 1 87  ? 2.652   7.856   8.854   1.00 5.45  ? 85  MET A CB  1 
ATOM   712  C CG  . MET A 1 87  ? 1.161   7.562   9.097   1.00 8.71  ? 85  MET A CG  1 
ATOM   713  S SD  . MET A 1 87  ? 0.541   8.048   10.720  1.00 6.31  ? 85  MET A SD  1 
ATOM   714  C CE  . MET A 1 87  ? 1.620   7.133   11.819  1.00 8.01  ? 85  MET A CE  1 
ATOM   715  N N   . GLY A 1 88  ? 5.210   10.276  8.629   1.00 6.42  ? 86  GLY A N   1 
ATOM   716  C CA  . GLY A 1 88  ? 6.662   10.396  8.578   1.00 6.64  ? 86  GLY A CA  1 
ATOM   717  C C   . GLY A 1 88  ? 7.359   9.332   7.754   1.00 7.46  ? 86  GLY A C   1 
ATOM   718  O O   . GLY A 1 88  ? 8.528   9.026   8.003   1.00 9.45  ? 86  GLY A O   1 
ATOM   719  N N   . VAL A 1 89  ? 6.653   8.790   6.763   1.00 7.45  ? 87  VAL A N   1 
ATOM   720  C CA  . VAL A 1 89  ? 7.222   7.794   5.872   1.00 7.33  ? 87  VAL A CA  1 
ATOM   721  C C   . VAL A 1 89  ? 8.058   8.528   4.816   1.00 8.08  ? 87  VAL A C   1 
ATOM   722  O O   . VAL A 1 89  ? 7.549   9.397   4.098   1.00 9.09  ? 87  VAL A O   1 
ATOM   723  C CB  . VAL A 1 89  ? 6.144   6.962   5.157   1.00 5.09  ? 87  VAL A CB  1 
ATOM   724  C CG1 . VAL A 1 89  ? 6.790   5.897   4.265   1.00 8.65  ? 87  VAL A CG1 1 
ATOM   725  C CG2 . VAL A 1 89  ? 5.196   6.282   6.156   1.00 6.66  ? 87  VAL A CG2 1 
ATOM   726  N N   . ASP A 1 90  ? 9.336   8.186   4.724   1.00 8.52  ? 88  ASP A N   1 
ATOM   727  C CA  . ASP A 1 90  ? 10.243  8.947   3.857   1.00 6.65  ? 88  ASP A CA  1 
ATOM   728  C C   . ASP A 1 90  ? 10.524  8.312   2.492   1.00 10.09 ? 88  ASP A C   1 
ATOM   729  O O   . ASP A 1 90  ? 11.235  8.891   1.674   1.00 12.78 ? 88  ASP A O   1 
ATOM   730  C CB  . ASP A 1 90  ? 11.530  9.353   4.597   1.00 10.24 ? 88  ASP A CB  1 
ATOM   731  C CG  . ASP A 1 90  ? 12.344  8.159   5.088   1.00 13.62 ? 88  ASP A CG  1 
ATOM   732  O OD1 . ASP A 1 90  ? 12.052  7.010   4.698   1.00 15.11 ? 88  ASP A OD1 1 
ATOM   733  O OD2 . ASP A 1 90  ? 13.300  8.374   5.868   1.00 13.51 ? 88  ASP A OD2 1 
ATOM   734  N N   . LYS A 1 91  ? 9.914   7.154   2.241   1.00 5.44  ? 89  LYS A N   1 
ATOM   735  C CA  . LYS A 1 91  ? 10.010  6.474   0.945   1.00 5.49  ? 89  LYS A CA  1 
ATOM   736  C C   . LYS A 1 91  ? 9.352   7.293   -0.167  1.00 6.41  ? 89  LYS A C   1 
ATOM   737  O O   . LYS A 1 91  ? 8.208   7.705   -0.037  1.00 9.71  ? 89  LYS A O   1 
ATOM   738  C CB  . LYS A 1 91  ? 9.320   5.121   1.036   1.00 5.70  ? 89  LYS A CB  1 
ATOM   739  C CG  . LYS A 1 91  ? 9.272   4.302   -0.242  1.00 5.90  ? 89  LYS A CG  1 
ATOM   740  C CD  . LYS A 1 91  ? 10.635  3.668   -0.519  1.00 4.03  ? 89  LYS A CD  1 
ATOM   741  C CE  . LYS A 1 91  ? 10.544  2.621   -1.617  1.00 7.86  ? 89  LYS A CE  1 
ATOM   742  N NZ  . LYS A 1 91  ? 11.909  2.184   -2.010  1.00 16.36 ? 89  LYS A NZ  1 
ATOM   743  N N   . ILE A 1 92  ? 10.080  7.522   -1.259  1.00 6.44  ? 90  ILE A N   1 
ATOM   744  C CA  . ILE A 1 92  ? 9.518   8.225   -2.406  1.00 9.11  ? 90  ILE A CA  1 
ATOM   745  C C   . ILE A 1 92  ? 8.645   7.259   -3.198  1.00 10.08 ? 90  ILE A C   1 
ATOM   746  O O   . ILE A 1 92  ? 9.096   6.174   -3.557  1.00 10.37 ? 90  ILE A O   1 
ATOM   747  C CB  . ILE A 1 92  ? 10.639  8.800   -3.301  1.00 10.04 ? 90  ILE A CB  1 
ATOM   748  C CG1 . ILE A 1 92  ? 11.452  9.855   -2.536  1.00 11.90 ? 90  ILE A CG1 1 
ATOM   749  C CG2 . ILE A 1 92  ? 10.075  9.380   -4.606  1.00 11.18 ? 90  ILE A CG2 1 
ATOM   750  C CD1 . ILE A 1 92  ? 10.648  11.066  -2.067  1.00 15.78 ? 90  ILE A CD1 1 
ATOM   751  N N   . ILE A 1 93  ? 7.388   7.636   -3.423  1.00 8.30  ? 91  ILE A N   1 
ATOM   752  C CA  . ILE A 1 93  ? 6.487   6.832   -4.243  1.00 10.41 ? 91  ILE A CA  1 
ATOM   753  C C   . ILE A 1 93  ? 6.663   7.232   -5.694  1.00 9.84  ? 91  ILE A C   1 
ATOM   754  O O   . ILE A 1 93  ? 6.408   8.377   -6.045  1.00 11.02 ? 91  ILE A O   1 
ATOM   755  C CB  . ILE A 1 93  ? 5.013   7.046   -3.862  1.00 7.10  ? 91  ILE A CB  1 
ATOM   756  C CG1 . ILE A 1 93  ? 4.798   6.768   -2.377  1.00 6.35  ? 91  ILE A CG1 1 
ATOM   757  C CG2 . ILE A 1 93  ? 4.126   6.133   -4.703  1.00 11.34 ? 91  ILE A CG2 1 
ATOM   758  C CD1 . ILE A 1 93  ? 3.419   7.140   -1.879  1.00 9.15  ? 91  ILE A CD1 1 
ATOM   759  N N   . PRO A 1 94  ? 7.075   6.283   -6.554  1.00 14.21 ? 92  PRO A N   1 
ATOM   760  C CA  . PRO A 1 94  ? 7.220   6.584   -7.972  1.00 13.17 ? 92  PRO A CA  1 
ATOM   761  C C   . PRO A 1 94  ? 5.858   6.562   -8.679  1.00 15.00 ? 92  PRO A C   1 
ATOM   762  O O   . PRO A 1 94  ? 5.597   5.684   -9.515  1.00 13.90 ? 92  PRO A O   1 
ATOM   763  C CB  . PRO A 1 94  ? 8.097   5.439   -8.466  1.00 15.20 ? 92  PRO A CB  1 
ATOM   764  C CG  . PRO A 1 94  ? 7.658   4.281   -7.638  1.00 15.38 ? 92  PRO A CG  1 
ATOM   765  C CD  . PRO A 1 94  ? 7.422   4.877   -6.261  1.00 14.20 ? 92  PRO A CD  1 
ATOM   766  N N   . VAL A 1 95  ? 5.014   7.541   -8.371  1.00 15.07 ? 93  VAL A N   1 
ATOM   767  C CA  . VAL A 1 95  ? 3.623   7.542   -8.829  1.00 12.62 ? 93  VAL A CA  1 
ATOM   768  C C   . VAL A 1 95  ? 3.483   7.444   -10.342 1.00 15.27 ? 93  VAL A C   1 
ATOM   769  O O   . VAL A 1 95  ? 2.704   6.635   -10.832 1.00 14.18 ? 93  VAL A O   1 
ATOM   770  C CB  . VAL A 1 95  ? 2.843   8.773   -8.294  1.00 14.06 ? 93  VAL A CB  1 
ATOM   771  C CG1 . VAL A 1 95  ? 1.419   8.801   -8.846  1.00 13.28 ? 93  VAL A CG1 1 
ATOM   772  C CG2 . VAL A 1 95  ? 2.815   8.754   -6.779  1.00 8.69  ? 93  VAL A CG2 1 
ATOM   773  N N   . GLU A 1 96  ? 4.174   8.287   -11.107 1.00 15.85 ? 94  GLU A N   1 
ATOM   774  C CA  . GLU A 1 96  ? 4.102   8.239   -12.547 1.00 16.55 ? 94  GLU A CA  1 
ATOM   775  C C   . GLU A 1 96  ? 4.372   6.871   -13.156 1.00 15.50 ? 94  GLU A C   1 
ATOM   776  O O   . GLU A 1 96  ? 3.729   6.514   -14.038 1.00 13.34 ? 94  GLU A O   1 
ATOM   777  C CB  . GLU A 1 96  ? 5.179   9.113   -13.114 1.00 20.01 ? 94  GLU A CB  1 
ATOM   778  C CG  . GLU A 1 96  ? 5.058   10.553  -12.891 1.00 25.40 ? 94  GLU A CG  1 
ATOM   779  C CD  . GLU A 1 96  ? 6.278   11.265  -13.473 1.00 27.05 ? 94  GLU A CD  1 
ATOM   780  O OE1 . GLU A 1 96  ? 7.187   10.644  -13.834 1.00 27.88 ? 94  GLU A OE1 1 
ATOM   781  O OE2 . GLU A 1 96  ? 6.248   12.470  -13.569 1.00 34.57 ? 94  GLU A OE2 1 
ATOM   782  N N   . LYS A 1 97  ? 5.362   6.178   -12.638 1.00 14.80 ? 95  LYS A N   1 
ATOM   783  C CA  . LYS A 1 97  ? 5.659   4.835   -13.130 1.00 13.76 ? 95  LYS A CA  1 
ATOM   784  C C   . LYS A 1 97  ? 4.618   3.799   -12.693 1.00 11.90 ? 95  LYS A C   1 
ATOM   785  O O   . LYS A 1 97  ? 4.236   2.919   -13.477 1.00 14.46 ? 95  LYS A O   1 
ATOM   786  C CB  . LYS A 1 97  ? 7.058   4.405   -12.674 1.00 14.99 ? 95  LYS A CB  1 
ATOM   787  C CG  . LYS A 1 97  ? 8.179   5.310   -13.179 1.00 15.37 ? 95  LYS A CG  1 
ATOM   788  C CD  . LYS A 1 97  ? 9.536   4.874   -12.652 1.00 16.53 ? 95  LYS A CD  1 
ATOM   789  C CE  . LYS A 1 97  ? 10.670  5.578   -13.393 1.00 26.81 ? 95  LYS A CE  1 
ATOM   790  N NZ  . LYS A 1 97  ? 10.684  5.256   -14.849 1.00 25.77 ? 95  LYS A NZ  1 
ATOM   791  N N   . LEU A 1 98  ? 4.148   3.901   -11.453 1.00 11.16 ? 96  LEU A N   1 
ATOM   792  C CA  . LEU A 1 98  ? 3.187   2.917   -10.951 1.00 13.69 ? 96  LEU A CA  1 
ATOM   793  C C   . LEU A 1 98  ? 1.863   2.960   -11.701 1.00 13.12 ? 96  LEU A C   1 
ATOM   794  O O   . LEU A 1 98  ? 1.333   1.914   -12.082 1.00 10.11 ? 96  LEU A O   1 
ATOM   795  C CB  . LEU A 1 98  ? 2.944   3.090   -9.446  1.00 12.67 ? 96  LEU A CB  1 
ATOM   796  C CG  . LEU A 1 98  ? 4.175   2.852   -8.558  1.00 8.37  ? 96  LEU A CG  1 
ATOM   797  C CD1 . LEU A 1 98  ? 3.863   3.142   -7.100  1.00 10.95 ? 96  LEU A CD1 1 
ATOM   798  C CD2 . LEU A 1 98  ? 4.669   1.430   -8.681  1.00 13.17 ? 96  LEU A CD2 1 
ATOM   799  N N   . VAL A 1 99  ? 1.339   4.162   -11.935 1.00 10.97 ? 97  VAL A N   1 
ATOM   800  C CA  . VAL A 1 99  ? -0.008  4.299   -12.516 1.00 12.03 ? 97  VAL A CA  1 
ATOM   801  C C   . VAL A 1 99  ? -0.101  3.891   -13.975 1.00 10.37 ? 97  VAL A C   1 
ATOM   802  O O   . VAL A 1 99  ? -1.200  3.671   -14.467 1.00 12.16 ? 97  VAL A O   1 
ATOM   803  C CB  . VAL A 1 99  ? -0.604  5.723   -12.350 1.00 10.07 ? 97  VAL A CB  1 
ATOM   804  C CG1 . VAL A 1 99  ? -0.647  6.097   -10.886 1.00 9.19  ? 97  VAL A CG1 1 
ATOM   805  C CG2 . VAL A 1 99  ? 0.159   6.759   -13.178 1.00 13.44 ? 97  VAL A CG2 1 
ATOM   806  N N   . LYS A 1 100 ? 1.041   3.795   -14.657 1.00 12.51 ? 98  LYS A N   1 
ATOM   807  C CA  . LYS A 1 100 ? 1.075   3.254   -16.015 1.00 11.36 ? 98  LYS A CA  1 
ATOM   808  C C   . LYS A 1 100 ? 0.833   1.746   -15.992 1.00 11.68 ? 98  LYS A C   1 
ATOM   809  O O   . LYS A 1 100 ? 0.639   1.120   -17.039 1.00 10.50 ? 98  LYS A O   1 
ATOM   810  C CB  . LYS A 1 100 ? 2.415   3.567   -16.669 1.00 12.27 ? 98  LYS A CB  1 
ATOM   811  C CG  . LYS A 1 100 ? 2.668   5.048   -16.900 1.00 20.51 ? 98  LYS A CG  1 
ATOM   812  C CD  . LYS A 1 100 ? 2.336   5.471   -18.319 1.00 25.34 ? 98  LYS A CD  1 
ATOM   813  C CE  . LYS A 1 100 ? 2.544   6.971   -18.535 1.00 34.60 ? 98  LYS A CE  1 
ATOM   814  N NZ  . LYS A 1 100 ? 3.947   7.437   -18.319 1.00 30.41 ? 98  LYS A NZ  1 
ATOM   815  N N   . GLY A 1 101 ? 0.846   1.166   -14.797 1.00 12.33 ? 99  GLY A N   1 
ATOM   816  C CA  . GLY A 1 101 ? 0.608   -0.263  -14.611 1.00 14.51 ? 99  GLY A CA  1 
ATOM   817  C C   . GLY A 1 101 ? 1.761   -1.131  -15.073 1.00 17.10 ? 99  GLY A C   1 
ATOM   818  O O   . GLY A 1 101 ? 1.550   -2.277  -15.437 1.00 18.10 ? 99  GLY A O   1 
ATOM   819  N N   . LYS A 1 102 ? 2.975   -0.585  -15.052 1.00 17.06 ? 100 LYS A N   1 
ATOM   820  C CA  . LYS A 1 102 ? 4.172   -1.329  -15.461 1.00 20.36 ? 100 LYS A CA  1 
ATOM   821  C C   . LYS A 1 102 ? 4.547   -2.375  -14.412 1.00 19.28 ? 100 LYS A C   1 
ATOM   822  O O   . LYS A 1 102 ? 4.562   -2.073  -13.213 1.00 15.78 ? 100 LYS A O   1 
ATOM   823  C CB  . LYS A 1 102 ? 5.336   -0.363  -15.709 1.00 21.40 ? 100 LYS A CB  1 
ATOM   824  C CG  . LYS A 1 102 ? 5.174   0.475   -16.976 1.00 25.11 ? 100 LYS A CG  1 
ATOM   825  C CD  . LYS A 1 102 ? 6.295   1.497   -17.158 1.00 26.04 ? 100 LYS A CD  1 
ATOM   826  C CE  . LYS A 1 102 ? 6.050   2.766   -16.346 1.00 33.13 ? 100 LYS A CE  1 
ATOM   827  N NZ  . LYS A 1 102 ? 6.838   3.919   -16.871 1.00 32.00 ? 100 LYS A NZ  1 
ATOM   828  N N   . PHE A 1 103 ? 4.827   -3.604  -14.857 1.00 14.99 ? 101 PHE A N   1 
ATOM   829  C CA  . PHE A 1 103 ? 5.122   -4.703  -13.927 1.00 11.97 ? 101 PHE A CA  1 
ATOM   830  C C   . PHE A 1 103 ? 6.316   -4.460  -13.008 1.00 11.09 ? 101 PHE A C   1 
ATOM   831  O O   . PHE A 1 103 ? 6.180   -4.583  -11.784 1.00 10.90 ? 101 PHE A O   1 
ATOM   832  C CB  . PHE A 1 103 ? 5.287   -6.059  -14.638 1.00 11.57 ? 101 PHE A CB  1 
ATOM   833  C CG  . PHE A 1 103 ? 5.572   -7.192  -13.680 1.00 8.88  ? 101 PHE A CG  1 
ATOM   834  C CD1 . PHE A 1 103 ? 4.540   -7.781  -12.953 1.00 16.54 ? 101 PHE A CD1 1 
ATOM   835  C CD2 . PHE A 1 103 ? 6.875   -7.649  -13.480 1.00 15.85 ? 101 PHE A CD2 1 
ATOM   836  C CE1 . PHE A 1 103 ? 4.801   -8.809  -12.047 1.00 21.11 ? 101 PHE A CE1 1 
ATOM   837  C CE2 . PHE A 1 103 ? 7.144   -8.681  -12.579 1.00 15.41 ? 101 PHE A CE2 1 
ATOM   838  C CZ  . PHE A 1 103 ? 6.113   -9.261  -11.862 1.00 18.43 ? 101 PHE A CZ  1 
ATOM   839  N N   . GLN A 1 104 ? 7.478   -4.137  -13.573 1.00 10.46 ? 102 GLN A N   1 
ATOM   840  C CA  . GLN A 1 104 ? 8.698   -4.005  -12.768 1.00 9.50  ? 102 GLN A CA  1 
ATOM   841  C C   . GLN A 1 104 ? 8.563   -2.991  -11.630 1.00 12.28 ? 102 GLN A C   1 
ATOM   842  O O   . GLN A 1 104 ? 8.935   -3.277  -10.491 1.00 13.40 ? 102 GLN A O   1 
ATOM   843  C CB  . GLN A 1 104 ? 9.929   -3.694  -13.626 1.00 8.17  ? 102 GLN A CB  1 
ATOM   844  C CG  . GLN A 1 104 ? 11.237  -3.737  -12.818 1.00 7.92  ? 102 GLN A CG  1 
ATOM   845  C CD  . GLN A 1 104 ? 12.474  -3.468  -13.652 1.00 11.39 ? 102 GLN A CD  1 
ATOM   846  O OE1 . GLN A 1 104 ? 12.388  -3.039  -14.804 1.00 11.42 ? 102 GLN A OE1 1 
ATOM   847  N NE2 . GLN A 1 104 ? 13.641  -3.724  -13.070 1.00 16.50 ? 102 GLN A NE2 1 
ATOM   848  N N   . ASP A 1 105 ? 8.043   -1.809  -11.939 1.00 9.96  ? 103 ASP A N   1 
ATOM   849  C CA  . ASP A 1 105 ? 7.883   -0.766  -10.925 1.00 10.31 ? 103 ASP A CA  1 
ATOM   850  C C   . ASP A 1 105 ? 6.868   -1.174  -9.863  1.00 8.55  ? 103 ASP A C   1 
ATOM   851  O O   . ASP A 1 105 ? 7.068   -0.914  -8.682  1.00 10.46 ? 103 ASP A O   1 
ATOM   852  C CB  . ASP A 1 105 ? 7.478   0.548   -11.586 1.00 10.02 ? 103 ASP A CB  1 
ATOM   853  C CG  . ASP A 1 105 ? 8.450   0.967   -12.676 1.00 20.12 ? 103 ASP A CG  1 
ATOM   854  O OD1 . ASP A 1 105 ? 9.586   1.380   -12.342 1.00 30.86 ? 103 ASP A OD1 1 
ATOM   855  O OD2 . ASP A 1 105 ? 8.083   0.869   -13.866 1.00 16.30 ? 103 ASP A OD2 1 
ATOM   856  N N   . ASN A 1 106 ? 5.787   -1.817  -10.288 1.00 11.15 ? 104 ASN A N   1 
ATOM   857  C CA  . ASN A 1 106 ? 4.755   -2.242  -9.365  1.00 10.07 ? 104 ASN A CA  1 
ATOM   858  C C   . ASN A 1 106 ? 5.223   -3.380  -8.475  1.00 8.50  ? 104 ASN A C   1 
ATOM   859  O O   . ASN A 1 106 ? 4.904   -3.418  -7.285  1.00 10.49 ? 104 ASN A O   1 
ATOM   860  C CB  . ASN A 1 106 ? 3.448   -2.563  -10.099 1.00 6.68  ? 104 ASN A CB  1 
ATOM   861  C CG  . ASN A 1 106 ? 2.582   -1.337  -10.284 1.00 6.75  ? 104 ASN A CG  1 
ATOM   862  O OD1 . ASN A 1 106 ? 1.953   -0.872  -9.334  1.00 10.55 ? 104 ASN A OD1 1 
ATOM   863  N ND2 . ASN A 1 106 ? 2.526   -0.813  -11.504 1.00 9.23  ? 104 ASN A ND2 1 
ATOM   864  N N   . PHE A 1 107 ? 6.037   -4.274  -9.040  1.00 8.55  ? 105 PHE A N   1 
ATOM   865  C CA  . PHE A 1 107 ? 6.560   -5.388  -8.272  1.00 8.14  ? 105 PHE A CA  1 
ATOM   866  C C   . PHE A 1 107 ? 7.589   -4.913  -7.240  1.00 9.26  ? 105 PHE A C   1 
ATOM   867  O O   . PHE A 1 107 ? 7.530   -5.322  -6.084  1.00 8.84  ? 105 PHE A O   1 
ATOM   868  C CB  . PHE A 1 107 ? 7.135   -6.457  -9.226  1.00 11.19 ? 105 PHE A CB  1 
ATOM   869  C CG  . PHE A 1 107 ? 7.333   -7.827  -8.600  1.00 15.73 ? 105 PHE A CG  1 
ATOM   870  C CD1 . PHE A 1 107 ? 6.326   -8.437  -7.848  1.00 19.21 ? 105 PHE A CD1 1 
ATOM   871  C CD2 . PHE A 1 107 ? 8.515   -8.519  -8.807  1.00 19.33 ? 105 PHE A CD2 1 
ATOM   872  C CE1 . PHE A 1 107 ? 6.516   -9.712  -7.296  1.00 16.02 ? 105 PHE A CE1 1 
ATOM   873  C CE2 . PHE A 1 107 ? 8.714   -9.784  -8.261  1.00 16.52 ? 105 PHE A CE2 1 
ATOM   874  C CZ  . PHE A 1 107 ? 7.710   -10.381 -7.508  1.00 16.33 ? 105 PHE A CZ  1 
ATOM   875  N N   . GLU A 1 108 ? 8.489   -4.014  -7.633  1.00 10.38 ? 106 GLU A N   1 
ATOM   876  C CA  . GLU A 1 108 ? 9.449   -3.447  -6.664  1.00 10.66 ? 106 GLU A CA  1 
ATOM   877  C C   . GLU A 1 108 ? 8.767   -2.683  -5.532  1.00 7.27  ? 106 GLU A C   1 
ATOM   878  O O   . GLU A 1 108 ? 9.119   -2.834  -4.352  1.00 7.50  ? 106 GLU A O   1 
ATOM   879  C CB  . GLU A 1 108 ? 10.498  -2.580  -7.359  1.00 14.36 ? 106 GLU A CB  1 
ATOM   880  C CG  . GLU A 1 108 ? 11.352  -3.362  -8.349  1.00 14.29 ? 106 GLU A CG  1 
ATOM   881  C CD  . GLU A 1 108 ? 12.474  -2.543  -8.958  1.00 17.17 ? 106 GLU A CD  1 
ATOM   882  O OE1 . GLU A 1 108 ? 12.337  -1.305  -9.085  1.00 24.22 ? 106 GLU A OE1 1 
ATOM   883  O OE2 . GLU A 1 108 ? 13.502  -3.148  -9.332  1.00 25.97 ? 106 GLU A OE2 1 
ATOM   884  N N   . PHE A 1 109 ? 7.768   -1.885  -5.876  1.00 5.04  ? 107 PHE A N   1 
ATOM   885  C CA  . PHE A 1 109 ? 7.067   -1.146  -4.857  1.00 5.36  ? 107 PHE A CA  1 
ATOM   886  C C   . PHE A 1 109 ? 6.365   -2.044  -3.837  1.00 6.08  ? 107 PHE A C   1 
ATOM   887  O O   . PHE A 1 109 ? 6.459   -1.818  -2.626  1.00 4.96  ? 107 PHE A O   1 
ATOM   888  C CB  . PHE A 1 109 ? 6.136   -0.079  -5.443  1.00 4.61  ? 107 PHE A CB  1 
ATOM   889  C CG  . PHE A 1 109 ? 5.632   0.887   -4.416  1.00 6.02  ? 107 PHE A CG  1 
ATOM   890  C CD1 . PHE A 1 109 ? 6.484   1.849   -3.852  1.00 11.54 ? 107 PHE A CD1 1 
ATOM   891  C CD2 . PHE A 1 109 ? 4.320   0.833   -4.012  1.00 6.21  ? 107 PHE A CD2 1 
ATOM   892  C CE1 . PHE A 1 109 ? 6.010   2.744   -2.888  1.00 7.98  ? 107 PHE A CE1 1 
ATOM   893  C CE2 . PHE A 1 109 ? 3.835   1.712   -3.045  1.00 9.79  ? 107 PHE A CE2 1 
ATOM   894  C CZ  . PHE A 1 109 ? 4.677   2.669   -2.486  1.00 9.14  ? 107 PHE A CZ  1 
ATOM   895  N N   . ILE A 1 110 ? 5.688   -3.094  -4.304  1.00 6.90  ? 108 ILE A N   1 
ATOM   896  C CA  . ILE A 1 110 ? 4.967   -3.953  -3.365  1.00 6.96  ? 108 ILE A CA  1 
ATOM   897  C C   . ILE A 1 110 ? 5.933   -4.755  -2.484  1.00 6.13  ? 108 ILE A C   1 
ATOM   898  O O   . ILE A 1 110 ? 5.641   -5.026  -1.316  1.00 6.67  ? 108 ILE A O   1 
ATOM   899  C CB  . ILE A 1 110 ? 3.908   -4.838  -4.061  1.00 4.24  ? 108 ILE A CB  1 
ATOM   900  C CG1 . ILE A 1 110 ? 3.046   -5.592  -3.024  1.00 8.38  ? 108 ILE A CG1 1 
ATOM   901  C CG2 . ILE A 1 110 ? 4.546   -5.841  -5.018  1.00 5.92  ? 108 ILE A CG2 1 
ATOM   902  C CD1 . ILE A 1 110 ? 2.166   -4.738  -2.117  1.00 5.80  ? 108 ILE A CD1 1 
ATOM   903  N N   . GLN A 1 111 ? 7.110   -5.078  -3.016  1.00 4.76  ? 109 GLN A N   1 
ATOM   904  C CA  . GLN A 1 111 ? 8.110   -5.773  -2.201  1.00 4.97  ? 109 GLN A CA  1 
ATOM   905  C C   . GLN A 1 111 ? 8.546   -4.883  -1.036  1.00 4.09  ? 109 GLN A C   1 
ATOM   906  O O   . GLN A 1 111 ? 8.669   -5.362  0.108   1.00 6.38  ? 109 GLN A O   1 
ATOM   907  C CB  . GLN A 1 111 ? 9.312   -6.221  -3.039  1.00 5.53  ? 109 GLN A CB  1 
ATOM   908  C CG  . GLN A 1 111 ? 8.974   -7.290  -4.115  1.00 4.43  ? 109 GLN A CG  1 
ATOM   909  C CD  . GLN A 1 111 ? 8.636   -8.661  -3.569  1.00 7.38  ? 109 GLN A CD  1 
ATOM   910  O OE1 . GLN A 1 111 ? 8.764   -8.946  -2.381  1.00 8.38  ? 109 GLN A OE1 1 
ATOM   911  N NE2 . GLN A 1 111 ? 8.205   -9.535  -4.467  1.00 8.12  ? 109 GLN A NE2 1 
ATOM   912  N N   . TRP A 1 112 ? 8.778   -3.606  -1.326  1.00 5.88  ? 110 TRP A N   1 
ATOM   913  C CA  . TRP A 1 112 ? 9.131   -2.654  -0.276  1.00 4.60  ? 110 TRP A CA  1 
ATOM   914  C C   . TRP A 1 112 ? 7.954   -2.481  0.678   1.00 4.99  ? 110 TRP A C   1 
ATOM   915  O O   . TRP A 1 112 ? 8.140   -2.523  1.887   1.00 5.92  ? 110 TRP A O   1 
ATOM   916  C CB  . TRP A 1 112 ? 9.570   -1.290  -0.860  1.00 5.33  ? 110 TRP A CB  1 
ATOM   917  C CG  . TRP A 1 112 ? 9.654   -0.299  0.234   1.00 7.47  ? 110 TRP A CG  1 
ATOM   918  C CD1 . TRP A 1 112 ? 10.709  -0.093  1.074   1.00 10.85 ? 110 TRP A CD1 1 
ATOM   919  C CD2 . TRP A 1 112 ? 8.603   0.566   0.675   1.00 6.01  ? 110 TRP A CD2 1 
ATOM   920  N NE1 . TRP A 1 112 ? 10.383  0.864   2.008   1.00 9.80  ? 110 TRP A NE1 1 
ATOM   921  C CE2 . TRP A 1 112 ? 9.098   1.289   1.780   1.00 7.99  ? 110 TRP A CE2 1 
ATOM   922  C CE3 . TRP A 1 112 ? 7.300   0.824   0.218   1.00 7.84  ? 110 TRP A CE3 1 
ATOM   923  C CZ2 . TRP A 1 112 ? 8.328   2.226   2.456   1.00 7.43  ? 110 TRP A CZ2 1 
ATOM   924  C CZ3 . TRP A 1 112 ? 6.525   1.767   0.889   1.00 10.09 ? 110 TRP A CZ3 1 
ATOM   925  C CH2 . TRP A 1 112 ? 7.043   2.452   2.004   1.00 8.78  ? 110 TRP A CH2 1 
ATOM   926  N N   . PHE A 1 113 ? 6.747   -2.312  0.139   1.00 5.22  ? 111 PHE A N   1 
ATOM   927  C CA  . PHE A 1 113 ? 5.601   -2.026  0.958   1.00 5.53  ? 111 PHE A CA  1 
ATOM   928  C C   . PHE A 1 113 ? 5.292   -3.158  1.939   1.00 4.59  ? 111 PHE A C   1 
ATOM   929  O O   . PHE A 1 113 ? 4.930   -2.887  3.081   1.00 6.05  ? 111 PHE A O   1 
ATOM   930  C CB  . PHE A 1 113 ? 4.356   -1.662  0.156   1.00 7.82  ? 111 PHE A CB  1 
ATOM   931  C CG  . PHE A 1 113 ? 3.256   -1.131  1.024   1.00 3.87  ? 111 PHE A CG  1 
ATOM   932  C CD1 . PHE A 1 113 ? 3.227   0.208   1.402   1.00 8.55  ? 111 PHE A CD1 1 
ATOM   933  C CD2 . PHE A 1 113 ? 2.312   -1.994  1.557   1.00 6.11  ? 111 PHE A CD2 1 
ATOM   934  C CE1 . PHE A 1 113 ? 2.234   0.684   2.243   1.00 12.61 ? 111 PHE A CE1 1 
ATOM   935  C CE2 . PHE A 1 113 ? 1.312   -1.544  2.391   1.00 4.93  ? 111 PHE A CE2 1 
ATOM   936  C CZ  . PHE A 1 113 ? 1.275   -0.186  2.754   1.00 7.85  ? 111 PHE A CZ  1 
ATOM   937  N N   . LYS A 1 114 ? 5.423   -4.415  1.498   1.00 6.85  ? 112 LYS A N   1 
ATOM   938  C CA  . LYS A 1 114 ? 5.289   -5.572  2.376   1.00 5.52  ? 112 LYS A CA  1 
ATOM   939  C C   . LYS A 1 114 ? 6.288   -5.533  3.534   1.00 4.35  ? 112 LYS A C   1 
ATOM   940  O O   . LYS A 1 114 ? 5.923   -5.817  4.669   1.00 4.92  ? 112 LYS A O   1 
ATOM   941  C CB  . LYS A 1 114 ? 5.402   -6.898  1.589   1.00 4.91  ? 112 LYS A CB  1 
ATOM   942  C CG  . LYS A 1 114 ? 5.351   -8.172  2.449   1.00 5.37  ? 112 LYS A CG  1 
ATOM   943  C CD  . LYS A 1 114 ? 4.092   -8.262  3.287   1.00 6.33  ? 112 LYS A CD  1 
ATOM   944  C CE  . LYS A 1 114 ? 3.832   -9.696  3.739   1.00 8.16  ? 112 LYS A CE  1 
ATOM   945  N NZ  . LYS A 1 114 ? 4.673   -10.167 4.865   1.00 28.43 ? 112 LYS A NZ  1 
ATOM   946  N N   . LYS A 1 115 ? 7.543   -5.179  3.246   1.00 5.16  ? 113 LYS A N   1 
ATOM   947  C CA  . LYS A 1 115 ? 8.551   -5.014  4.301   1.00 3.39  ? 113 LYS A CA  1 
ATOM   948  C C   . LYS A 1 115 ? 8.179   -3.871  5.259   1.00 5.17  ? 113 LYS A C   1 
ATOM   949  O O   . LYS A 1 115 ? 8.287   -4.032  6.489   1.00 7.14  ? 113 LYS A O   1 
ATOM   950  C CB  . LYS A 1 115 ? 9.935   -4.786  3.688   1.00 4.38  ? 113 LYS A CB  1 
ATOM   951  C CG  . LYS A 1 115 ? 10.412  -5.983  2.876   1.00 4.15  ? 113 LYS A CG  1 
ATOM   952  C CD  . LYS A 1 115 ? 11.665  -5.659  2.087   1.00 7.16  ? 113 LYS A CD  1 
ATOM   953  C CE  . LYS A 1 115 ? 11.904  -6.777  1.098   1.00 9.88  ? 113 LYS A CE  1 
ATOM   954  N NZ  . LYS A 1 115 ? 12.969  -6.490  0.095   1.00 10.87 ? 113 LYS A NZ  1 
ATOM   955  N N   . PHE A 1 116 ? 7.754   -2.732  4.699   1.00 5.77  ? 114 PHE A N   1 
ATOM   956  C CA  . PHE A 1 116 ? 7.223   -1.619  5.501   1.00 6.25  ? 114 PHE A CA  1 
ATOM   957  C C   . PHE A 1 116 ? 6.051   -2.077  6.381   1.00 7.78  ? 114 PHE A C   1 
ATOM   958  O O   . PHE A 1 116 ? 6.016   -1.774  7.575   1.00 5.63  ? 114 PHE A O   1 
ATOM   959  C CB  . PHE A 1 116 ? 6.812   -0.461  4.582   1.00 5.92  ? 114 PHE A CB  1 
ATOM   960  C CG  . PHE A 1 116 ? 6.171   0.681   5.300   1.00 5.75  ? 114 PHE A CG  1 
ATOM   961  C CD1 . PHE A 1 116 ? 6.948   1.624   5.955   1.00 6.93  ? 114 PHE A CD1 1 
ATOM   962  C CD2 . PHE A 1 116 ? 4.790   0.815   5.315   1.00 9.61  ? 114 PHE A CD2 1 
ATOM   963  C CE1 . PHE A 1 116 ? 6.360   2.672   6.625   1.00 7.47  ? 114 PHE A CE1 1 
ATOM   964  C CE2 . PHE A 1 116 ? 4.199   1.874   5.989   1.00 8.71  ? 114 PHE A CE2 1 
ATOM   965  C CZ  . PHE A 1 116 ? 4.999   2.803   6.646   1.00 7.43  ? 114 PHE A CZ  1 
ATOM   966  N N   . PHE A 1 117 ? 5.099   -2.807  5.802   1.00 6.38  ? 115 PHE A N   1 
ATOM   967  C CA  . PHE A 1 117 ? 3.936   -3.289  6.559   1.00 3.92  ? 115 PHE A CA  1 
ATOM   968  C C   . PHE A 1 117 ? 4.375   -4.167  7.724   1.00 5.42  ? 115 PHE A C   1 
ATOM   969  O O   . PHE A 1 117 ? 3.932   -3.970  8.891   1.00 7.00  ? 115 PHE A O   1 
ATOM   970  C CB  . PHE A 1 117 ? 2.995   -4.040  5.625   1.00 3.31  ? 115 PHE A CB  1 
ATOM   971  C CG  . PHE A 1 117 ? 1.698   -4.422  6.251   1.00 6.14  ? 115 PHE A CG  1 
ATOM   972  C CD1 . PHE A 1 117 ? 1.592   -5.602  6.959   1.00 5.44  ? 115 PHE A CD1 1 
ATOM   973  C CD2 . PHE A 1 117 ? 0.601   -3.581  6.167   1.00 9.71  ? 115 PHE A CD2 1 
ATOM   974  C CE1 . PHE A 1 117 ? 0.373   -5.982  7.531   1.00 10.28 ? 115 PHE A CE1 1 
ATOM   975  C CE2 . PHE A 1 117 ? -0.606  -3.936  6.759   1.00 10.19 ? 115 PHE A CE2 1 
ATOM   976  C CZ  . PHE A 1 117 ? -0.710  -5.139  7.435   1.00 7.96  ? 115 PHE A CZ  1 
ATOM   977  N N   . ASP A 1 118 ? 5.249   -5.131  7.433   1.00 5.35  ? 116 ASP A N   1 
ATOM   978  C CA  . ASP A 1 118 ? 5.716   -6.058  8.466   1.00 6.96  ? 116 ASP A CA  1 
ATOM   979  C C   . ASP A 1 118 ? 6.409   -5.324  9.627   1.00 6.17  ? 116 ASP A C   1 
ATOM   980  O O   . ASP A 1 118 ? 6.272   -5.726  10.789  1.00 9.31  ? 116 ASP A O   1 
ATOM   981  C CB  . ASP A 1 118 ? 6.635   -7.124  7.871   1.00 8.67  ? 116 ASP A CB  1 
ATOM   982  C CG  . ASP A 1 118 ? 5.895   -8.114  6.992   1.00 12.41 ? 116 ASP A CG  1 
ATOM   983  O OD1 . ASP A 1 118 ? 4.649   -8.144  7.002   1.00 14.69 ? 116 ASP A OD1 1 
ATOM   984  O OD2 . ASP A 1 118 ? 6.585   -8.853  6.258   1.00 22.11 ? 116 ASP A OD2 1 
ATOM   985  N N   . ALA A 1 119 ? 7.131   -4.245  9.311   1.00 6.03  ? 117 ALA A N   1 
ATOM   986  C CA  . ALA A 1 119 ? 7.846   -3.463  10.330  1.00 5.53  ? 117 ALA A CA  1 
ATOM   987  C C   . ALA A 1 119 ? 6.920   -2.653  11.226  1.00 8.38  ? 117 ALA A C   1 
ATOM   988  O O   . ALA A 1 119 ? 7.323   -2.200  12.307  1.00 9.09  ? 117 ALA A O   1 
ATOM   989  C CB  . ALA A 1 119 ? 8.898   -2.543  9.684   1.00 4.87  ? 117 ALA A CB  1 
ATOM   990  N N   . ASN A 1 120 ? 5.674   -2.490  10.790  1.00 4.36  ? 118 ASN A N   1 
ATOM   991  C CA  . ASN A 1 120 ? 4.719   -1.555  11.420  1.00 3.44  ? 118 ASN A CA  1 
ATOM   992  C C   . ASN A 1 120 ? 3.423   -2.151  11.966  1.00 5.11  ? 118 ASN A C   1 
ATOM   993  O O   . ASN A 1 120 ? 2.756   -1.550  12.813  1.00 8.99  ? 118 ASN A O   1 
ATOM   994  C CB  . ASN A 1 120 ? 4.383   -0.424  10.448  1.00 7.00  ? 118 ASN A CB  1 
ATOM   995  C CG  . ASN A 1 120 ? 5.479   0.618   10.379  1.00 3.17  ? 118 ASN A CG  1 
ATOM   996  O OD1 . ASN A 1 120 ? 5.584   1.481   11.266  1.00 5.23  ? 118 ASN A OD1 1 
ATOM   997  N ND2 . ASN A 1 120 ? 6.329   0.523   9.373   1.00 6.39  ? 118 ASN A ND2 1 
ATOM   998  N N   . TYR A 1 121 ? 3.059   -3.326  11.476  1.00 5.13  ? 119 TYR A N   1 
ATOM   999  C CA  . TYR A 1 121 ? 1.761   -3.883  11.768  1.00 6.75  ? 119 TYR A CA  1 
ATOM   1000 C C   . TYR A 1 121 ? 1.705   -4.516  13.163  1.00 8.01  ? 119 TYR A C   1 
ATOM   1001 O O   . TYR A 1 121 ? 2.565   -5.333  13.519  1.00 10.36 ? 119 TYR A O   1 
ATOM   1002 C CB  . TYR A 1 121 ? 1.361   -4.876  10.673  1.00 7.10  ? 119 TYR A CB  1 
ATOM   1003 C CG  . TYR A 1 121 ? 0.008   -5.502  10.914  1.00 5.69  ? 119 TYR A CG  1 
ATOM   1004 C CD1 . TYR A 1 121 ? -1.132  -4.718  11.112  1.00 5.62  ? 119 TYR A CD1 1 
ATOM   1005 C CD2 . TYR A 1 121 ? -0.122  -6.886  10.947  1.00 5.12  ? 119 TYR A CD2 1 
ATOM   1006 C CE1 . TYR A 1 121 ? -2.363  -5.299  11.353  1.00 5.67  ? 119 TYR A CE1 1 
ATOM   1007 C CE2 . TYR A 1 121 ? -1.360  -7.474  11.168  1.00 7.36  ? 119 TYR A CE2 1 
ATOM   1008 C CZ  . TYR A 1 121 ? -2.469  -6.682  11.371  1.00 5.74  ? 119 TYR A CZ  1 
ATOM   1009 O OH  . TYR A 1 121 ? -3.685  -7.280  11.598  1.00 9.34  ? 119 TYR A OH  1 
ATOM   1010 N N   . ASP A 1 122 ? 0.666   -4.154  13.914  1.00 7.86  ? 120 ASP A N   1 
ATOM   1011 C CA  . ASP A 1 122 ? 0.482   -4.545  15.320  1.00 9.39  ? 120 ASP A CA  1 
ATOM   1012 C C   . ASP A 1 122 ? -0.524  -5.681  15.548  1.00 10.18 ? 120 ASP A C   1 
ATOM   1013 O O   . ASP A 1 122 ? -0.833  -6.012  16.690  1.00 13.13 ? 120 ASP A O   1 
ATOM   1014 C CB  . ASP A 1 122 ? 0.035   -3.323  16.136  1.00 11.35 ? 120 ASP A CB  1 
ATOM   1015 C CG  . ASP A 1 122 ? -1.325  -2.766  15.698  1.00 15.12 ? 120 ASP A CG  1 
ATOM   1016 O OD1 . ASP A 1 122 ? -1.881  -3.217  14.667  1.00 9.34  ? 120 ASP A OD1 1 
ATOM   1017 O OD2 . ASP A 1 122 ? -1.826  -1.838  16.380  1.00 14.68 ? 120 ASP A OD2 1 
ATOM   1018 N N   . GLY A 1 123 ? -1.048  -6.262  14.477  1.00 6.23  ? 121 GLY A N   1 
ATOM   1019 C CA  . GLY A 1 123 ? -2.023  -7.361  14.599  1.00 7.46  ? 121 GLY A CA  1 
ATOM   1020 C C   . GLY A 1 123 ? -3.477  -6.946  14.717  1.00 5.18  ? 121 GLY A C   1 
ATOM   1021 O O   . GLY A 1 123 ? -4.352  -7.787  14.897  1.00 6.90  ? 121 GLY A O   1 
ATOM   1022 N N   . LYS A 1 124 ? -3.770  -5.656  14.588  1.00 7.37  ? 122 LYS A N   1 
ATOM   1023 C CA  . LYS A 1 124 ? -5.152  -5.223  14.812  1.00 6.80  ? 122 LYS A CA  1 
ATOM   1024 C C   . LYS A 1 124 ? -6.113  -5.771  13.750  1.00 8.91  ? 122 LYS A C   1 
ATOM   1025 O O   . LYS A 1 124 ? -5.735  -5.968  12.604  1.00 9.07  ? 122 LYS A O   1 
ATOM   1026 C CB  . LYS A 1 124 ? -5.251  -3.693  14.902  1.00 6.45  ? 122 LYS A CB  1 
ATOM   1027 C CG  . LYS A 1 124 ? -5.232  -2.960  13.570  1.00 4.16  ? 122 LYS A CG  1 
ATOM   1028 C CD  . LYS A 1 124 ? -5.501  -1.460  13.764  1.00 5.78  ? 122 LYS A CD  1 
ATOM   1029 C CE  . LYS A 1 124 ? -4.337  -0.765  14.483  1.00 6.65  ? 122 LYS A CE  1 
ATOM   1030 N NZ  . LYS A 1 124 ? -3.065  -0.868  13.728  1.00 4.46  ? 122 LYS A NZ  1 
ATOM   1031 N N   . ASP A 1 125 ? -7.359  -6.008  14.155  1.00 10.25 ? 123 ASP A N   1 
ATOM   1032 C CA  . ASP A 1 125 ? -8.412  -6.376  13.219  1.00 14.65 ? 123 ASP A CA  1 
ATOM   1033 C C   . ASP A 1 125 ? -8.676  -5.224  12.268  1.00 15.74 ? 123 ASP A C   1 
ATOM   1034 O O   . ASP A 1 125 ? -8.555  -4.056  12.653  1.00 16.95 ? 123 ASP A O   1 
ATOM   1035 C CB  . ASP A 1 125 ? -9.711  -6.717  13.969  1.00 14.55 ? 123 ASP A CB  1 
ATOM   1036 C CG  . ASP A 1 125 ? -9.734  -8.144  14.495  1.00 26.08 ? 123 ASP A CG  1 
ATOM   1037 O OD1 . ASP A 1 125 ? -9.414  -9.075  13.722  1.00 34.76 ? 123 ASP A OD1 1 
ATOM   1038 O OD2 . ASP A 1 125 ? -10.092 -8.335  15.678  1.00 27.46 ? 123 ASP A OD2 1 
ATOM   1039 N N   . TYR A 1 126 ? -9.017  -5.556  11.027  1.00 13.61 ? 124 TYR A N   1 
ATOM   1040 C CA  . TYR A 1 126 ? -9.365  -4.559  10.034  1.00 16.75 ? 124 TYR A CA  1 
ATOM   1041 C C   . TYR A 1 126 ? -10.628 -4.945  9.278   1.00 13.67 ? 124 TYR A C   1 
ATOM   1042 O O   . TYR A 1 126 ? -10.694 -6.006  8.645   1.00 16.90 ? 124 TYR A O   1 
ATOM   1043 C CB  . TYR A 1 126 ? -8.222  -4.337  9.053   1.00 16.34 ? 124 TYR A CB  1 
ATOM   1044 C CG  . TYR A 1 126 ? -8.451  -3.138  8.171   1.00 17.18 ? 124 TYR A CG  1 
ATOM   1045 C CD1 . TYR A 1 126 ? -8.495  -1.852  8.714   1.00 15.66 ? 124 TYR A CD1 1 
ATOM   1046 C CD2 . TYR A 1 126 ? -8.621  -3.283  6.799   1.00 10.19 ? 124 TYR A CD2 1 
ATOM   1047 C CE1 . TYR A 1 126 ? -8.708  -0.749  7.914   1.00 14.27 ? 124 TYR A CE1 1 
ATOM   1048 C CE2 . TYR A 1 126 ? -8.836  -2.179  5.982   1.00 17.18 ? 124 TYR A CE2 1 
ATOM   1049 C CZ  . TYR A 1 126 ? -8.877  -0.913  6.549   1.00 21.20 ? 124 TYR A CZ  1 
ATOM   1050 O OH  . TYR A 1 126 ? -9.078  0.199   5.754   1.00 17.72 ? 124 TYR A OH  1 
ATOM   1051 N N   . ASN A 1 127 ? -11.634 -4.084  9.377   1.00 14.53 ? 125 ASN A N   1 
ATOM   1052 C CA  . ASN A 1 127 ? -12.913 -4.287  8.710   1.00 13.26 ? 125 ASN A CA  1 
ATOM   1053 C C   . ASN A 1 127 ? -12.876 -3.553  7.385   1.00 15.92 ? 125 ASN A C   1 
ATOM   1054 O O   . ASN A 1 127 ? -12.982 -2.334  7.364   1.00 14.01 ? 125 ASN A O   1 
ATOM   1055 C CB  . ASN A 1 127 ? -14.028 -3.709  9.583   1.00 15.65 ? 125 ASN A CB  1 
ATOM   1056 C CG  . ASN A 1 127 ? -15.408 -3.974  9.026   1.00 20.27 ? 125 ASN A CG  1 
ATOM   1057 O OD1 . ASN A 1 127 ? -15.556 -4.383  7.880   1.00 16.60 ? 125 ASN A OD1 1 
ATOM   1058 N ND2 . ASN A 1 127 ? -16.433 -3.725  9.838   1.00 15.06 ? 125 ASN A ND2 1 
ATOM   1059 N N   . PRO A 1 128 ? -12.726 -4.288  6.269   1.00 15.83 ? 126 PRO A N   1 
ATOM   1060 C CA  . PRO A 1 128 ? -12.650 -3.643  4.953   1.00 15.94 ? 126 PRO A CA  1 
ATOM   1061 C C   . PRO A 1 128 ? -13.962 -3.011  4.458   1.00 16.93 ? 126 PRO A C   1 
ATOM   1062 O O   . PRO A 1 128 ? -13.935 -2.225  3.505   1.00 21.66 ? 126 PRO A O   1 
ATOM   1063 C CB  . PRO A 1 128 ? -12.203 -4.782  4.032   1.00 18.60 ? 126 PRO A CB  1 
ATOM   1064 C CG  . PRO A 1 128 ? -12.658 -6.016  4.702   1.00 18.51 ? 126 PRO A CG  1 
ATOM   1065 C CD  . PRO A 1 128 ? -12.618 -5.758  6.176   1.00 16.71 ? 126 PRO A CD  1 
ATOM   1066 N N   . LEU A 1 129 ? -15.085 -3.323  5.105   1.00 13.23 ? 127 LEU A N   1 
ATOM   1067 C CA  . LEU A 1 129 ? -16.374 -2.760  4.704   1.00 13.14 ? 127 LEU A CA  1 
ATOM   1068 C C   . LEU A 1 129 ? -16.548 -1.311  5.135   1.00 12.12 ? 127 LEU A C   1 
ATOM   1069 O O   . LEU A 1 129 ? -17.309 -0.564  4.517   1.00 16.42 ? 127 LEU A O   1 
ATOM   1070 C CB  . LEU A 1 129 ? -17.530 -3.583  5.273   1.00 15.60 ? 127 LEU A CB  1 
ATOM   1071 C CG  . LEU A 1 129 ? -17.737 -5.046  4.867   1.00 13.19 ? 127 LEU A CG  1 
ATOM   1072 C CD1 . LEU A 1 129 ? -18.924 -5.606  5.632   1.00 17.30 ? 127 LEU A CD1 1 
ATOM   1073 C CD2 . LEU A 1 129 ? -17.948 -5.201  3.370   1.00 14.98 ? 127 LEU A CD2 1 
ATOM   1074 N N   . LEU A 1 130 ? -15.868 -0.924  6.212   1.00 11.55 ? 128 LEU A N   1 
ATOM   1075 C CA  . LEU A 1 130 ? -16.088 0.396   6.805   1.00 15.03 ? 128 LEU A CA  1 
ATOM   1076 C C   . LEU A 1 130 ? -15.733 1.573   5.889   1.00 18.84 ? 128 LEU A C   1 
ATOM   1077 O O   . LEU A 1 130 ? -16.446 2.578   5.868   1.00 18.50 ? 128 LEU A O   1 
ATOM   1078 C CB  . LEU A 1 130 ? -15.395 0.492   8.168   1.00 16.44 ? 128 LEU A CB  1 
ATOM   1079 C CG  . LEU A 1 130 ? -16.068 -0.341  9.270   1.00 17.57 ? 128 LEU A CG  1 
ATOM   1080 C CD1 . LEU A 1 130 ? -15.290 -0.259  10.580  1.00 19.99 ? 128 LEU A CD1 1 
ATOM   1081 C CD2 . LEU A 1 130 ? -17.531 0.052   9.513   1.00 18.96 ? 128 LEU A CD2 1 
ATOM   1082 N N   . ALA A 1 131 ? -14.660 1.427   5.112   1.00 18.30 ? 129 ALA A N   1 
ATOM   1083 C CA  . ALA A 1 131 ? -14.227 2.465   4.164   1.00 18.26 ? 129 ALA A CA  1 
ATOM   1084 C C   . ALA A 1 131 ? -15.107 2.521   2.918   1.00 17.74 ? 129 ALA A C   1 
ATOM   1085 O O   . ALA A 1 131 ? -15.082 3.496   2.168   1.00 16.70 ? 129 ALA A O   1 
ATOM   1086 C CB  . ALA A 1 131 ? -12.797 2.222   3.764   1.00 20.24 ? 129 ALA A CB  1 
ATOM   1087 N N   . ARG A 1 132 ? -15.868 1.459   2.687   1.00 19.50 ? 130 ARG A N   1 
ATOM   1088 C CA  . ARG A 1 132 ? -16.720 1.371   1.514   1.00 21.69 ? 130 ARG A CA  1 
ATOM   1089 C C   . ARG A 1 132 ? -18.160 1.723   1.871   1.00 24.92 ? 130 ARG A C   1 
ATOM   1090 O O   . ARG A 1 132 ? -18.845 2.414   1.113   1.00 29.65 ? 130 ARG A O   1 
ATOM   1091 C CB  . ARG A 1 132 ? -16.643 -0.030  0.922   1.00 21.74 ? 130 ARG A CB  1 
ATOM   1092 C CG  . ARG A 1 132 ? -15.235 -0.460  0.531   1.00 18.95 ? 130 ARG A CG  1 
ATOM   1093 C CD  . ARG A 1 132 ? -15.217 -1.947  0.214   1.00 16.71 ? 130 ARG A CD  1 
ATOM   1094 N NE  . ARG A 1 132 ? -13.872 -2.453  -0.059  1.00 15.71 ? 130 ARG A NE  1 
ATOM   1095 C CZ  . ARG A 1 132 ? -13.366 -2.634  -1.277  1.00 11.66 ? 130 ARG A CZ  1 
ATOM   1096 N NH1 . ARG A 1 132 ? -14.080 -2.342  -2.362  1.00 15.66 ? 130 ARG A NH1 1 
ATOM   1097 N NH2 . ARG A 1 132 ? -12.135 -3.109  -1.413  1.00 13.72 ? 130 ARG A NH2 1 
HETATM 1098 O O   . HOH B 2 .   ? -2.924  -0.236  -4.300  1.00 10.30 ? 131 HOH A O   1 
HETATM 1099 O O   . HOH B 2 .   ? 8.541   -8.133  0.292   1.00 11.86 ? 132 HOH A O   1 
HETATM 1100 O O   . HOH B 2 .   ? -4.829  10.696  2.924   1.00 11.60 ? 133 HOH A O   1 
HETATM 1101 O O   . HOH B 2 .   ? -11.793 10.647  5.032   1.00 20.95 ? 134 HOH A O   1 
HETATM 1102 O O   . HOH B 2 .   ? -6.684  9.217   -17.250 1.00 15.69 ? 135 HOH A O   1 
HETATM 1103 O O   . HOH B 2 .   ? 12.975  6.643   -1.363  1.00 16.89 ? 136 HOH A O   1 
HETATM 1104 O O   . HOH B 2 .   ? -5.139  -1.285  -5.441  1.00 13.17 ? 137 HOH A O   1 
HETATM 1105 O O   . HOH B 2 .   ? 1.362   -15.114 1.674   1.00 22.25 ? 138 HOH A O   1 
HETATM 1106 O O   . HOH B 2 .   ? 10.275  3.702   4.614   1.00 15.83 ? 139 HOH A O   1 
HETATM 1107 O O   . HOH B 2 .   ? 2.726   -1.623  -6.754  1.00 14.23 ? 140 HOH A O   1 
HETATM 1108 O O   . HOH B 2 .   ? -6.784  12.690  -4.129  1.00 15.50 ? 141 HOH A O   1 
HETATM 1109 O O   . HOH B 2 .   ? -5.883  -9.472  13.370  1.00 19.82 ? 142 HOH A O   1 
HETATM 1110 O O   . HOH B 2 .   ? 17.087  2.932   1.479   1.00 20.72 ? 143 HOH A O   1 
HETATM 1111 O O   . HOH B 2 .   ? -3.824  11.737  5.211   1.00 14.59 ? 144 HOH A O   1 
HETATM 1112 O O   . HOH B 2 .   ? -0.540  14.764  5.093   1.00 15.13 ? 145 HOH A O   1 
HETATM 1113 O O   . HOH B 2 .   ? -5.927  13.052  1.261   1.00 18.51 ? 146 HOH A O   1 
HETATM 1114 O O   . HOH B 2 .   ? 9.049   -9.825  2.507   1.00 16.36 ? 147 HOH A O   1 
HETATM 1115 O O   . HOH B 2 .   ? -0.039  -1.212  13.004  1.00 10.52 ? 148 HOH A O   1 
HETATM 1116 O O   . HOH B 2 .   ? 10.297  -7.983  6.760   1.00 14.15 ? 149 HOH A O   1 
HETATM 1117 O O   . HOH B 2 .   ? 4.605   -16.828 -8.078  1.00 15.73 ? 150 HOH A O   1 
HETATM 1118 O O   . HOH B 2 .   ? 3.938   -7.297  11.635  1.00 18.93 ? 151 HOH A O   1 
HETATM 1119 O O   . HOH B 2 .   ? 10.350  -5.411  7.612   1.00 12.78 ? 152 HOH A O   1 
HETATM 1120 O O   . HOH B 2 .   ? -12.607 -0.019  6.144   1.00 22.29 ? 153 HOH A O   1 
HETATM 1121 O O   . HOH B 2 .   ? 0.710   15.861  7.321   1.00 20.07 ? 154 HOH A O   1 
HETATM 1122 O O   . HOH B 2 .   ? -15.275 -13.241 -6.405  1.00 21.72 ? 155 HOH A O   1 
HETATM 1123 O O   . HOH B 2 .   ? 12.356  -3.841  -0.859  1.00 17.63 ? 156 HOH A O   1 
HETATM 1124 O O   . HOH B 2 .   ? 0.669   11.148  12.668  1.00 26.57 ? 157 HOH A O   1 
HETATM 1125 O O   . HOH B 2 .   ? -2.253  -15.884 -4.870  1.00 19.45 ? 158 HOH A O   1 
HETATM 1126 O O   . HOH B 2 .   ? -8.593  -10.318 -10.057 1.00 28.91 ? 159 HOH A O   1 
HETATM 1127 O O   . HOH B 2 .   ? -0.046  6.756   14.781  1.00 21.76 ? 160 HOH A O   1 
HETATM 1128 O O   . HOH B 2 .   ? 7.893   8.047   -10.911 1.00 27.31 ? 161 HOH A O   1 
HETATM 1129 O O   . HOH B 2 .   ? 11.742  -3.192  -3.696  1.00 18.72 ? 162 HOH A O   1 
HETATM 1130 O O   . HOH B 2 .   ? -3.270  14.353  5.776   1.00 19.21 ? 163 HOH A O   1 
HETATM 1131 O O   . HOH B 2 .   ? -7.921  6.603   8.020   1.00 22.14 ? 164 HOH A O   1 
HETATM 1132 O O   . HOH B 2 .   ? -15.499 13.520  2.697   1.00 21.42 ? 165 HOH A O   1 
HETATM 1133 O O   . HOH B 2 .   ? -12.386 12.626  -3.551  1.00 21.21 ? 166 HOH A O   1 
HETATM 1134 O O   . HOH B 2 .   ? 12.389  4.618   3.158   1.00 21.34 ? 167 HOH A O   1 
HETATM 1135 O O   . HOH B 2 .   ? 13.947  -0.142  9.286   1.00 18.83 ? 168 HOH A O   1 
HETATM 1136 O O   . HOH B 2 .   ? -14.302 6.281   -0.688  1.00 18.55 ? 169 HOH A O   1 
HETATM 1137 O O   . HOH B 2 .   ? 7.759   4.897   15.770  1.00 24.62 ? 170 HOH A O   1 
HETATM 1138 O O   . HOH B 2 .   ? -10.568 -7.774  -5.997  1.00 17.20 ? 171 HOH A O   1 
HETATM 1139 O O   . HOH B 2 .   ? 7.356   -16.422 -1.819  1.00 21.83 ? 172 HOH A O   1 
HETATM 1140 O O   . HOH B 2 .   ? -3.220  -6.647  17.918  1.00 23.34 ? 173 HOH A O   1 
HETATM 1141 O O   . HOH B 2 .   ? -15.146 4.187   -4.624  1.00 19.68 ? 174 HOH A O   1 
HETATM 1142 O O   . HOH B 2 .   ? -0.725  14.278  -1.466  1.00 17.33 ? 175 HOH A O   1 
HETATM 1143 O O   . HOH B 2 .   ? 1.216   14.910  0.733   1.00 20.31 ? 176 HOH A O   1 
HETATM 1144 O O   . HOH B 2 .   ? 9.846   5.670   13.999  1.00 21.09 ? 177 HOH A O   1 
HETATM 1145 O O   . HOH B 2 .   ? 17.752  -8.506  5.520   1.00 21.57 ? 178 HOH A O   1 
HETATM 1146 O O   . HOH B 2 .   ? -2.062  -13.905 4.977   1.00 29.85 ? 179 HOH A O   1 
HETATM 1147 O O   . HOH B 2 .   ? -12.768 -9.086  -2.835  0.50 12.82 ? 180 HOH A O   1 
HETATM 1148 O O   . HOH B 2 .   ? 0.910   -9.664  7.650   1.00 21.72 ? 181 HOH A O   1 
HETATM 1149 O O   . HOH B 2 .   ? -3.678  -14.445 -6.965  1.00 19.27 ? 182 HOH A O   1 
HETATM 1150 O O   . HOH B 2 .   ? 10.022  -12.678 -5.715  1.00 20.92 ? 183 HOH A O   1 
HETATM 1151 O O   . HOH B 2 .   ? 0.211   9.375   14.602  1.00 27.56 ? 184 HOH A O   1 
HETATM 1152 O O   . HOH B 2 .   ? -5.613  -15.344 -2.576  1.00 20.65 ? 185 HOH A O   1 
HETATM 1153 O O   . HOH B 2 .   ? 12.417  4.313   11.077  1.00 22.33 ? 186 HOH A O   1 
HETATM 1154 O O   . HOH B 2 .   ? -9.911  -2.365  -2.829  1.00 30.11 ? 187 HOH A O   1 
HETATM 1155 O O   . HOH B 2 .   ? -13.052 -8.784  -5.477  1.00 31.76 ? 188 HOH A O   1 
HETATM 1156 O O   . HOH B 2 .   ? -11.523 -1.753  11.035  1.00 26.47 ? 189 HOH A O   1 
HETATM 1157 O O   . HOH B 2 .   ? -7.972  -6.003  16.817  1.00 26.41 ? 190 HOH A O   1 
HETATM 1158 O O   . HOH B 2 .   ? -8.741  -1.105  -7.197  1.00 28.09 ? 191 HOH A O   1 
HETATM 1159 O O   . HOH B 2 .   ? 7.236   9.885   1.387   1.00 19.47 ? 192 HOH A O   1 
HETATM 1160 O O   . HOH B 2 .   ? -11.743 1.716   7.922   1.00 26.61 ? 193 HOH A O   1 
HETATM 1161 O O   . HOH B 2 .   ? -5.434  11.561  -16.954 1.00 24.97 ? 194 HOH A O   1 
HETATM 1162 O O   . HOH B 2 .   ? -8.646  -4.592  -9.893  1.00 23.27 ? 195 HOH A O   1 
HETATM 1163 O O   . HOH B 2 .   ? 9.752   -2.682  13.370  1.00 21.73 ? 196 HOH A O   1 
HETATM 1164 O O   . HOH B 2 .   ? 13.778  1.447   0.760   1.00 27.57 ? 197 HOH A O   1 
HETATM 1165 O O   . HOH B 2 .   ? 6.530   13.640  6.998   1.00 21.42 ? 198 HOH A O   1 
HETATM 1166 O O   . HOH B 2 .   ? 3.003   -8.404  8.936   1.00 17.91 ? 199 HOH A O   1 
HETATM 1167 O O   . HOH B 2 .   ? 15.124  -6.045  1.837   1.00 29.77 ? 200 HOH A O   1 
HETATM 1168 O O   . HOH B 2 .   ? 10.043  -6.255  10.345  1.00 24.47 ? 201 HOH A O   1 
HETATM 1169 O O   . HOH B 2 .   ? -10.591 -0.542  3.871   1.00 34.38 ? 202 HOH A O   1 
HETATM 1170 O O   . HOH B 2 .   ? -0.371  11.127  -7.067  1.00 27.24 ? 203 HOH A O   1 
HETATM 1171 O O   . HOH B 2 .   ? 8.916   0.963   -7.865  1.00 23.46 ? 204 HOH A O   1 
HETATM 1172 O O   . HOH B 2 .   ? 3.992   -15.185 2.953   1.00 32.07 ? 205 HOH A O   1 
HETATM 1173 O O   . HOH B 2 .   ? 2.211   8.348   -15.536 1.00 35.42 ? 206 HOH A O   1 
HETATM 1174 O O   . HOH B 2 .   ? -5.142  -15.430 0.029   1.00 32.49 ? 207 HOH A O   1 
HETATM 1175 O O   . HOH B 2 .   ? -13.721 13.464  0.660   1.00 24.54 ? 208 HOH A O   1 
HETATM 1176 O O   . HOH B 2 .   ? 8.432   8.230   10.997  1.00 24.57 ? 209 HOH A O   1 
HETATM 1177 O O   . HOH B 2 .   ? -11.154 7.872   6.264   1.00 27.88 ? 210 HOH A O   1 
HETATM 1178 O O   . HOH B 2 .   ? -9.236  -14.549 -3.072  1.00 29.05 ? 211 HOH A O   1 
HETATM 1179 O O   . HOH B 2 .   ? -9.063  -2.842  -5.171  1.00 31.79 ? 212 HOH A O   1 
HETATM 1180 O O   . HOH B 2 .   ? -6.840  -2.487  -9.529  1.00 28.88 ? 213 HOH A O   1 
HETATM 1181 O O   . HOH B 2 .   ? 3.868   -0.600  14.949  1.00 28.22 ? 214 HOH A O   1 
HETATM 1182 O O   . HOH B 2 .   ? 7.224   12.118  4.938   1.00 25.90 ? 215 HOH A O   1 
HETATM 1183 O O   . HOH B 2 .   ? 2.702   14.386  10.905  1.00 26.62 ? 216 HOH A O   1 
HETATM 1184 O O   . HOH B 2 .   ? 1.318   12.198  -8.777  1.00 35.48 ? 217 HOH A O   1 
HETATM 1185 O O   . HOH B 2 .   ? 8.657   -8.400  4.749   1.00 18.76 ? 218 HOH A O   1 
HETATM 1186 O O   . HOH B 2 .   ? 13.917  5.410   1.079   1.00 28.69 ? 219 HOH A O   1 
HETATM 1187 O O   . HOH B 2 .   ? 5.037   1.487   13.752  1.00 32.24 ? 220 HOH A O   1 
HETATM 1188 O O   . HOH B 2 .   ? -2.643  -17.669 1.737   1.00 34.83 ? 221 HOH A O   1 
HETATM 1189 O O   . HOH B 2 .   ? -0.326  16.281  2.831   1.00 24.78 ? 222 HOH A O   1 
HETATM 1190 O O   . HOH B 2 .   ? 11.022  -1.277  14.971  1.00 28.67 ? 223 HOH A O   1 
HETATM 1191 O O   . HOH B 2 .   ? -4.536  15.569  3.072   1.00 39.28 ? 224 HOH A O   1 
HETATM 1192 O O   . HOH B 2 .   ? 5.168   -19.730 -7.421  1.00 13.93 ? 225 HOH A O   1 
HETATM 1193 O O   . HOH B 2 .   ? 9.919   1.408   -5.294  1.00 21.71 ? 226 HOH A O   1 
HETATM 1194 O O   . HOH B 2 .   ? 14.199  -1.773  0.316   1.00 23.45 ? 227 HOH A O   1 
HETATM 1195 O O   . HOH B 2 .   ? 4.031   10.019  -17.175 1.00 29.82 ? 228 HOH A O   1 
HETATM 1196 O O   . HOH B 2 .   ? 1.445   10.373  -14.126 1.00 31.02 ? 229 HOH A O   1 
HETATM 1197 O O   . HOH B 2 .   ? -14.488 4.350   -7.630  1.00 30.45 ? 230 HOH A O   1 
HETATM 1198 O O   . HOH B 2 .   ? -1.822  4.824   -18.293 1.00 30.29 ? 231 HOH A O   1 
HETATM 1199 O O   . HOH B 2 .   ? -14.488 12.321  -1.739  1.00 26.24 ? 232 HOH A O   1 
HETATM 1200 O O   . HOH B 2 .   ? 10.895  4.946   -4.869  1.00 30.25 ? 233 HOH A O   1 
HETATM 1201 O O   . HOH B 2 .   ? 22.136  -0.846  0.895   1.00 25.27 ? 234 HOH A O   1 
HETATM 1202 O O   . HOH B 2 .   ? 15.754  -3.810  3.074   1.00 37.63 ? 235 HOH A O   1 
HETATM 1203 O O   . HOH B 2 .   ? -16.838 -7.055  7.999   1.00 35.65 ? 236 HOH A O   1 
HETATM 1204 O O   . HOH B 2 .   ? 12.726  -4.078  8.361   1.00 21.95 ? 237 HOH A O   1 
HETATM 1205 O O   . HOH B 2 .   ? -16.138 4.597   0.026   1.00 28.42 ? 238 HOH A O   1 
HETATM 1206 O O   . HOH B 2 .   ? 6.841   6.976   17.313  1.00 24.84 ? 239 HOH A O   1 
HETATM 1207 O O   . HOH B 2 .   ? -13.852 5.413   -9.983  1.00 32.40 ? 240 HOH A O   1 
HETATM 1208 O O   . HOH B 2 .   ? 11.756  0.070   -3.741  1.00 29.81 ? 241 HOH A O   1 
HETATM 1209 O O   . HOH B 2 .   ? -15.575 -3.065  12.918  1.00 27.23 ? 242 HOH A O   1 
HETATM 1210 O O   . HOH B 2 .   ? -19.282 -3.924  9.448   1.00 33.16 ? 243 HOH A O   1 
HETATM 1211 O O   . HOH B 2 .   ? 10.368  11.389  7.675   1.00 32.79 ? 244 HOH A O   1 
HETATM 1212 O O   . HOH B 2 .   ? 0.395   -13.987 4.182   1.00 33.25 ? 245 HOH A O   1 
HETATM 1213 O O   . HOH B 2 .   ? -19.626 -3.619  12.169  1.00 28.69 ? 246 HOH A O   1 
HETATM 1214 O O   . HOH B 2 .   ? -6.077  13.923  -1.844  1.00 33.81 ? 247 HOH A O   1 
HETATM 1215 O O   . HOH B 2 .   ? -6.181  -9.016  -13.038 1.00 39.71 ? 248 HOH A O   1 
HETATM 1216 O O   . HOH B 2 .   ? 6.027   -20.256 -0.072  1.00 38.02 ? 249 HOH A O   1 
HETATM 1217 O O   . HOH B 2 .   ? 7.394   -6.435  13.175  1.00 32.90 ? 250 HOH A O   1 
HETATM 1218 O O   . HOH B 2 .   ? -7.516  -1.208  -11.854 1.00 45.36 ? 251 HOH A O   1 
HETATM 1219 O O   . HOH B 2 .   ? -9.386  1.398   -7.314  1.00 25.82 ? 252 HOH A O   1 
HETATM 1220 O O   . HOH B 2 .   ? -8.026  -14.774 0.155   1.00 27.50 ? 253 HOH A O   1 
HETATM 1221 O O   . HOH B 2 .   ? 18.889  -3.993  -0.016  1.00 28.66 ? 254 HOH A O   1 
HETATM 1222 O O   . HOH B 2 .   ? 11.889  4.272   13.683  1.00 26.18 ? 255 HOH A O   1 
HETATM 1223 O O   . HOH B 2 .   ? 14.062  2.209   10.948  1.00 26.08 ? 256 HOH A O   1 
HETATM 1224 O O   . HOH B 2 .   ? 12.234  -10.941 -6.134  1.00 10.09 ? 257 HOH A O   1 
HETATM 1225 O O   . HOH B 2 .   ? 1.328   -10.826 -11.328 1.00 18.34 ? 258 HOH A O   1 
HETATM 1226 O O   . HOH B 2 .   ? 0.894   -7.803  -13.240 1.00 19.33 ? 259 HOH A O   1 
HETATM 1227 O O   . HOH B 2 .   ? -13.666 6.322   5.735   1.00 32.19 ? 260 HOH A O   1 
HETATM 1228 O O   . HOH B 2 .   ? 8.672   10.902  12.086  1.00 31.57 ? 261 HOH A O   1 
HETATM 1229 O O   . HOH B 2 .   ? -0.918  -0.528  18.348  1.00 29.99 ? 262 HOH A O   1 
HETATM 1230 O O   . HOH B 2 .   ? 5.288   -19.233 -4.270  1.00 21.52 ? 263 HOH A O   1 
HETATM 1231 O O   . HOH B 2 .   ? -2.938  -18.717 -1.465  1.00 32.43 ? 264 HOH A O   1 
HETATM 1232 O O   . HOH B 2 .   ? 3.371   -12.738 4.479   1.00 40.46 ? 265 HOH A O   1 
HETATM 1233 O O   . HOH B 2 .   ? -4.492  -6.055  -13.966 1.00 40.49 ? 266 HOH A O   1 
HETATM 1234 O O   . HOH B 2 .   ? -10.128 7.751   8.800   1.00 33.11 ? 267 HOH A O   1 
HETATM 1235 O O   . HOH B 2 .   ? -9.531  -13.404 3.169   1.00 28.86 ? 268 HOH A O   1 
HETATM 1236 O O   . HOH B 2 .   ? -19.646 0.926   5.101   1.00 44.16 ? 269 HOH A O   1 
HETATM 1237 O O   . HOH B 2 .   ? 6.574   10.170  -2.492  1.00 23.44 ? 270 HOH A O   1 
HETATM 1238 O O   . HOH B 2 .   ? 6.282   10.345  -9.771  1.00 35.45 ? 271 HOH A O   1 
HETATM 1239 O O   . HOH B 2 .   ? 7.307   -10.753 4.348   1.00 32.11 ? 272 HOH A O   1 
HETATM 1240 O O   . HOH B 2 .   ? 4.046   3.217   14.898  1.00 32.76 ? 273 HOH A O   1 
HETATM 1241 O O   . HOH B 2 .   ? -10.470 -6.789  18.296  1.00 37.86 ? 274 HOH A O   1 
HETATM 1242 O O   . HOH B 2 .   ? 1.159   14.519  -3.392  1.00 45.47 ? 275 HOH A O   1 
HETATM 1243 O O   . HOH B 2 .   ? 16.394  -11.556 7.842   1.00 37.93 ? 276 HOH A O   1 
HETATM 1244 O O   . HOH B 2 .   ? 1.702   -20.553 -7.625  1.00 40.35 ? 277 HOH A O   1 
HETATM 1245 O O   . HOH B 2 .   ? -4.377  -2.907  -13.306 1.00 40.08 ? 278 HOH A O   1 
HETATM 1246 O O   . HOH B 2 .   ? -9.517  -11.676 4.651   1.00 28.51 ? 279 HOH A O   1 
HETATM 1247 O O   . HOH B 2 .   ? 2.815   10.942  16.980  1.00 48.84 ? 280 HOH A O   1 
HETATM 1248 O O   . HOH B 2 .   ? 7.737   2.491   16.902  1.00 31.86 ? 281 HOH A O   1 
# 
loop_
_pdbx_poly_seq_scheme.asym_id 
_pdbx_poly_seq_scheme.entity_id 
_pdbx_poly_seq_scheme.seq_id 
_pdbx_poly_seq_scheme.mon_id 
_pdbx_poly_seq_scheme.ndb_seq_num 
_pdbx_poly_seq_scheme.pdb_seq_num 
_pdbx_poly_seq_scheme.auth_seq_num 
_pdbx_poly_seq_scheme.pdb_mon_id 
_pdbx_poly_seq_scheme.auth_mon_id 
_pdbx_poly_seq_scheme.pdb_strand_id 
_pdbx_poly_seq_scheme.pdb_ins_code 
_pdbx_poly_seq_scheme.hetero 
A 1 1   GLY 1   -1  -1  GLY GLY A . n 
A 1 2   SER 2   0   0   SER SER A . n 
A 1 3   MET 3   1   1   MET MET A . n 
A 1 4   ALA 4   2   2   ALA ALA A . n 
A 1 5   VAL 5   3   3   VAL VAL A . n 
A 1 6   ASN 6   4   4   ASN ASN A . n 
A 1 7   VAL 7   5   5   VAL VAL A . n 
A 1 8   TYR 8   6   6   TYR TYR A . n 
A 1 9   SER 9   7   7   SER SER A . n 
A 1 10  THR 10  8   8   THR THR A . n 
A 1 11  SER 11  9   9   SER SER A . n 
A 1 12  VAL 12  10  10  VAL VAL A . n 
A 1 13  THR 13  11  11  THR THR A . n 
A 1 14  SER 14  12  12  SER SER A . n 
A 1 15  GLU 15  13  13  GLU GLU A . n 
A 1 16  ASN 16  14  14  ASN ASN A . n 
A 1 17  LEU 17  15  15  LEU LEU A . n 
A 1 18  SER 18  16  16  SER SER A . n 
A 1 19  ARG 19  17  17  ARG ARG A . n 
A 1 20  HIS 20  18  18  HIS HIS A . n 
A 1 21  ASP 21  19  19  ASP ASP A . n 
A 1 22  MET 22  20  20  MET MET A . n 
A 1 23  LEU 23  21  21  LEU LEU A . n 
A 1 24  ALA 24  22  22  ALA ALA A . n 
A 1 25  TRP 25  23  23  TRP TRP A . n 
A 1 26  VAL 26  24  24  VAL VAL A . n 
A 1 27  ASN 27  25  25  ASN ASN A . n 
A 1 28  ASP 28  26  26  ASP ASP A . n 
A 1 29  SER 29  27  27  SER SER A . n 
A 1 30  LEU 30  28  28  LEU LEU A . n 
A 1 31  HIS 31  29  29  HIS HIS A . n 
A 1 32  LEU 32  30  30  LEU LEU A . n 
A 1 33  ASN 33  31  31  ASN ASN A . n 
A 1 34  TYR 34  32  32  TYR TYR A . n 
A 1 35  THR 35  33  33  THR THR A . n 
A 1 36  LYS 36  34  34  LYS LYS A . n 
A 1 37  ILE 37  35  35  ILE ILE A . n 
A 1 38  GLU 38  36  36  GLU GLU A . n 
A 1 39  GLN 39  37  37  GLN GLN A . n 
A 1 40  LEU 40  38  38  LEU LEU A . n 
A 1 41  CYS 41  39  39  CYS CYS A . n 
A 1 42  SER 42  40  40  SER SER A . n 
A 1 43  GLY 43  41  41  GLY GLY A . n 
A 1 44  ALA 44  42  42  ALA ALA A . n 
A 1 45  ALA 45  43  43  ALA ALA A . n 
A 1 46  TYR 46  44  44  TYR TYR A . n 
A 1 47  CYS 47  45  45  CYS CYS A . n 
A 1 48  GLN 48  46  46  GLN GLN A . n 
A 1 49  PHE 49  47  47  PHE PHE A . n 
A 1 50  MET 50  48  48  MET MET A . n 
A 1 51  ASP 51  49  49  ASP ASP A . n 
A 1 52  MET 52  50  50  MET MET A . n 
A 1 53  LEU 53  51  51  LEU LEU A . n 
A 1 54  PHE 54  52  52  PHE PHE A . n 
A 1 55  PRO 55  53  53  PRO PRO A . n 
A 1 56  GLY 56  54  54  GLY GLY A . n 
A 1 57  CYS 57  55  55  CYS CYS A . n 
A 1 58  VAL 58  56  56  VAL VAL A . n 
A 1 59  HIS 59  57  57  HIS HIS A . n 
A 1 60  LEU 60  58  58  LEU LEU A . n 
A 1 61  ARG 61  59  59  ARG ARG A . n 
A 1 62  LYS 62  60  60  LYS LYS A . n 
A 1 63  VAL 63  61  61  VAL VAL A . n 
A 1 64  LYS 64  62  62  LYS LYS A . n 
A 1 65  PHE 65  63  63  PHE PHE A . n 
A 1 66  GLN 66  64  64  GLN GLN A . n 
A 1 67  ALA 67  65  65  ALA ALA A . n 
A 1 68  LYS 68  66  66  LYS LYS A . n 
A 1 69  LEU 69  67  67  LEU LEU A . n 
A 1 70  GLU 70  68  68  GLU GLU A . n 
A 1 71  HIS 71  69  69  HIS HIS A . n 
A 1 72  GLU 72  70  70  GLU GLU A . n 
A 1 73  TYR 73  71  71  TYR TYR A . n 
A 1 74  ILE 74  72  72  ILE ILE A . n 
A 1 75  HIS 75  73  73  HIS HIS A . n 
A 1 76  ASN 76  74  74  ASN ASN A . n 
A 1 77  PHE 77  75  75  PHE PHE A . n 
A 1 78  LYS 78  76  76  LYS LYS A . n 
A 1 79  VAL 79  77  77  VAL VAL A . n 
A 1 80  LEU 80  78  78  LEU LEU A . n 
A 1 81  GLN 81  79  79  GLN GLN A . n 
A 1 82  ALA 82  80  80  ALA ALA A . n 
A 1 83  ALA 83  81  81  ALA ALA A . n 
A 1 84  PHE 84  82  82  PHE PHE A . n 
A 1 85  LYS 85  83  83  LYS LYS A . n 
A 1 86  LYS 86  84  84  LYS LYS A . n 
A 1 87  MET 87  85  85  MET MET A . n 
A 1 88  GLY 88  86  86  GLY GLY A . n 
A 1 89  VAL 89  87  87  VAL VAL A . n 
A 1 90  ASP 90  88  88  ASP ASP A . n 
A 1 91  LYS 91  89  89  LYS LYS A . n 
A 1 92  ILE 92  90  90  ILE ILE A . n 
A 1 93  ILE 93  91  91  ILE ILE A . n 
A 1 94  PRO 94  92  92  PRO PRO A . n 
A 1 95  VAL 95  93  93  VAL VAL A . n 
A 1 96  GLU 96  94  94  GLU GLU A . n 
A 1 97  LYS 97  95  95  LYS LYS A . n 
A 1 98  LEU 98  96  96  LEU LEU A . n 
A 1 99  VAL 99  97  97  VAL VAL A . n 
A 1 100 LYS 100 98  98  LYS LYS A . n 
A 1 101 GLY 101 99  99  GLY GLY A . n 
A 1 102 LYS 102 100 100 LYS LYS A . n 
A 1 103 PHE 103 101 101 PHE PHE A . n 
A 1 104 GLN 104 102 102 GLN GLN A . n 
A 1 105 ASP 105 103 103 ASP ASP A . n 
A 1 106 ASN 106 104 104 ASN ASN A . n 
A 1 107 PHE 107 105 105 PHE PHE A . n 
A 1 108 GLU 108 106 106 GLU GLU A . n 
A 1 109 PHE 109 107 107 PHE PHE A . n 
A 1 110 ILE 110 108 108 ILE ILE A . n 
A 1 111 GLN 111 109 109 GLN GLN A . n 
A 1 112 TRP 112 110 110 TRP TRP A . n 
A 1 113 PHE 113 111 111 PHE PHE A . n 
A 1 114 LYS 114 112 112 LYS LYS A . n 
A 1 115 LYS 115 113 113 LYS LYS A . n 
A 1 116 PHE 116 114 114 PHE PHE A . n 
A 1 117 PHE 117 115 115 PHE PHE A . n 
A 1 118 ASP 118 116 116 ASP ASP A . n 
A 1 119 ALA 119 117 117 ALA ALA A . n 
A 1 120 ASN 120 118 118 ASN ASN A . n 
A 1 121 TYR 121 119 119 TYR TYR A . n 
A 1 122 ASP 122 120 120 ASP ASP A . n 
A 1 123 GLY 123 121 121 GLY GLY A . n 
A 1 124 LYS 124 122 122 LYS LYS A . n 
A 1 125 ASP 125 123 123 ASP ASP A . n 
A 1 126 TYR 126 124 124 TYR TYR A . n 
A 1 127 ASN 127 125 125 ASN ASN A . n 
A 1 128 PRO 128 126 126 PRO PRO A . n 
A 1 129 LEU 129 127 127 LEU LEU A . n 
A 1 130 LEU 130 128 128 LEU LEU A . n 
A 1 131 ALA 131 129 129 ALA ALA A . n 
A 1 132 ARG 132 130 130 ARG ARG A . n 
# 
loop_
_pdbx_nonpoly_scheme.asym_id 
_pdbx_nonpoly_scheme.entity_id 
_pdbx_nonpoly_scheme.mon_id 
_pdbx_nonpoly_scheme.ndb_seq_num 
_pdbx_nonpoly_scheme.pdb_seq_num 
_pdbx_nonpoly_scheme.auth_seq_num 
_pdbx_nonpoly_scheme.pdb_mon_id 
_pdbx_nonpoly_scheme.auth_mon_id 
_pdbx_nonpoly_scheme.pdb_strand_id 
_pdbx_nonpoly_scheme.pdb_ins_code 
B 2 HOH 1   131 1   HOH HOH A . 
B 2 HOH 2   132 2   HOH HOH A . 
B 2 HOH 3   133 3   HOH HOH A . 
B 2 HOH 4   134 4   HOH HOH A . 
B 2 HOH 5   135 5   HOH HOH A . 
B 2 HOH 6   136 6   HOH HOH A . 
B 2 HOH 7   137 7   HOH HOH A . 
B 2 HOH 8   138 8   HOH HOH A . 
B 2 HOH 9   139 9   HOH HOH A . 
B 2 HOH 10  140 10  HOH HOH A . 
B 2 HOH 11  141 11  HOH HOH A . 
B 2 HOH 12  142 12  HOH HOH A . 
B 2 HOH 13  143 13  HOH HOH A . 
B 2 HOH 14  144 14  HOH HOH A . 
B 2 HOH 15  145 15  HOH HOH A . 
B 2 HOH 16  146 16  HOH HOH A . 
B 2 HOH 17  147 17  HOH HOH A . 
B 2 HOH 18  148 18  HOH HOH A . 
B 2 HOH 19  149 19  HOH HOH A . 
B 2 HOH 20  150 20  HOH HOH A . 
B 2 HOH 21  151 21  HOH HOH A . 
B 2 HOH 22  152 22  HOH HOH A . 
B 2 HOH 23  153 23  HOH HOH A . 
B 2 HOH 24  154 24  HOH HOH A . 
B 2 HOH 25  155 25  HOH HOH A . 
B 2 HOH 26  156 26  HOH HOH A . 
B 2 HOH 27  157 27  HOH HOH A . 
B 2 HOH 28  158 28  HOH HOH A . 
B 2 HOH 29  159 29  HOH HOH A . 
B 2 HOH 30  160 30  HOH HOH A . 
B 2 HOH 31  161 31  HOH HOH A . 
B 2 HOH 32  162 32  HOH HOH A . 
B 2 HOH 33  163 33  HOH HOH A . 
B 2 HOH 34  164 34  HOH HOH A . 
B 2 HOH 35  165 35  HOH HOH A . 
B 2 HOH 36  166 36  HOH HOH A . 
B 2 HOH 37  167 37  HOH HOH A . 
B 2 HOH 38  168 38  HOH HOH A . 
B 2 HOH 39  169 39  HOH HOH A . 
B 2 HOH 40  170 40  HOH HOH A . 
B 2 HOH 41  171 41  HOH HOH A . 
B 2 HOH 42  172 42  HOH HOH A . 
B 2 HOH 43  173 43  HOH HOH A . 
B 2 HOH 44  174 44  HOH HOH A . 
B 2 HOH 45  175 45  HOH HOH A . 
B 2 HOH 46  176 46  HOH HOH A . 
B 2 HOH 47  177 47  HOH HOH A . 
B 2 HOH 48  178 48  HOH HOH A . 
B 2 HOH 49  179 49  HOH HOH A . 
B 2 HOH 50  180 50  HOH HOH A . 
B 2 HOH 51  181 51  HOH HOH A . 
B 2 HOH 52  182 52  HOH HOH A . 
B 2 HOH 53  183 53  HOH HOH A . 
B 2 HOH 54  184 54  HOH HOH A . 
B 2 HOH 55  185 55  HOH HOH A . 
B 2 HOH 56  186 56  HOH HOH A . 
B 2 HOH 57  187 57  HOH HOH A . 
B 2 HOH 58  188 58  HOH HOH A . 
B 2 HOH 59  189 59  HOH HOH A . 
B 2 HOH 60  190 60  HOH HOH A . 
B 2 HOH 61  191 61  HOH HOH A . 
B 2 HOH 62  192 62  HOH HOH A . 
B 2 HOH 63  193 63  HOH HOH A . 
B 2 HOH 64  194 64  HOH HOH A . 
B 2 HOH 65  195 65  HOH HOH A . 
B 2 HOH 66  196 66  HOH HOH A . 
B 2 HOH 67  197 67  HOH HOH A . 
B 2 HOH 68  198 68  HOH HOH A . 
B 2 HOH 69  199 69  HOH HOH A . 
B 2 HOH 70  200 70  HOH HOH A . 
B 2 HOH 71  201 71  HOH HOH A . 
B 2 HOH 72  202 72  HOH HOH A . 
B 2 HOH 73  203 73  HOH HOH A . 
B 2 HOH 74  204 74  HOH HOH A . 
B 2 HOH 75  205 75  HOH HOH A . 
B 2 HOH 76  206 76  HOH HOH A . 
B 2 HOH 77  207 77  HOH HOH A . 
B 2 HOH 78  208 78  HOH HOH A . 
B 2 HOH 79  209 79  HOH HOH A . 
B 2 HOH 80  210 80  HOH HOH A . 
B 2 HOH 81  211 81  HOH HOH A . 
B 2 HOH 82  212 82  HOH HOH A . 
B 2 HOH 83  213 83  HOH HOH A . 
B 2 HOH 84  214 84  HOH HOH A . 
B 2 HOH 85  215 85  HOH HOH A . 
B 2 HOH 86  216 86  HOH HOH A . 
B 2 HOH 87  217 87  HOH HOH A . 
B 2 HOH 88  218 88  HOH HOH A . 
B 2 HOH 89  219 89  HOH HOH A . 
B 2 HOH 90  220 90  HOH HOH A . 
B 2 HOH 91  221 91  HOH HOH A . 
B 2 HOH 92  222 92  HOH HOH A . 
B 2 HOH 93  223 93  HOH HOH A . 
B 2 HOH 94  224 94  HOH HOH A . 
B 2 HOH 95  225 95  HOH HOH A . 
B 2 HOH 96  226 96  HOH HOH A . 
B 2 HOH 97  227 97  HOH HOH A . 
B 2 HOH 98  228 98  HOH HOH A . 
B 2 HOH 99  229 99  HOH HOH A . 
B 2 HOH 100 230 100 HOH HOH A . 
B 2 HOH 101 231 101 HOH HOH A . 
B 2 HOH 102 232 102 HOH HOH A . 
B 2 HOH 103 233 103 HOH HOH A . 
B 2 HOH 104 234 104 HOH HOH A . 
B 2 HOH 105 235 105 HOH HOH A . 
B 2 HOH 106 236 106 HOH HOH A . 
B 2 HOH 107 237 107 HOH HOH A . 
B 2 HOH 108 238 108 HOH HOH A . 
B 2 HOH 109 239 109 HOH HOH A . 
B 2 HOH 110 240 110 HOH HOH A . 
B 2 HOH 111 241 111 HOH HOH A . 
B 2 HOH 112 242 112 HOH HOH A . 
B 2 HOH 113 243 113 HOH HOH A . 
B 2 HOH 114 244 114 HOH HOH A . 
B 2 HOH 115 245 115 HOH HOH A . 
B 2 HOH 116 246 116 HOH HOH A . 
B 2 HOH 117 247 117 HOH HOH A . 
B 2 HOH 118 248 118 HOH HOH A . 
B 2 HOH 119 249 119 HOH HOH A . 
B 2 HOH 120 250 120 HOH HOH A . 
B 2 HOH 121 251 121 HOH HOH A . 
B 2 HOH 122 252 122 HOH HOH A . 
B 2 HOH 123 253 123 HOH HOH A . 
B 2 HOH 124 254 124 HOH HOH A . 
B 2 HOH 125 255 125 HOH HOH A . 
B 2 HOH 126 256 126 HOH HOH A . 
B 2 HOH 127 257 127 HOH HOH A . 
B 2 HOH 128 258 128 HOH HOH A . 
B 2 HOH 129 259 129 HOH HOH A . 
B 2 HOH 130 260 130 HOH HOH A . 
B 2 HOH 131 261 131 HOH HOH A . 
B 2 HOH 132 262 132 HOH HOH A . 
B 2 HOH 133 263 133 HOH HOH A . 
B 2 HOH 134 264 134 HOH HOH A . 
B 2 HOH 135 265 135 HOH HOH A . 
B 2 HOH 136 266 136 HOH HOH A . 
B 2 HOH 137 267 137 HOH HOH A . 
B 2 HOH 138 268 138 HOH HOH A . 
B 2 HOH 139 269 139 HOH HOH A . 
B 2 HOH 140 270 140 HOH HOH A . 
B 2 HOH 141 271 141 HOH HOH A . 
B 2 HOH 142 272 142 HOH HOH A . 
B 2 HOH 143 273 143 HOH HOH A . 
B 2 HOH 144 274 144 HOH HOH A . 
B 2 HOH 145 275 145 HOH HOH A . 
B 2 HOH 146 276 146 HOH HOH A . 
B 2 HOH 147 277 147 HOH HOH A . 
B 2 HOH 148 278 148 HOH HOH A . 
B 2 HOH 149 279 149 HOH HOH A . 
B 2 HOH 150 280 150 HOH HOH A . 
B 2 HOH 151 281 151 HOH HOH A . 
# 
_pdbx_struct_assembly.id                   1 
_pdbx_struct_assembly.details              author_and_software_defined_assembly 
_pdbx_struct_assembly.method_details       PISA 
_pdbx_struct_assembly.oligomeric_details   monomeric 
_pdbx_struct_assembly.oligomeric_count     1 
# 
_pdbx_struct_assembly_gen.assembly_id       1 
_pdbx_struct_assembly_gen.oper_expression   1 
_pdbx_struct_assembly_gen.asym_id_list      A,B 
# 
_pdbx_struct_oper_list.id                   1 
_pdbx_struct_oper_list.type                 'identity operation' 
_pdbx_struct_oper_list.name                 1_555 
_pdbx_struct_oper_list.symmetry_operation   x,y,z 
_pdbx_struct_oper_list.matrix[1][1]         1.0000000000 
_pdbx_struct_oper_list.matrix[1][2]         0.0000000000 
_pdbx_struct_oper_list.matrix[1][3]         0.0000000000 
_pdbx_struct_oper_list.vector[1]            0.0000000000 
_pdbx_struct_oper_list.matrix[2][1]         0.0000000000 
_pdbx_struct_oper_list.matrix[2][2]         1.0000000000 
_pdbx_struct_oper_list.matrix[2][3]         0.0000000000 
_pdbx_struct_oper_list.vector[2]            0.0000000000 
_pdbx_struct_oper_list.matrix[3][1]         0.0000000000 
_pdbx_struct_oper_list.matrix[3][2]         0.0000000000 
_pdbx_struct_oper_list.matrix[3][3]         1.0000000000 
_pdbx_struct_oper_list.vector[3]            0.0000000000 
# 
loop_
_pdbx_audit_revision_history.ordinal 
_pdbx_audit_revision_history.data_content_type 
_pdbx_audit_revision_history.major_revision 
_pdbx_audit_revision_history.minor_revision 
_pdbx_audit_revision_history.revision_date 
1 'Structure model' 1 0 2009-03-17 
2 'Structure model' 1 1 2011-07-13 
3 'Structure model' 1 2 2023-11-01 
# 
_pdbx_audit_revision_details.ordinal             1 
_pdbx_audit_revision_details.revision_ordinal    1 
_pdbx_audit_revision_details.data_content_type   'Structure model' 
_pdbx_audit_revision_details.provider            repository 
_pdbx_audit_revision_details.type                'Initial release' 
_pdbx_audit_revision_details.description         ? 
_pdbx_audit_revision_details.details             ? 
# 
loop_
_pdbx_audit_revision_group.ordinal 
_pdbx_audit_revision_group.revision_ordinal 
_pdbx_audit_revision_group.data_content_type 
_pdbx_audit_revision_group.group 
1 2 'Structure model' Advisory                    
2 2 'Structure model' 'Version format compliance' 
3 3 'Structure model' 'Data collection'           
4 3 'Structure model' 'Database references'       
5 3 'Structure model' 'Refinement description'    
# 
loop_
_pdbx_audit_revision_category.ordinal 
_pdbx_audit_revision_category.revision_ordinal 
_pdbx_audit_revision_category.data_content_type 
_pdbx_audit_revision_category.category 
1 3 'Structure model' chem_comp_atom                
2 3 'Structure model' chem_comp_bond                
3 3 'Structure model' database_2                    
4 3 'Structure model' pdbx_initial_refinement_model 
5 3 'Structure model' struct_ref_seq_dif            
# 
loop_
_pdbx_audit_revision_item.ordinal 
_pdbx_audit_revision_item.revision_ordinal 
_pdbx_audit_revision_item.data_content_type 
_pdbx_audit_revision_item.item 
1 3 'Structure model' '_database_2.pdbx_DOI'                
2 3 'Structure model' '_database_2.pdbx_database_accession' 
3 3 'Structure model' '_struct_ref_seq_dif.details'         
# 
loop_
_pdbx_refine_tls.id 
_pdbx_refine_tls.details 
_pdbx_refine_tls.method 
_pdbx_refine_tls.origin_x 
_pdbx_refine_tls.origin_y 
_pdbx_refine_tls.origin_z 
_pdbx_refine_tls.T[1][1] 
_pdbx_refine_tls.T[2][2] 
_pdbx_refine_tls.T[3][3] 
_pdbx_refine_tls.T[1][2] 
_pdbx_refine_tls.T[1][3] 
_pdbx_refine_tls.T[2][3] 
_pdbx_refine_tls.L[1][1] 
_pdbx_refine_tls.L[2][2] 
_pdbx_refine_tls.L[3][3] 
_pdbx_refine_tls.L[1][2] 
_pdbx_refine_tls.L[1][3] 
_pdbx_refine_tls.L[2][3] 
_pdbx_refine_tls.S[1][1] 
_pdbx_refine_tls.S[1][2] 
_pdbx_refine_tls.S[1][3] 
_pdbx_refine_tls.S[2][1] 
_pdbx_refine_tls.S[2][2] 
_pdbx_refine_tls.S[2][3] 
_pdbx_refine_tls.S[3][1] 
_pdbx_refine_tls.S[3][2] 
_pdbx_refine_tls.S[3][3] 
_pdbx_refine_tls.pdbx_refine_id 
1  ? refined 12.0561  0.5671   8.3698   0.0347 0.0640 0.0667 -0.0188 -0.0252 -0.0250 2.8186  1.7647  2.0995  -0.3439 -0.3841 -0.2293 0.0288  -0.1870 0.1152  0.0023  -0.0081 0.0390  -0.0931 0.0195  -0.0207 'X-RAY DIFFRACTION' 
2  ? refined 6.7812   -13.8017 -3.5686  0.1354 0.0371 0.1090 -0.0010 0.0056  -0.0124 19.5586 8.7639  9.9991  5.1602  8.3245  8.5422  0.2303  0.0764  -0.4099 0.0596  -0.0263 -0.0336 0.3346  0.0228  -0.2041 'X-RAY DIFFRACTION' 
3  ? refined -3.8537  -9.8116  -3.1513  0.0494 0.0106 0.0548 -0.0205 -0.0081 -0.0258 3.7652  3.7972  2.6852  0.1031  -0.2882 0.1052  0.0014  0.1745  -0.0267 -0.0479 0.0739  0.0647  0.0599  -0.0395 -0.0752 'X-RAY DIFFRACTION' 
4  ? refined -3.6354  1.1684   2.2816   0.0410 0.0064 0.0316 -0.0008 -0.0064 -0.0075 0.9698  1.1252  3.8259  -0.2330 -0.2938 1.1270  0.0027  -0.0351 -0.0462 -0.0742 -0.0026 0.0493  -0.0424 -0.1268 -0.0003 'X-RAY DIFFRACTION' 
5  ? refined -11.6966 6.9783   -1.1642  0.0294 0.0688 0.0993 -0.0028 -0.0137 0.0409  9.0758  12.0063 10.0114 1.7912  -0.1119 5.3427  -0.0706 -0.1549 -0.0660 -0.0149 0.2431  -0.0615 -0.0489 -0.3734 -0.1724 'X-RAY DIFFRACTION' 
6  ? refined -6.4994  6.7277   -10.8615 0.0625 0.0266 0.0069 -0.0192 -0.0300 -0.0020 1.8161  6.2619  6.3314  0.1390  -0.2276 -2.1167 -0.0325 0.2604  -0.0911 -0.4760 0.1087  0.3726  0.3296  -0.2135 -0.0762 'X-RAY DIFFRACTION' 
7  ? refined -0.8338  10.2976  -0.4033  0.0890 0.0178 0.0322 -0.0178 -0.0089 0.0088  7.4265  4.4019  14.9668 -1.4058 4.7903  -2.1394 -0.2663 0.1997  0.3542  -0.3782 0.0244  -0.1690 -0.3596 0.2601  0.2419  'X-RAY DIFFRACTION' 
8  ? refined 5.7513   8.9154   3.4765   0.0516 0.0151 0.0563 -0.0316 -0.0032 -0.0122 6.1886  2.8398  6.3504  0.8525  0.3207  0.8357  -0.1259 0.1387  0.0511  -0.1202 0.0477  -0.1188 -0.2320 0.1144  0.0782  'X-RAY DIFFRACTION' 
9  ? refined 3.7705   5.2840   -12.2840 0.0642 0.0079 0.0146 -0.0175 0.0530  0.0022  10.5287 7.8257  15.0840 -0.8787 1.5155  3.1857  0.1355  0.4691  0.5162  -0.5644 -0.0003 -0.4744 -0.2577 0.3721  -0.1352 'X-RAY DIFFRACTION' 
10 ? refined 7.2928   -3.4705  -11.1735 0.0805 0.0967 0.0081 0.0286  0.0422  -0.0423 12.4395 9.2851  7.5226  -0.0439 -0.4861 7.1138  0.1690  0.9984  -0.2305 -0.7778 0.0092  -0.4330 -0.2738 0.2674  -0.1782 'X-RAY DIFFRACTION' 
11 ? refined 4.2740   -3.4393  5.3649   0.0245 0.0181 0.0496 -0.0086 -0.0005 -0.0200 1.7724  0.9916  2.1744  -0.9337 -1.0783 0.0982  -0.0059 -0.0832 -0.1431 0.0021  0.0497  0.0031  0.0779  0.0072  -0.0438 'X-RAY DIFFRACTION' 
12 ? refined -13.3069 -2.5057  6.4947   0.0097 0.0133 0.0641 -0.0188 0.0352  -0.0040 5.7266  10.4284 27.3503 2.5513  6.3584  -7.0457 -0.2044 0.3047  -0.2965 -0.4419 0.0265  -0.4738 -0.1927 0.1384  0.1780  'X-RAY DIFFRACTION' 
# 
loop_
_pdbx_refine_tls_group.id 
_pdbx_refine_tls_group.refine_tls_id 
_pdbx_refine_tls_group.beg_auth_asym_id 
_pdbx_refine_tls_group.beg_auth_seq_id 
_pdbx_refine_tls_group.beg_label_asym_id 
_pdbx_refine_tls_group.beg_label_seq_id 
_pdbx_refine_tls_group.end_auth_asym_id 
_pdbx_refine_tls_group.end_auth_seq_id 
_pdbx_refine_tls_group.end_label_asym_id 
_pdbx_refine_tls_group.end_label_seq_id 
_pdbx_refine_tls_group.selection 
_pdbx_refine_tls_group.pdbx_refine_id 
_pdbx_refine_tls_group.selection_details 
1  1  A -1  A 1   A 12  A 14  ? 'X-RAY DIFFRACTION' ? 
2  2  A 13  A 15  A 18  A 20  ? 'X-RAY DIFFRACTION' ? 
3  3  A 19  A 21  A 36  A 38  ? 'X-RAY DIFFRACTION' ? 
4  4  A 37  A 39  A 56  A 58  ? 'X-RAY DIFFRACTION' ? 
5  5  A 57  A 59  A 64  A 66  ? 'X-RAY DIFFRACTION' ? 
6  6  A 65  A 67  A 75  A 77  ? 'X-RAY DIFFRACTION' ? 
7  7  A 76  A 78  A 81  A 83  ? 'X-RAY DIFFRACTION' ? 
8  8  A 82  A 84  A 91  A 93  ? 'X-RAY DIFFRACTION' ? 
9  9  A 92  A 94  A 99  A 101 ? 'X-RAY DIFFRACTION' ? 
10 10 A 100 A 102 A 106 A 108 ? 'X-RAY DIFFRACTION' ? 
11 11 A 107 A 109 A 122 A 124 ? 'X-RAY DIFFRACTION' ? 
12 12 A 123 A 125 A 130 A 132 ? 'X-RAY DIFFRACTION' ? 
# 
loop_
_software.name 
_software.classification 
_software.version 
_software.citation_id 
_software.pdbx_ordinal 
REFMAC refinement       5.2.0019 ? 1 
XDS    'data scaling'   .        ? 2 
XDS    'data reduction' .        ? 3 
XSCALE 'data scaling'   .        ? 4 
PHASER phasing          .        ? 5 
# 
_pdbx_validate_rmsd_bond.id                        1 
_pdbx_validate_rmsd_bond.PDB_model_num             1 
_pdbx_validate_rmsd_bond.auth_atom_id_1            CD 
_pdbx_validate_rmsd_bond.auth_asym_id_1            A 
_pdbx_validate_rmsd_bond.auth_comp_id_1            GLU 
_pdbx_validate_rmsd_bond.auth_seq_id_1             94 
_pdbx_validate_rmsd_bond.PDB_ins_code_1            ? 
_pdbx_validate_rmsd_bond.label_alt_id_1            ? 
_pdbx_validate_rmsd_bond.auth_atom_id_2            OE1 
_pdbx_validate_rmsd_bond.auth_asym_id_2            A 
_pdbx_validate_rmsd_bond.auth_comp_id_2            GLU 
_pdbx_validate_rmsd_bond.auth_seq_id_2             94 
_pdbx_validate_rmsd_bond.PDB_ins_code_2            ? 
_pdbx_validate_rmsd_bond.label_alt_id_2            ? 
_pdbx_validate_rmsd_bond.bond_value                1.159 
_pdbx_validate_rmsd_bond.bond_target_value         1.252 
_pdbx_validate_rmsd_bond.bond_deviation            -0.093 
_pdbx_validate_rmsd_bond.bond_standard_deviation   0.011 
_pdbx_validate_rmsd_bond.linker_flag               N 
# 
loop_
_pdbx_unobs_or_zero_occ_atoms.id 
_pdbx_unobs_or_zero_occ_atoms.PDB_model_num 
_pdbx_unobs_or_zero_occ_atoms.polymer_flag 
_pdbx_unobs_or_zero_occ_atoms.occupancy_flag 
_pdbx_unobs_or_zero_occ_atoms.auth_asym_id 
_pdbx_unobs_or_zero_occ_atoms.auth_comp_id 
_pdbx_unobs_or_zero_occ_atoms.auth_seq_id 
_pdbx_unobs_or_zero_occ_atoms.PDB_ins_code 
_pdbx_unobs_or_zero_occ_atoms.auth_atom_id 
_pdbx_unobs_or_zero_occ_atoms.label_alt_id 
_pdbx_unobs_or_zero_occ_atoms.label_asym_id 
_pdbx_unobs_or_zero_occ_atoms.label_comp_id 
_pdbx_unobs_or_zero_occ_atoms.label_seq_id 
_pdbx_unobs_or_zero_occ_atoms.label_atom_id 
1 1 Y 0 A SER 12 ? CA A A SER 14 CA 
2 1 Y 0 A SER 12 ? CB A A SER 14 CB 
3 1 Y 0 A SER 12 ? OG A A SER 14 OG 
# 
loop_
_chem_comp_atom.comp_id 
_chem_comp_atom.atom_id 
_chem_comp_atom.type_symbol 
_chem_comp_atom.pdbx_aromatic_flag 
_chem_comp_atom.pdbx_stereo_config 
_chem_comp_atom.pdbx_ordinal 
ALA N    N N N 1   
ALA CA   C N S 2   
ALA C    C N N 3   
ALA O    O N N 4   
ALA CB   C N N 5   
ALA OXT  O N N 6   
ALA H    H N N 7   
ALA H2   H N N 8   
ALA HA   H N N 9   
ALA HB1  H N N 10  
ALA HB2  H N N 11  
ALA HB3  H N N 12  
ALA HXT  H N N 13  
ARG N    N N N 14  
ARG CA   C N S 15  
ARG C    C N N 16  
ARG O    O N N 17  
ARG CB   C N N 18  
ARG CG   C N N 19  
ARG CD   C N N 20  
ARG NE   N N N 21  
ARG CZ   C N N 22  
ARG NH1  N N N 23  
ARG NH2  N N N 24  
ARG OXT  O N N 25  
ARG H    H N N 26  
ARG H2   H N N 27  
ARG HA   H N N 28  
ARG HB2  H N N 29  
ARG HB3  H N N 30  
ARG HG2  H N N 31  
ARG HG3  H N N 32  
ARG HD2  H N N 33  
ARG HD3  H N N 34  
ARG HE   H N N 35  
ARG HH11 H N N 36  
ARG HH12 H N N 37  
ARG HH21 H N N 38  
ARG HH22 H N N 39  
ARG HXT  H N N 40  
ASN N    N N N 41  
ASN CA   C N S 42  
ASN C    C N N 43  
ASN O    O N N 44  
ASN CB   C N N 45  
ASN CG   C N N 46  
ASN OD1  O N N 47  
ASN ND2  N N N 48  
ASN OXT  O N N 49  
ASN H    H N N 50  
ASN H2   H N N 51  
ASN HA   H N N 52  
ASN HB2  H N N 53  
ASN HB3  H N N 54  
ASN HD21 H N N 55  
ASN HD22 H N N 56  
ASN HXT  H N N 57  
ASP N    N N N 58  
ASP CA   C N S 59  
ASP C    C N N 60  
ASP O    O N N 61  
ASP CB   C N N 62  
ASP CG   C N N 63  
ASP OD1  O N N 64  
ASP OD2  O N N 65  
ASP OXT  O N N 66  
ASP H    H N N 67  
ASP H2   H N N 68  
ASP HA   H N N 69  
ASP HB2  H N N 70  
ASP HB3  H N N 71  
ASP HD2  H N N 72  
ASP HXT  H N N 73  
CYS N    N N N 74  
CYS CA   C N R 75  
CYS C    C N N 76  
CYS O    O N N 77  
CYS CB   C N N 78  
CYS SG   S N N 79  
CYS OXT  O N N 80  
CYS H    H N N 81  
CYS H2   H N N 82  
CYS HA   H N N 83  
CYS HB2  H N N 84  
CYS HB3  H N N 85  
CYS HG   H N N 86  
CYS HXT  H N N 87  
GLN N    N N N 88  
GLN CA   C N S 89  
GLN C    C N N 90  
GLN O    O N N 91  
GLN CB   C N N 92  
GLN CG   C N N 93  
GLN CD   C N N 94  
GLN OE1  O N N 95  
GLN NE2  N N N 96  
GLN OXT  O N N 97  
GLN H    H N N 98  
GLN H2   H N N 99  
GLN HA   H N N 100 
GLN HB2  H N N 101 
GLN HB3  H N N 102 
GLN HG2  H N N 103 
GLN HG3  H N N 104 
GLN HE21 H N N 105 
GLN HE22 H N N 106 
GLN HXT  H N N 107 
GLU N    N N N 108 
GLU CA   C N S 109 
GLU C    C N N 110 
GLU O    O N N 111 
GLU CB   C N N 112 
GLU CG   C N N 113 
GLU CD   C N N 114 
GLU OE1  O N N 115 
GLU OE2  O N N 116 
GLU OXT  O N N 117 
GLU H    H N N 118 
GLU H2   H N N 119 
GLU HA   H N N 120 
GLU HB2  H N N 121 
GLU HB3  H N N 122 
GLU HG2  H N N 123 
GLU HG3  H N N 124 
GLU HE2  H N N 125 
GLU HXT  H N N 126 
GLY N    N N N 127 
GLY CA   C N N 128 
GLY C    C N N 129 
GLY O    O N N 130 
GLY OXT  O N N 131 
GLY H    H N N 132 
GLY H2   H N N 133 
GLY HA2  H N N 134 
GLY HA3  H N N 135 
GLY HXT  H N N 136 
HIS N    N N N 137 
HIS CA   C N S 138 
HIS C    C N N 139 
HIS O    O N N 140 
HIS CB   C N N 141 
HIS CG   C Y N 142 
HIS ND1  N Y N 143 
HIS CD2  C Y N 144 
HIS CE1  C Y N 145 
HIS NE2  N Y N 146 
HIS OXT  O N N 147 
HIS H    H N N 148 
HIS H2   H N N 149 
HIS HA   H N N 150 
HIS HB2  H N N 151 
HIS HB3  H N N 152 
HIS HD1  H N N 153 
HIS HD2  H N N 154 
HIS HE1  H N N 155 
HIS HE2  H N N 156 
HIS HXT  H N N 157 
HOH O    O N N 158 
HOH H1   H N N 159 
HOH H2   H N N 160 
ILE N    N N N 161 
ILE CA   C N S 162 
ILE C    C N N 163 
ILE O    O N N 164 
ILE CB   C N S 165 
ILE CG1  C N N 166 
ILE CG2  C N N 167 
ILE CD1  C N N 168 
ILE OXT  O N N 169 
ILE H    H N N 170 
ILE H2   H N N 171 
ILE HA   H N N 172 
ILE HB   H N N 173 
ILE HG12 H N N 174 
ILE HG13 H N N 175 
ILE HG21 H N N 176 
ILE HG22 H N N 177 
ILE HG23 H N N 178 
ILE HD11 H N N 179 
ILE HD12 H N N 180 
ILE HD13 H N N 181 
ILE HXT  H N N 182 
LEU N    N N N 183 
LEU CA   C N S 184 
LEU C    C N N 185 
LEU O    O N N 186 
LEU CB   C N N 187 
LEU CG   C N N 188 
LEU CD1  C N N 189 
LEU CD2  C N N 190 
LEU OXT  O N N 191 
LEU H    H N N 192 
LEU H2   H N N 193 
LEU HA   H N N 194 
LEU HB2  H N N 195 
LEU HB3  H N N 196 
LEU HG   H N N 197 
LEU HD11 H N N 198 
LEU HD12 H N N 199 
LEU HD13 H N N 200 
LEU HD21 H N N 201 
LEU HD22 H N N 202 
LEU HD23 H N N 203 
LEU HXT  H N N 204 
LYS N    N N N 205 
LYS CA   C N S 206 
LYS C    C N N 207 
LYS O    O N N 208 
LYS CB   C N N 209 
LYS CG   C N N 210 
LYS CD   C N N 211 
LYS CE   C N N 212 
LYS NZ   N N N 213 
LYS OXT  O N N 214 
LYS H    H N N 215 
LYS H2   H N N 216 
LYS HA   H N N 217 
LYS HB2  H N N 218 
LYS HB3  H N N 219 
LYS HG2  H N N 220 
LYS HG3  H N N 221 
LYS HD2  H N N 222 
LYS HD3  H N N 223 
LYS HE2  H N N 224 
LYS HE3  H N N 225 
LYS HZ1  H N N 226 
LYS HZ2  H N N 227 
LYS HZ3  H N N 228 
LYS HXT  H N N 229 
MET N    N N N 230 
MET CA   C N S 231 
MET C    C N N 232 
MET O    O N N 233 
MET CB   C N N 234 
MET CG   C N N 235 
MET SD   S N N 236 
MET CE   C N N 237 
MET OXT  O N N 238 
MET H    H N N 239 
MET H2   H N N 240 
MET HA   H N N 241 
MET HB2  H N N 242 
MET HB3  H N N 243 
MET HG2  H N N 244 
MET HG3  H N N 245 
MET HE1  H N N 246 
MET HE2  H N N 247 
MET HE3  H N N 248 
MET HXT  H N N 249 
PHE N    N N N 250 
PHE CA   C N S 251 
PHE C    C N N 252 
PHE O    O N N 253 
PHE CB   C N N 254 
PHE CG   C Y N 255 
PHE CD1  C Y N 256 
PHE CD2  C Y N 257 
PHE CE1  C Y N 258 
PHE CE2  C Y N 259 
PHE CZ   C Y N 260 
PHE OXT  O N N 261 
PHE H    H N N 262 
PHE H2   H N N 263 
PHE HA   H N N 264 
PHE HB2  H N N 265 
PHE HB3  H N N 266 
PHE HD1  H N N 267 
PHE HD2  H N N 268 
PHE HE1  H N N 269 
PHE HE2  H N N 270 
PHE HZ   H N N 271 
PHE HXT  H N N 272 
PRO N    N N N 273 
PRO CA   C N S 274 
PRO C    C N N 275 
PRO O    O N N 276 
PRO CB   C N N 277 
PRO CG   C N N 278 
PRO CD   C N N 279 
PRO OXT  O N N 280 
PRO H    H N N 281 
PRO HA   H N N 282 
PRO HB2  H N N 283 
PRO HB3  H N N 284 
PRO HG2  H N N 285 
PRO HG3  H N N 286 
PRO HD2  H N N 287 
PRO HD3  H N N 288 
PRO HXT  H N N 289 
SER N    N N N 290 
SER CA   C N S 291 
SER C    C N N 292 
SER O    O N N 293 
SER CB   C N N 294 
SER OG   O N N 295 
SER OXT  O N N 296 
SER H    H N N 297 
SER H2   H N N 298 
SER HA   H N N 299 
SER HB2  H N N 300 
SER HB3  H N N 301 
SER HG   H N N 302 
SER HXT  H N N 303 
THR N    N N N 304 
THR CA   C N S 305 
THR C    C N N 306 
THR O    O N N 307 
THR CB   C N R 308 
THR OG1  O N N 309 
THR CG2  C N N 310 
THR OXT  O N N 311 
THR H    H N N 312 
THR H2   H N N 313 
THR HA   H N N 314 
THR HB   H N N 315 
THR HG1  H N N 316 
THR HG21 H N N 317 
THR HG22 H N N 318 
THR HG23 H N N 319 
THR HXT  H N N 320 
TRP N    N N N 321 
TRP CA   C N S 322 
TRP C    C N N 323 
TRP O    O N N 324 
TRP CB   C N N 325 
TRP CG   C Y N 326 
TRP CD1  C Y N 327 
TRP CD2  C Y N 328 
TRP NE1  N Y N 329 
TRP CE2  C Y N 330 
TRP CE3  C Y N 331 
TRP CZ2  C Y N 332 
TRP CZ3  C Y N 333 
TRP CH2  C Y N 334 
TRP OXT  O N N 335 
TRP H    H N N 336 
TRP H2   H N N 337 
TRP HA   H N N 338 
TRP HB2  H N N 339 
TRP HB3  H N N 340 
TRP HD1  H N N 341 
TRP HE1  H N N 342 
TRP HE3  H N N 343 
TRP HZ2  H N N 344 
TRP HZ3  H N N 345 
TRP HH2  H N N 346 
TRP HXT  H N N 347 
TYR N    N N N 348 
TYR CA   C N S 349 
TYR C    C N N 350 
TYR O    O N N 351 
TYR CB   C N N 352 
TYR CG   C Y N 353 
TYR CD1  C Y N 354 
TYR CD2  C Y N 355 
TYR CE1  C Y N 356 
TYR CE2  C Y N 357 
TYR CZ   C Y N 358 
TYR OH   O N N 359 
TYR OXT  O N N 360 
TYR H    H N N 361 
TYR H2   H N N 362 
TYR HA   H N N 363 
TYR HB2  H N N 364 
TYR HB3  H N N 365 
TYR HD1  H N N 366 
TYR HD2  H N N 367 
TYR HE1  H N N 368 
TYR HE2  H N N 369 
TYR HH   H N N 370 
TYR HXT  H N N 371 
VAL N    N N N 372 
VAL CA   C N S 373 
VAL C    C N N 374 
VAL O    O N N 375 
VAL CB   C N N 376 
VAL CG1  C N N 377 
VAL CG2  C N N 378 
VAL OXT  O N N 379 
VAL H    H N N 380 
VAL H2   H N N 381 
VAL HA   H N N 382 
VAL HB   H N N 383 
VAL HG11 H N N 384 
VAL HG12 H N N 385 
VAL HG13 H N N 386 
VAL HG21 H N N 387 
VAL HG22 H N N 388 
VAL HG23 H N N 389 
VAL HXT  H N N 390 
# 
loop_
_chem_comp_bond.comp_id 
_chem_comp_bond.atom_id_1 
_chem_comp_bond.atom_id_2 
_chem_comp_bond.value_order 
_chem_comp_bond.pdbx_aromatic_flag 
_chem_comp_bond.pdbx_stereo_config 
_chem_comp_bond.pdbx_ordinal 
ALA N   CA   sing N N 1   
ALA N   H    sing N N 2   
ALA N   H2   sing N N 3   
ALA CA  C    sing N N 4   
ALA CA  CB   sing N N 5   
ALA CA  HA   sing N N 6   
ALA C   O    doub N N 7   
ALA C   OXT  sing N N 8   
ALA CB  HB1  sing N N 9   
ALA CB  HB2  sing N N 10  
ALA CB  HB3  sing N N 11  
ALA OXT HXT  sing N N 12  
ARG N   CA   sing N N 13  
ARG N   H    sing N N 14  
ARG N   H2   sing N N 15  
ARG CA  C    sing N N 16  
ARG CA  CB   sing N N 17  
ARG CA  HA   sing N N 18  
ARG C   O    doub N N 19  
ARG C   OXT  sing N N 20  
ARG CB  CG   sing N N 21  
ARG CB  HB2  sing N N 22  
ARG CB  HB3  sing N N 23  
ARG CG  CD   sing N N 24  
ARG CG  HG2  sing N N 25  
ARG CG  HG3  sing N N 26  
ARG CD  NE   sing N N 27  
ARG CD  HD2  sing N N 28  
ARG CD  HD3  sing N N 29  
ARG NE  CZ   sing N N 30  
ARG NE  HE   sing N N 31  
ARG CZ  NH1  sing N N 32  
ARG CZ  NH2  doub N N 33  
ARG NH1 HH11 sing N N 34  
ARG NH1 HH12 sing N N 35  
ARG NH2 HH21 sing N N 36  
ARG NH2 HH22 sing N N 37  
ARG OXT HXT  sing N N 38  
ASN N   CA   sing N N 39  
ASN N   H    sing N N 40  
ASN N   H2   sing N N 41  
ASN CA  C    sing N N 42  
ASN CA  CB   sing N N 43  
ASN CA  HA   sing N N 44  
ASN C   O    doub N N 45  
ASN C   OXT  sing N N 46  
ASN CB  CG   sing N N 47  
ASN CB  HB2  sing N N 48  
ASN CB  HB3  sing N N 49  
ASN CG  OD1  doub N N 50  
ASN CG  ND2  sing N N 51  
ASN ND2 HD21 sing N N 52  
ASN ND2 HD22 sing N N 53  
ASN OXT HXT  sing N N 54  
ASP N   CA   sing N N 55  
ASP N   H    sing N N 56  
ASP N   H2   sing N N 57  
ASP CA  C    sing N N 58  
ASP CA  CB   sing N N 59  
ASP CA  HA   sing N N 60  
ASP C   O    doub N N 61  
ASP C   OXT  sing N N 62  
ASP CB  CG   sing N N 63  
ASP CB  HB2  sing N N 64  
ASP CB  HB3  sing N N 65  
ASP CG  OD1  doub N N 66  
ASP CG  OD2  sing N N 67  
ASP OD2 HD2  sing N N 68  
ASP OXT HXT  sing N N 69  
CYS N   CA   sing N N 70  
CYS N   H    sing N N 71  
CYS N   H2   sing N N 72  
CYS CA  C    sing N N 73  
CYS CA  CB   sing N N 74  
CYS CA  HA   sing N N 75  
CYS C   O    doub N N 76  
CYS C   OXT  sing N N 77  
CYS CB  SG   sing N N 78  
CYS CB  HB2  sing N N 79  
CYS CB  HB3  sing N N 80  
CYS SG  HG   sing N N 81  
CYS OXT HXT  sing N N 82  
GLN N   CA   sing N N 83  
GLN N   H    sing N N 84  
GLN N   H2   sing N N 85  
GLN CA  C    sing N N 86  
GLN CA  CB   sing N N 87  
GLN CA  HA   sing N N 88  
GLN C   O    doub N N 89  
GLN C   OXT  sing N N 90  
GLN CB  CG   sing N N 91  
GLN CB  HB2  sing N N 92  
GLN CB  HB3  sing N N 93  
GLN CG  CD   sing N N 94  
GLN CG  HG2  sing N N 95  
GLN CG  HG3  sing N N 96  
GLN CD  OE1  doub N N 97  
GLN CD  NE2  sing N N 98  
GLN NE2 HE21 sing N N 99  
GLN NE2 HE22 sing N N 100 
GLN OXT HXT  sing N N 101 
GLU N   CA   sing N N 102 
GLU N   H    sing N N 103 
GLU N   H2   sing N N 104 
GLU CA  C    sing N N 105 
GLU CA  CB   sing N N 106 
GLU CA  HA   sing N N 107 
GLU C   O    doub N N 108 
GLU C   OXT  sing N N 109 
GLU CB  CG   sing N N 110 
GLU CB  HB2  sing N N 111 
GLU CB  HB3  sing N N 112 
GLU CG  CD   sing N N 113 
GLU CG  HG2  sing N N 114 
GLU CG  HG3  sing N N 115 
GLU CD  OE1  doub N N 116 
GLU CD  OE2  sing N N 117 
GLU OE2 HE2  sing N N 118 
GLU OXT HXT  sing N N 119 
GLY N   CA   sing N N 120 
GLY N   H    sing N N 121 
GLY N   H2   sing N N 122 
GLY CA  C    sing N N 123 
GLY CA  HA2  sing N N 124 
GLY CA  HA3  sing N N 125 
GLY C   O    doub N N 126 
GLY C   OXT  sing N N 127 
GLY OXT HXT  sing N N 128 
HIS N   CA   sing N N 129 
HIS N   H    sing N N 130 
HIS N   H2   sing N N 131 
HIS CA  C    sing N N 132 
HIS CA  CB   sing N N 133 
HIS CA  HA   sing N N 134 
HIS C   O    doub N N 135 
HIS C   OXT  sing N N 136 
HIS CB  CG   sing N N 137 
HIS CB  HB2  sing N N 138 
HIS CB  HB3  sing N N 139 
HIS CG  ND1  sing Y N 140 
HIS CG  CD2  doub Y N 141 
HIS ND1 CE1  doub Y N 142 
HIS ND1 HD1  sing N N 143 
HIS CD2 NE2  sing Y N 144 
HIS CD2 HD2  sing N N 145 
HIS CE1 NE2  sing Y N 146 
HIS CE1 HE1  sing N N 147 
HIS NE2 HE2  sing N N 148 
HIS OXT HXT  sing N N 149 
HOH O   H1   sing N N 150 
HOH O   H2   sing N N 151 
ILE N   CA   sing N N 152 
ILE N   H    sing N N 153 
ILE N   H2   sing N N 154 
ILE CA  C    sing N N 155 
ILE CA  CB   sing N N 156 
ILE CA  HA   sing N N 157 
ILE C   O    doub N N 158 
ILE C   OXT  sing N N 159 
ILE CB  CG1  sing N N 160 
ILE CB  CG2  sing N N 161 
ILE CB  HB   sing N N 162 
ILE CG1 CD1  sing N N 163 
ILE CG1 HG12 sing N N 164 
ILE CG1 HG13 sing N N 165 
ILE CG2 HG21 sing N N 166 
ILE CG2 HG22 sing N N 167 
ILE CG2 HG23 sing N N 168 
ILE CD1 HD11 sing N N 169 
ILE CD1 HD12 sing N N 170 
ILE CD1 HD13 sing N N 171 
ILE OXT HXT  sing N N 172 
LEU N   CA   sing N N 173 
LEU N   H    sing N N 174 
LEU N   H2   sing N N 175 
LEU CA  C    sing N N 176 
LEU CA  CB   sing N N 177 
LEU CA  HA   sing N N 178 
LEU C   O    doub N N 179 
LEU C   OXT  sing N N 180 
LEU CB  CG   sing N N 181 
LEU CB  HB2  sing N N 182 
LEU CB  HB3  sing N N 183 
LEU CG  CD1  sing N N 184 
LEU CG  CD2  sing N N 185 
LEU CG  HG   sing N N 186 
LEU CD1 HD11 sing N N 187 
LEU CD1 HD12 sing N N 188 
LEU CD1 HD13 sing N N 189 
LEU CD2 HD21 sing N N 190 
LEU CD2 HD22 sing N N 191 
LEU CD2 HD23 sing N N 192 
LEU OXT HXT  sing N N 193 
LYS N   CA   sing N N 194 
LYS N   H    sing N N 195 
LYS N   H2   sing N N 196 
LYS CA  C    sing N N 197 
LYS CA  CB   sing N N 198 
LYS CA  HA   sing N N 199 
LYS C   O    doub N N 200 
LYS C   OXT  sing N N 201 
LYS CB  CG   sing N N 202 
LYS CB  HB2  sing N N 203 
LYS CB  HB3  sing N N 204 
LYS CG  CD   sing N N 205 
LYS CG  HG2  sing N N 206 
LYS CG  HG3  sing N N 207 
LYS CD  CE   sing N N 208 
LYS CD  HD2  sing N N 209 
LYS CD  HD3  sing N N 210 
LYS CE  NZ   sing N N 211 
LYS CE  HE2  sing N N 212 
LYS CE  HE3  sing N N 213 
LYS NZ  HZ1  sing N N 214 
LYS NZ  HZ2  sing N N 215 
LYS NZ  HZ3  sing N N 216 
LYS OXT HXT  sing N N 217 
MET N   CA   sing N N 218 
MET N   H    sing N N 219 
MET N   H2   sing N N 220 
MET CA  C    sing N N 221 
MET CA  CB   sing N N 222 
MET CA  HA   sing N N 223 
MET C   O    doub N N 224 
MET C   OXT  sing N N 225 
MET CB  CG   sing N N 226 
MET CB  HB2  sing N N 227 
MET CB  HB3  sing N N 228 
MET CG  SD   sing N N 229 
MET CG  HG2  sing N N 230 
MET CG  HG3  sing N N 231 
MET SD  CE   sing N N 232 
MET CE  HE1  sing N N 233 
MET CE  HE2  sing N N 234 
MET CE  HE3  sing N N 235 
MET OXT HXT  sing N N 236 
PHE N   CA   sing N N 237 
PHE N   H    sing N N 238 
PHE N   H2   sing N N 239 
PHE CA  C    sing N N 240 
PHE CA  CB   sing N N 241 
PHE CA  HA   sing N N 242 
PHE C   O    doub N N 243 
PHE C   OXT  sing N N 244 
PHE CB  CG   sing N N 245 
PHE CB  HB2  sing N N 246 
PHE CB  HB3  sing N N 247 
PHE CG  CD1  doub Y N 248 
PHE CG  CD2  sing Y N 249 
PHE CD1 CE1  sing Y N 250 
PHE CD1 HD1  sing N N 251 
PHE CD2 CE2  doub Y N 252 
PHE CD2 HD2  sing N N 253 
PHE CE1 CZ   doub Y N 254 
PHE CE1 HE1  sing N N 255 
PHE CE2 CZ   sing Y N 256 
PHE CE2 HE2  sing N N 257 
PHE CZ  HZ   sing N N 258 
PHE OXT HXT  sing N N 259 
PRO N   CA   sing N N 260 
PRO N   CD   sing N N 261 
PRO N   H    sing N N 262 
PRO CA  C    sing N N 263 
PRO CA  CB   sing N N 264 
PRO CA  HA   sing N N 265 
PRO C   O    doub N N 266 
PRO C   OXT  sing N N 267 
PRO CB  CG   sing N N 268 
PRO CB  HB2  sing N N 269 
PRO CB  HB3  sing N N 270 
PRO CG  CD   sing N N 271 
PRO CG  HG2  sing N N 272 
PRO CG  HG3  sing N N 273 
PRO CD  HD2  sing N N 274 
PRO CD  HD3  sing N N 275 
PRO OXT HXT  sing N N 276 
SER N   CA   sing N N 277 
SER N   H    sing N N 278 
SER N   H2   sing N N 279 
SER CA  C    sing N N 280 
SER CA  CB   sing N N 281 
SER CA  HA   sing N N 282 
SER C   O    doub N N 283 
SER C   OXT  sing N N 284 
SER CB  OG   sing N N 285 
SER CB  HB2  sing N N 286 
SER CB  HB3  sing N N 287 
SER OG  HG   sing N N 288 
SER OXT HXT  sing N N 289 
THR N   CA   sing N N 290 
THR N   H    sing N N 291 
THR N   H2   sing N N 292 
THR CA  C    sing N N 293 
THR CA  CB   sing N N 294 
THR CA  HA   sing N N 295 
THR C   O    doub N N 296 
THR C   OXT  sing N N 297 
THR CB  OG1  sing N N 298 
THR CB  CG2  sing N N 299 
THR CB  HB   sing N N 300 
THR OG1 HG1  sing N N 301 
THR CG2 HG21 sing N N 302 
THR CG2 HG22 sing N N 303 
THR CG2 HG23 sing N N 304 
THR OXT HXT  sing N N 305 
TRP N   CA   sing N N 306 
TRP N   H    sing N N 307 
TRP N   H2   sing N N 308 
TRP CA  C    sing N N 309 
TRP CA  CB   sing N N 310 
TRP CA  HA   sing N N 311 
TRP C   O    doub N N 312 
TRP C   OXT  sing N N 313 
TRP CB  CG   sing N N 314 
TRP CB  HB2  sing N N 315 
TRP CB  HB3  sing N N 316 
TRP CG  CD1  doub Y N 317 
TRP CG  CD2  sing Y N 318 
TRP CD1 NE1  sing Y N 319 
TRP CD1 HD1  sing N N 320 
TRP CD2 CE2  doub Y N 321 
TRP CD2 CE3  sing Y N 322 
TRP NE1 CE2  sing Y N 323 
TRP NE1 HE1  sing N N 324 
TRP CE2 CZ2  sing Y N 325 
TRP CE3 CZ3  doub Y N 326 
TRP CE3 HE3  sing N N 327 
TRP CZ2 CH2  doub Y N 328 
TRP CZ2 HZ2  sing N N 329 
TRP CZ3 CH2  sing Y N 330 
TRP CZ3 HZ3  sing N N 331 
TRP CH2 HH2  sing N N 332 
TRP OXT HXT  sing N N 333 
TYR N   CA   sing N N 334 
TYR N   H    sing N N 335 
TYR N   H2   sing N N 336 
TYR CA  C    sing N N 337 
TYR CA  CB   sing N N 338 
TYR CA  HA   sing N N 339 
TYR C   O    doub N N 340 
TYR C   OXT  sing N N 341 
TYR CB  CG   sing N N 342 
TYR CB  HB2  sing N N 343 
TYR CB  HB3  sing N N 344 
TYR CG  CD1  doub Y N 345 
TYR CG  CD2  sing Y N 346 
TYR CD1 CE1  sing Y N 347 
TYR CD1 HD1  sing N N 348 
TYR CD2 CE2  doub Y N 349 
TYR CD2 HD2  sing N N 350 
TYR CE1 CZ   doub Y N 351 
TYR CE1 HE1  sing N N 352 
TYR CE2 CZ   sing Y N 353 
TYR CE2 HE2  sing N N 354 
TYR CZ  OH   sing N N 355 
TYR OH  HH   sing N N 356 
TYR OXT HXT  sing N N 357 
VAL N   CA   sing N N 358 
VAL N   H    sing N N 359 
VAL N   H2   sing N N 360 
VAL CA  C    sing N N 361 
VAL CA  CB   sing N N 362 
VAL CA  HA   sing N N 363 
VAL C   O    doub N N 364 
VAL C   OXT  sing N N 365 
VAL CB  CG1  sing N N 366 
VAL CB  CG2  sing N N 367 
VAL CB  HB   sing N N 368 
VAL CG1 HG11 sing N N 369 
VAL CG1 HG12 sing N N 370 
VAL CG1 HG13 sing N N 371 
VAL CG2 HG21 sing N N 372 
VAL CG2 HG22 sing N N 373 
VAL CG2 HG23 sing N N 374 
VAL OXT HXT  sing N N 375 
# 
_pdbx_entity_nonpoly.entity_id   2 
_pdbx_entity_nonpoly.name        water 
_pdbx_entity_nonpoly.comp_id     HOH 
# 
_pdbx_initial_refinement_model.id               1 
_pdbx_initial_refinement_model.entity_id_list   ? 
_pdbx_initial_refinement_model.type             'experimental model' 
_pdbx_initial_refinement_model.source_name      PDB 
_pdbx_initial_refinement_model.accession_code   1PA7 
_pdbx_initial_refinement_model.details          ? 
# 
